data_2PDZ
#
_entry.id   2PDZ
#
_cell.length_a   1.000
_cell.length_b   1.000
_cell.length_c   1.000
_cell.angle_alpha   90.00
_cell.angle_beta   90.00
_cell.angle_gamma   90.00
#
_symmetry.space_group_name_H-M   'P 1'
#
loop_
_entity.id
_entity.type
_entity.pdbx_description
1 polymer SYNTROPHIN
2 polymer 'PEPTIDE GVKESLV'
#
loop_
_entity_poly.entity_id
_entity_poly.type
_entity_poly.pdbx_seq_one_letter_code
_entity_poly.pdbx_strand_id
1 'polypeptide(L)'
;RRRVTVRKADAGGLGISIKGGRENKMPILISKIFKGLAADQTEALFVGDAILSVNGEDLSSATHDEAVQALKKTGKEVVL
EVKYMK
;
A
2 'polypeptide(L)' KESLV B
#
# COMPACT_ATOMS: atom_id res chain seq x y z
N ARG A 1 3.72 7.53 -12.49
CA ARG A 1 2.71 6.80 -11.66
C ARG A 1 2.82 5.29 -11.89
N ARG A 2 2.05 4.52 -11.18
CA ARG A 2 2.12 3.04 -11.35
C ARG A 2 0.80 2.39 -10.93
N ARG A 3 0.63 1.13 -11.23
CA ARG A 3 -0.62 0.43 -10.85
C ARG A 3 -0.27 -1.00 -10.43
N VAL A 4 -0.60 -1.38 -9.23
CA VAL A 4 -0.25 -2.77 -8.78
C VAL A 4 -1.46 -3.44 -8.13
N THR A 5 -1.66 -4.71 -8.40
CA THR A 5 -2.80 -5.44 -7.80
C THR A 5 -2.29 -6.61 -6.96
N VAL A 6 -2.52 -6.58 -5.67
CA VAL A 6 -2.04 -7.69 -4.82
C VAL A 6 -3.19 -8.62 -4.43
N ARG A 7 -3.20 -9.82 -4.95
CA ARG A 7 -4.30 -10.76 -4.62
C ARG A 7 -4.16 -11.24 -3.16
N LYS A 8 -5.24 -11.18 -2.42
CA LYS A 8 -5.18 -11.62 -0.99
C LYS A 8 -4.80 -13.11 -0.91
N ALA A 9 -5.25 -13.78 0.11
CA ALA A 9 -4.91 -15.23 0.25
C ALA A 9 -3.39 -15.43 0.24
N ASP A 10 -2.95 -16.65 0.18
CA ASP A 10 -1.47 -16.93 0.15
C ASP A 10 -0.79 -16.35 1.39
N ALA A 11 -0.28 -17.20 2.26
CA ALA A 11 0.40 -16.73 3.50
C ALA A 11 -0.60 -16.06 4.45
N GLY A 12 -1.22 -14.99 4.04
CA GLY A 12 -2.20 -14.31 4.93
C GLY A 12 -1.82 -12.83 5.06
N GLY A 13 -0.80 -12.55 5.82
CA GLY A 13 -0.37 -11.13 6.00
C GLY A 13 -0.05 -10.53 4.63
N LEU A 14 -0.03 -9.23 4.53
CA LEU A 14 0.27 -8.59 3.22
C LEU A 14 1.76 -8.22 3.13
N GLY A 15 2.45 -8.20 4.23
CA GLY A 15 3.91 -7.85 4.20
C GLY A 15 4.05 -6.47 3.54
N ILE A 16 3.95 -5.42 4.31
CA ILE A 16 4.07 -4.06 3.70
C ILE A 16 4.01 -2.99 4.81
N SER A 17 5.05 -2.21 4.95
CA SER A 17 5.05 -1.15 5.99
C SER A 17 5.06 0.23 5.32
N ILE A 18 3.93 0.87 5.24
CA ILE A 18 3.87 2.20 4.58
C ILE A 18 4.41 3.30 5.51
N LYS A 19 4.95 4.34 4.94
CA LYS A 19 5.50 5.44 5.78
C LYS A 19 5.13 6.80 5.19
N GLY A 20 4.46 7.63 5.94
CA GLY A 20 4.06 8.96 5.41
C GLY A 20 2.88 9.49 6.23
N GLY A 21 2.06 10.33 5.66
CA GLY A 21 0.91 10.87 6.41
C GLY A 21 0.40 12.14 5.73
N ARG A 22 -0.89 12.26 5.56
CA ARG A 22 -1.45 13.48 4.91
C ARG A 22 -1.10 14.74 5.72
N GLU A 23 -0.67 14.58 6.95
CA GLU A 23 -0.30 15.78 7.76
C GLU A 23 1.13 16.24 7.43
N ASN A 24 1.74 15.65 6.44
CA ASN A 24 3.13 16.05 6.07
C ASN A 24 3.29 16.05 4.55
N LYS A 25 2.20 16.20 3.84
CA LYS A 25 2.27 16.22 2.35
C LYS A 25 2.99 14.97 1.85
N MET A 26 2.41 13.81 2.06
CA MET A 26 3.07 12.56 1.59
C MET A 26 2.01 11.53 1.16
N PRO A 27 2.03 11.17 -0.11
CA PRO A 27 1.05 10.18 -0.65
C PRO A 27 1.29 8.77 -0.08
N ILE A 28 1.35 8.61 1.22
CA ILE A 28 1.59 7.25 1.82
C ILE A 28 2.69 6.50 1.03
N LEU A 29 3.94 6.67 1.38
CA LEU A 29 5.03 6.00 0.61
C LEU A 29 5.54 4.74 1.32
N ILE A 30 5.53 3.64 0.63
CA ILE A 30 6.03 2.36 1.24
C ILE A 30 7.50 2.49 1.62
N SER A 31 7.87 2.03 2.78
CA SER A 31 9.30 2.14 3.21
C SER A 31 9.87 0.74 3.51
N LYS A 32 9.04 -0.26 3.59
CA LYS A 32 9.56 -1.62 3.88
C LYS A 32 8.66 -2.70 3.28
N ILE A 33 9.10 -3.33 2.22
CA ILE A 33 8.27 -4.40 1.59
C ILE A 33 8.70 -5.77 2.12
N PHE A 34 8.03 -6.25 3.13
CA PHE A 34 8.40 -7.57 3.71
C PHE A 34 8.41 -8.65 2.61
N LYS A 35 9.35 -9.55 2.67
CA LYS A 35 9.42 -10.62 1.62
C LYS A 35 8.53 -11.80 1.98
N GLY A 36 8.36 -12.72 1.07
CA GLY A 36 7.49 -13.90 1.36
C GLY A 36 6.07 -13.41 1.65
N LEU A 37 5.66 -12.33 1.05
CA LEU A 37 4.29 -11.81 1.30
C LEU A 37 3.64 -11.33 0.00
N ALA A 38 2.34 -11.19 0.00
CA ALA A 38 1.61 -10.74 -1.22
C ALA A 38 2.30 -9.54 -1.88
N ALA A 39 2.35 -8.42 -1.20
CA ALA A 39 2.99 -7.22 -1.80
C ALA A 39 4.36 -7.54 -2.40
N ASP A 40 5.24 -8.12 -1.63
CA ASP A 40 6.59 -8.44 -2.18
C ASP A 40 6.58 -9.66 -3.09
N GLN A 41 5.50 -10.40 -3.16
CA GLN A 41 5.48 -11.60 -4.04
C GLN A 41 4.60 -11.34 -5.28
N THR A 42 4.20 -10.12 -5.51
CA THR A 42 3.36 -9.82 -6.71
C THR A 42 4.17 -9.08 -7.77
N GLU A 43 5.48 -9.10 -7.65
CA GLU A 43 6.33 -8.39 -8.67
C GLU A 43 5.81 -6.98 -8.94
N ALA A 44 5.66 -6.17 -7.92
CA ALA A 44 5.16 -4.78 -8.13
C ALA A 44 5.16 -4.00 -6.82
N LEU A 45 4.63 -4.58 -5.77
CA LEU A 45 4.61 -3.86 -4.47
C LEU A 45 6.05 -3.71 -3.95
N PHE A 46 6.75 -2.73 -4.43
CA PHE A 46 8.16 -2.52 -4.00
C PHE A 46 8.27 -1.22 -3.20
N VAL A 47 9.18 -1.14 -2.27
CA VAL A 47 9.32 0.10 -1.44
C VAL A 47 9.40 1.32 -2.35
N GLY A 48 9.27 2.50 -1.80
CA GLY A 48 9.32 3.73 -2.64
C GLY A 48 8.04 3.80 -3.47
N ASP A 49 6.96 3.27 -2.95
CA ASP A 49 5.67 3.28 -3.71
C ASP A 49 4.64 4.16 -3.00
N ALA A 50 4.47 5.38 -3.46
CA ALA A 50 3.45 6.26 -2.82
C ALA A 50 2.05 5.88 -3.30
N ILE A 51 1.27 5.26 -2.46
CA ILE A 51 -0.09 4.84 -2.87
C ILE A 51 -1.05 6.03 -2.88
N LEU A 52 -1.84 6.15 -3.91
CA LEU A 52 -2.81 7.28 -3.98
C LEU A 52 -4.24 6.72 -4.10
N SER A 53 -4.41 5.42 -3.99
CA SER A 53 -5.76 4.83 -4.10
C SER A 53 -5.70 3.32 -3.83
N VAL A 54 -6.57 2.82 -2.99
CA VAL A 54 -6.56 1.36 -2.69
C VAL A 54 -7.94 0.76 -3.00
N ASN A 55 -8.03 -0.10 -3.98
CA ASN A 55 -9.34 -0.71 -4.34
C ASN A 55 -10.33 0.36 -4.77
N GLY A 56 -9.86 1.41 -5.40
CA GLY A 56 -10.78 2.49 -5.84
C GLY A 56 -10.96 3.51 -4.72
N GLU A 57 -10.06 3.55 -3.78
CA GLU A 57 -10.21 4.53 -2.66
C GLU A 57 -9.16 5.64 -2.78
N ASP A 58 -9.43 6.67 -3.55
CA ASP A 58 -8.44 7.78 -3.70
C ASP A 58 -7.85 8.19 -2.35
N LEU A 59 -6.68 7.69 -2.04
CA LEU A 59 -6.04 8.02 -0.73
C LEU A 59 -5.39 9.40 -0.79
N SER A 60 -5.31 10.00 -1.96
CA SER A 60 -4.68 11.34 -2.07
C SER A 60 -5.20 12.29 -0.98
N SER A 61 -6.45 12.17 -0.65
CA SER A 61 -7.02 13.06 0.42
C SER A 61 -7.25 12.25 1.69
N ALA A 62 -6.45 11.24 1.91
CA ALA A 62 -6.62 10.40 3.14
C ALA A 62 -5.34 10.45 3.98
N THR A 63 -5.46 10.24 5.26
CA THR A 63 -4.25 10.27 6.14
C THR A 63 -3.59 8.89 6.17
N HIS A 64 -2.43 8.79 6.76
CA HIS A 64 -1.73 7.47 6.81
C HIS A 64 -2.67 6.43 7.45
N ASP A 65 -3.59 6.86 8.25
CA ASP A 65 -4.53 5.90 8.89
C ASP A 65 -5.59 5.45 7.88
N GLU A 66 -6.04 6.35 7.06
CA GLU A 66 -7.07 5.98 6.04
C GLU A 66 -6.46 5.04 4.99
N ALA A 67 -5.17 5.10 4.79
CA ALA A 67 -4.52 4.21 3.79
C ALA A 67 -4.27 2.83 4.39
N VAL A 68 -3.89 2.76 5.63
CA VAL A 68 -3.63 1.43 6.26
C VAL A 68 -4.95 0.73 6.53
N GLN A 69 -6.00 1.49 6.72
CA GLN A 69 -7.33 0.86 6.98
C GLN A 69 -7.78 0.08 5.75
N ALA A 70 -7.54 0.60 4.58
CA ALA A 70 -7.94 -0.13 3.35
C ALA A 70 -7.06 -1.37 3.20
N LEU A 71 -5.77 -1.20 3.33
CA LEU A 71 -4.85 -2.36 3.22
C LEU A 71 -5.19 -3.39 4.30
N LYS A 72 -5.83 -2.97 5.35
CA LYS A 72 -6.21 -3.94 6.43
C LYS A 72 -7.46 -4.71 6.03
N LYS A 73 -8.44 -4.02 5.51
CA LYS A 73 -9.69 -4.71 5.08
C LYS A 73 -9.83 -4.63 3.56
N THR A 74 -8.87 -5.17 2.84
CA THR A 74 -8.95 -5.12 1.36
C THR A 74 -9.92 -6.18 0.84
N GLY A 75 -10.17 -6.19 -0.44
CA GLY A 75 -11.11 -7.20 -1.02
C GLY A 75 -10.31 -8.34 -1.65
N LYS A 76 -10.95 -9.21 -2.39
CA LYS A 76 -10.22 -10.34 -3.03
C LYS A 76 -8.95 -9.83 -3.75
N GLU A 77 -9.10 -8.84 -4.59
CA GLU A 77 -7.92 -8.29 -5.31
C GLU A 77 -7.57 -6.91 -4.75
N VAL A 78 -6.42 -6.76 -4.17
CA VAL A 78 -6.03 -5.44 -3.60
C VAL A 78 -5.48 -4.51 -4.69
N VAL A 79 -6.33 -3.93 -5.48
CA VAL A 79 -5.84 -3.00 -6.54
C VAL A 79 -5.27 -1.75 -5.86
N LEU A 80 -4.00 -1.54 -5.94
CA LEU A 80 -3.41 -0.37 -5.26
C LEU A 80 -2.71 0.58 -6.25
N GLU A 81 -3.22 1.78 -6.38
CA GLU A 81 -2.56 2.76 -7.30
C GLU A 81 -1.28 3.24 -6.62
N VAL A 82 -0.17 3.19 -7.29
CA VAL A 82 1.11 3.60 -6.64
C VAL A 82 1.87 4.64 -7.47
N LYS A 83 2.61 5.48 -6.79
CA LYS A 83 3.42 6.51 -7.47
C LYS A 83 4.89 6.19 -7.18
N TYR A 84 5.48 5.33 -7.96
CA TYR A 84 6.90 4.93 -7.71
C TYR A 84 7.80 6.16 -7.58
N MET A 85 8.59 6.21 -6.56
CA MET A 85 9.52 7.37 -6.37
C MET A 85 10.97 6.88 -6.47
N LYS A 86 11.29 6.18 -7.52
CA LYS A 86 12.67 5.67 -7.68
C LYS A 86 13.62 6.81 -8.05
N LYS B 1 4.67 8.12 10.45
CA LYS B 1 3.85 6.92 10.80
C LYS B 1 4.31 5.71 9.99
N GLU B 2 4.77 4.68 10.65
CA GLU B 2 5.23 3.47 9.91
C GLU B 2 4.42 2.24 10.35
N SER B 3 3.38 1.92 9.63
CA SER B 3 2.55 0.74 10.02
C SER B 3 3.05 -0.52 9.30
N LEU B 4 2.30 -1.59 9.37
CA LEU B 4 2.74 -2.84 8.70
C LEU B 4 1.52 -3.74 8.43
N VAL B 5 0.95 -3.66 7.26
CA VAL B 5 -0.23 -4.52 6.95
C VAL B 5 0.23 -5.86 6.39
N ARG A 1 3.69 7.36 -12.87
CA ARG A 1 2.78 6.62 -11.95
C ARG A 1 3.02 5.12 -12.06
N ARG A 2 2.32 4.35 -11.27
CA ARG A 2 2.50 2.87 -11.31
C ARG A 2 1.26 2.18 -10.72
N ARG A 3 0.92 1.03 -11.23
CA ARG A 3 -0.28 0.32 -10.70
C ARG A 3 0.09 -1.09 -10.24
N VAL A 4 -0.27 -1.46 -9.04
CA VAL A 4 0.08 -2.81 -8.53
C VAL A 4 -1.17 -3.51 -7.99
N THR A 5 -1.44 -4.71 -8.45
CA THR A 5 -2.63 -5.44 -7.96
C THR A 5 -2.19 -6.69 -7.19
N VAL A 6 -2.74 -6.92 -6.03
CA VAL A 6 -2.34 -8.13 -5.25
C VAL A 6 -3.56 -8.99 -4.94
N ARG A 7 -3.65 -10.14 -5.57
CA ARG A 7 -4.81 -11.03 -5.31
C ARG A 7 -4.69 -11.65 -3.92
N LYS A 8 -5.02 -10.89 -2.90
CA LYS A 8 -4.92 -11.42 -1.51
C LYS A 8 -5.56 -12.81 -1.41
N ALA A 9 -5.16 -13.59 -0.44
CA ALA A 9 -5.75 -14.96 -0.29
C ALA A 9 -6.87 -14.93 0.76
N ASP A 10 -7.32 -16.08 1.18
CA ASP A 10 -8.41 -16.13 2.19
C ASP A 10 -7.92 -15.56 3.52
N ALA A 11 -6.73 -15.92 3.93
CA ALA A 11 -6.19 -15.39 5.22
C ALA A 11 -4.69 -15.66 5.32
N GLY A 12 -3.90 -14.63 5.47
CA GLY A 12 -2.43 -14.82 5.57
C GLY A 12 -1.77 -13.51 6.00
N GLY A 13 -1.62 -12.58 5.07
CA GLY A 13 -0.98 -11.28 5.42
C GLY A 13 -0.55 -10.57 4.15
N LEU A 14 -0.24 -9.29 4.24
CA LEU A 14 0.19 -8.54 3.02
C LEU A 14 1.68 -8.20 3.11
N GLY A 15 2.23 -8.16 4.29
CA GLY A 15 3.67 -7.82 4.43
C GLY A 15 3.93 -6.47 3.76
N ILE A 16 3.82 -5.40 4.49
CA ILE A 16 4.02 -4.05 3.88
C ILE A 16 3.94 -2.96 4.95
N SER A 17 4.98 -2.19 5.13
CA SER A 17 4.93 -1.10 6.14
C SER A 17 4.98 0.26 5.43
N ILE A 18 3.87 0.94 5.38
CA ILE A 18 3.83 2.26 4.68
C ILE A 18 4.35 3.38 5.57
N LYS A 19 4.81 4.46 4.98
CA LYS A 19 5.32 5.61 5.78
C LYS A 19 4.80 6.92 5.20
N GLY A 20 4.75 7.96 5.99
CA GLY A 20 4.26 9.26 5.47
C GLY A 20 3.07 9.74 6.32
N GLY A 21 2.24 10.57 5.78
CA GLY A 21 1.07 11.06 6.55
C GLY A 21 0.52 12.33 5.90
N ARG A 22 -0.78 12.42 5.74
CA ARG A 22 -1.37 13.62 5.10
C ARG A 22 -1.06 14.88 5.92
N GLU A 23 -0.62 14.73 7.15
CA GLU A 23 -0.29 15.92 7.97
C GLU A 23 1.12 16.43 7.63
N ASN A 24 1.76 15.86 6.64
CA ASN A 24 3.12 16.31 6.26
C ASN A 24 3.27 16.29 4.74
N LYS A 25 2.17 16.42 4.04
CA LYS A 25 2.24 16.40 2.55
C LYS A 25 2.95 15.13 2.07
N MET A 26 2.21 14.08 1.85
CA MET A 26 2.86 12.81 1.39
C MET A 26 1.79 11.79 0.96
N PRO A 27 1.91 11.27 -0.24
CA PRO A 27 0.94 10.27 -0.76
C PRO A 27 1.16 8.88 -0.13
N ILE A 28 1.34 8.79 1.17
CA ILE A 28 1.55 7.45 1.80
C ILE A 28 2.61 6.66 1.01
N LEU A 29 3.87 6.77 1.35
CA LEU A 29 4.92 6.07 0.57
C LEU A 29 5.44 4.81 1.29
N ILE A 30 5.38 3.68 0.63
CA ILE A 30 5.87 2.42 1.27
C ILE A 30 7.34 2.57 1.65
N SER A 31 7.73 2.07 2.79
CA SER A 31 9.15 2.20 3.20
C SER A 31 9.77 0.82 3.51
N LYS A 32 8.95 -0.20 3.58
CA LYS A 32 9.51 -1.56 3.88
C LYS A 32 8.60 -2.66 3.33
N ILE A 33 8.95 -3.21 2.21
CA ILE A 33 8.12 -4.30 1.62
C ILE A 33 8.54 -5.65 2.23
N PHE A 34 7.80 -6.13 3.17
CA PHE A 34 8.16 -7.43 3.81
C PHE A 34 8.20 -8.54 2.76
N LYS A 35 9.21 -9.37 2.79
CA LYS A 35 9.30 -10.46 1.78
C LYS A 35 8.45 -11.66 2.18
N GLY A 36 8.28 -12.60 1.29
CA GLY A 36 7.46 -13.80 1.61
C GLY A 36 6.02 -13.36 1.87
N LEU A 37 5.58 -12.30 1.25
CA LEU A 37 4.18 -11.83 1.47
C LEU A 37 3.52 -11.41 0.15
N ALA A 38 2.22 -11.32 0.15
CA ALA A 38 1.48 -10.94 -1.08
C ALA A 38 2.11 -9.71 -1.76
N ALA A 39 2.02 -8.56 -1.15
CA ALA A 39 2.58 -7.33 -1.76
C ALA A 39 3.99 -7.57 -2.33
N ASP A 40 4.80 -8.33 -1.64
CA ASP A 40 6.17 -8.58 -2.16
C ASP A 40 6.21 -9.88 -2.98
N GLN A 41 5.08 -10.44 -3.30
CA GLN A 41 5.07 -11.69 -4.11
C GLN A 41 4.40 -11.45 -5.49
N THR A 42 4.02 -10.23 -5.79
CA THR A 42 3.38 -9.95 -7.10
C THR A 42 4.32 -9.18 -8.03
N GLU A 43 5.59 -9.13 -7.71
CA GLU A 43 6.56 -8.40 -8.59
C GLU A 43 6.02 -7.00 -8.94
N ALA A 44 5.80 -6.17 -7.96
CA ALA A 44 5.28 -4.80 -8.25
C ALA A 44 5.21 -3.98 -6.95
N LEU A 45 4.62 -4.51 -5.92
CA LEU A 45 4.55 -3.73 -4.64
C LEU A 45 5.96 -3.67 -4.05
N PHE A 46 6.72 -2.69 -4.45
CA PHE A 46 8.12 -2.55 -3.94
C PHE A 46 8.25 -1.24 -3.15
N VAL A 47 9.17 -1.17 -2.21
CA VAL A 47 9.33 0.09 -1.42
C VAL A 47 9.39 1.30 -2.35
N GLY A 48 9.24 2.49 -1.82
CA GLY A 48 9.28 3.70 -2.69
C GLY A 48 8.00 3.74 -3.53
N ASP A 49 6.92 3.24 -3.00
CA ASP A 49 5.63 3.24 -3.76
C ASP A 49 4.58 4.10 -3.07
N ALA A 50 4.39 5.30 -3.54
CA ALA A 50 3.36 6.19 -2.90
C ALA A 50 1.96 5.80 -3.41
N ILE A 51 1.17 5.21 -2.55
CA ILE A 51 -0.20 4.78 -2.96
C ILE A 51 -1.14 5.99 -3.07
N LEU A 52 -1.99 6.02 -4.06
CA LEU A 52 -2.93 7.17 -4.21
C LEU A 52 -4.38 6.68 -4.29
N SER A 53 -4.62 5.40 -4.13
CA SER A 53 -6.02 4.87 -4.19
C SER A 53 -6.00 3.34 -4.05
N VAL A 54 -6.36 2.84 -2.89
CA VAL A 54 -6.36 1.36 -2.70
C VAL A 54 -7.74 0.78 -3.03
N ASN A 55 -7.80 -0.13 -3.97
CA ASN A 55 -9.11 -0.75 -4.35
C ASN A 55 -10.11 0.30 -4.82
N GLY A 56 -9.64 1.33 -5.47
CA GLY A 56 -10.56 2.39 -5.97
C GLY A 56 -10.89 3.39 -4.85
N GLU A 57 -10.09 3.45 -3.83
CA GLU A 57 -10.36 4.41 -2.72
C GLU A 57 -9.33 5.53 -2.73
N ASP A 58 -9.61 6.62 -3.42
CA ASP A 58 -8.64 7.76 -3.50
C ASP A 58 -7.98 8.03 -2.14
N LEU A 59 -6.77 7.58 -1.96
CA LEU A 59 -6.06 7.81 -0.67
C LEU A 59 -5.27 9.11 -0.72
N SER A 60 -5.53 9.94 -1.70
CA SER A 60 -4.78 11.23 -1.80
C SER A 60 -5.17 12.17 -0.65
N SER A 61 -6.45 12.37 -0.41
CA SER A 61 -6.87 13.28 0.68
C SER A 61 -7.03 12.50 1.99
N ALA A 62 -6.46 11.33 2.08
CA ALA A 62 -6.59 10.53 3.34
C ALA A 62 -5.29 10.59 4.13
N THR A 63 -5.36 10.32 5.41
CA THR A 63 -4.12 10.36 6.25
C THR A 63 -3.45 8.98 6.27
N HIS A 64 -2.32 8.87 6.91
CA HIS A 64 -1.64 7.54 6.96
C HIS A 64 -2.57 6.50 7.61
N ASP A 65 -3.48 6.94 8.44
CA ASP A 65 -4.41 5.98 9.10
C ASP A 65 -5.47 5.53 8.08
N GLU A 66 -5.82 6.37 7.16
CA GLU A 66 -6.83 5.99 6.14
C GLU A 66 -6.22 5.05 5.11
N ALA A 67 -4.93 5.13 4.90
CA ALA A 67 -4.26 4.23 3.91
C ALA A 67 -4.02 2.85 4.52
N VAL A 68 -3.69 2.78 5.77
CA VAL A 68 -3.45 1.45 6.41
C VAL A 68 -4.78 0.76 6.66
N GLN A 69 -5.81 1.51 6.94
CA GLN A 69 -7.14 0.88 7.19
C GLN A 69 -7.61 0.13 5.95
N ALA A 70 -7.35 0.66 4.79
CA ALA A 70 -7.77 -0.05 3.56
C ALA A 70 -6.89 -1.29 3.38
N LEU A 71 -5.59 -1.10 3.45
CA LEU A 71 -4.66 -2.25 3.30
C LEU A 71 -4.96 -3.31 4.36
N LYS A 72 -5.56 -2.92 5.47
CA LYS A 72 -5.87 -3.92 6.53
C LYS A 72 -7.16 -4.68 6.17
N LYS A 73 -8.10 -4.02 5.57
CA LYS A 73 -9.37 -4.71 5.19
C LYS A 73 -9.56 -4.63 3.67
N THR A 74 -8.62 -5.13 2.91
CA THR A 74 -8.76 -5.08 1.43
C THR A 74 -9.67 -6.22 0.95
N GLY A 75 -9.74 -6.43 -0.34
CA GLY A 75 -10.61 -7.52 -0.87
C GLY A 75 -9.75 -8.51 -1.66
N LYS A 76 -10.35 -9.50 -2.29
CA LYS A 76 -9.57 -10.49 -3.07
C LYS A 76 -8.58 -9.77 -4.00
N GLU A 77 -9.08 -8.96 -4.89
CA GLU A 77 -8.18 -8.22 -5.82
C GLU A 77 -7.76 -6.90 -5.18
N VAL A 78 -6.61 -6.87 -4.55
CA VAL A 78 -6.16 -5.61 -3.89
C VAL A 78 -5.56 -4.65 -4.93
N VAL A 79 -6.38 -3.97 -5.67
CA VAL A 79 -5.82 -3.01 -6.68
C VAL A 79 -5.18 -1.85 -5.93
N LEU A 80 -3.90 -1.66 -6.07
CA LEU A 80 -3.24 -0.55 -5.32
C LEU A 80 -2.55 0.43 -6.27
N GLU A 81 -3.17 1.54 -6.53
CA GLU A 81 -2.52 2.57 -7.41
C GLU A 81 -1.25 3.06 -6.71
N VAL A 82 -0.14 3.05 -7.38
CA VAL A 82 1.11 3.48 -6.70
C VAL A 82 1.90 4.49 -7.54
N LYS A 83 2.52 5.43 -6.89
CA LYS A 83 3.36 6.42 -7.61
C LYS A 83 4.83 6.08 -7.32
N TYR A 84 5.41 5.21 -8.11
CA TYR A 84 6.81 4.79 -7.86
C TYR A 84 7.75 6.00 -7.79
N MET A 85 8.27 6.30 -6.63
CA MET A 85 9.22 7.45 -6.52
C MET A 85 10.64 6.95 -6.77
N LYS A 86 10.86 6.30 -7.88
CA LYS A 86 12.22 5.78 -8.20
C LYS A 86 13.05 6.88 -8.87
N LYS B 1 4.68 8.13 10.49
CA LYS B 1 3.95 6.91 10.93
C LYS B 1 4.36 5.72 10.06
N GLU B 2 4.80 4.65 10.67
CA GLU B 2 5.21 3.45 9.88
C GLU B 2 4.37 2.24 10.29
N SER B 3 3.26 2.02 9.63
CA SER B 3 2.39 0.85 9.97
C SER B 3 2.96 -0.43 9.36
N LEU B 4 2.15 -1.45 9.27
CA LEU B 4 2.63 -2.73 8.68
C LEU B 4 1.46 -3.70 8.47
N VAL B 5 0.96 -3.79 7.26
CA VAL B 5 -0.18 -4.70 7.00
C VAL B 5 0.30 -5.96 6.25
N ARG A 1 4.10 7.37 -12.49
CA ARG A 1 2.99 6.68 -11.76
C ARG A 1 3.10 5.16 -11.95
N ARG A 2 2.29 4.42 -11.26
CA ARG A 2 2.35 2.93 -11.39
C ARG A 2 1.01 2.29 -10.99
N ARG A 3 0.84 1.03 -11.28
CA ARG A 3 -0.41 0.33 -10.91
C ARG A 3 -0.08 -1.07 -10.39
N VAL A 4 -0.41 -1.36 -9.17
CA VAL A 4 -0.08 -2.70 -8.62
C VAL A 4 -1.33 -3.36 -8.04
N THR A 5 -1.63 -4.56 -8.47
CA THR A 5 -2.83 -5.27 -7.93
C THR A 5 -2.38 -6.55 -7.23
N VAL A 6 -2.56 -6.63 -5.94
CA VAL A 6 -2.14 -7.86 -5.21
C VAL A 6 -3.37 -8.72 -4.90
N ARG A 7 -3.48 -9.85 -5.53
CA ARG A 7 -4.64 -10.74 -5.28
C ARG A 7 -4.52 -11.38 -3.89
N LYS A 8 -5.51 -11.20 -3.05
CA LYS A 8 -5.45 -11.80 -1.69
C LYS A 8 -5.52 -13.33 -1.79
N ALA A 9 -6.68 -13.85 -2.13
CA ALA A 9 -6.84 -15.34 -2.24
C ALA A 9 -6.66 -15.99 -0.87
N ASP A 10 -5.46 -16.03 -0.36
CA ASP A 10 -5.23 -16.65 0.98
C ASP A 10 -3.88 -16.20 1.53
N ALA A 11 -3.89 -15.51 2.64
CA ALA A 11 -2.60 -15.04 3.24
C ALA A 11 -2.86 -14.36 4.59
N GLY A 12 -2.21 -14.81 5.62
CA GLY A 12 -2.42 -14.20 6.97
C GLY A 12 -2.29 -12.68 6.88
N GLY A 13 -1.13 -12.18 6.55
CA GLY A 13 -0.95 -10.70 6.45
C GLY A 13 -0.64 -10.32 5.00
N LEU A 14 -0.23 -9.10 4.78
CA LEU A 14 0.08 -8.66 3.38
C LEU A 14 1.59 -8.38 3.24
N GLY A 15 2.28 -8.21 4.35
CA GLY A 15 3.74 -7.93 4.26
C GLY A 15 3.93 -6.58 3.55
N ILE A 16 3.79 -5.51 4.28
CA ILE A 16 3.94 -4.16 3.64
C ILE A 16 3.82 -3.06 4.70
N SER A 17 4.86 -2.29 4.88
CA SER A 17 4.79 -1.18 5.88
C SER A 17 4.82 0.17 5.17
N ILE A 18 3.80 0.96 5.34
CA ILE A 18 3.77 2.28 4.65
C ILE A 18 4.27 3.40 5.57
N LYS A 19 4.87 4.40 5.02
CA LYS A 19 5.39 5.52 5.86
C LYS A 19 4.96 6.87 5.26
N GLY A 20 4.48 7.77 6.06
CA GLY A 20 4.06 9.09 5.52
C GLY A 20 2.80 9.57 6.24
N GLY A 21 2.07 10.47 5.65
CA GLY A 21 0.83 10.98 6.29
C GLY A 21 0.35 12.22 5.54
N ARG A 22 -0.93 12.31 5.30
CA ARG A 22 -1.46 13.50 4.56
C ARG A 22 -1.14 14.79 5.31
N GLU A 23 -0.77 14.70 6.56
CA GLU A 23 -0.44 15.95 7.33
C GLU A 23 0.92 16.48 6.90
N ASN A 24 1.68 15.71 6.16
CA ASN A 24 3.02 16.18 5.71
C ASN A 24 3.10 16.17 4.17
N LYS A 25 1.98 16.32 3.51
CA LYS A 25 1.99 16.31 2.02
C LYS A 25 2.71 15.06 1.50
N MET A 26 2.34 13.91 2.00
CA MET A 26 3.00 12.65 1.55
C MET A 26 1.96 11.64 1.05
N PRO A 27 2.09 11.22 -0.18
CA PRO A 27 1.14 10.23 -0.77
C PRO A 27 1.35 8.82 -0.18
N ILE A 28 1.39 8.67 1.12
CA ILE A 28 1.58 7.32 1.73
C ILE A 28 2.68 6.53 0.98
N LEU A 29 3.92 6.68 1.37
CA LEU A 29 5.02 5.95 0.65
C LEU A 29 5.40 4.66 1.36
N ILE A 30 5.51 3.58 0.63
CA ILE A 30 5.92 2.30 1.27
C ILE A 30 7.40 2.40 1.67
N SER A 31 7.75 1.91 2.83
CA SER A 31 9.17 2.01 3.27
C SER A 31 9.77 0.62 3.50
N LYS A 32 8.95 -0.36 3.78
CA LYS A 32 9.50 -1.72 4.02
C LYS A 32 8.59 -2.78 3.40
N ILE A 33 9.03 -3.39 2.34
CA ILE A 33 8.21 -4.44 1.69
C ILE A 33 8.63 -5.82 2.23
N PHE A 34 7.90 -6.32 3.18
CA PHE A 34 8.23 -7.65 3.77
C PHE A 34 8.26 -8.73 2.67
N LYS A 35 9.31 -9.51 2.64
CA LYS A 35 9.42 -10.57 1.60
C LYS A 35 8.53 -11.77 1.94
N GLY A 36 8.41 -12.70 1.02
CA GLY A 36 7.55 -13.89 1.29
C GLY A 36 6.13 -13.43 1.59
N LEU A 37 5.71 -12.33 1.02
CA LEU A 37 4.33 -11.84 1.30
C LEU A 37 3.67 -11.32 0.01
N ALA A 38 2.37 -11.20 0.02
CA ALA A 38 1.63 -10.72 -1.18
C ALA A 38 2.26 -9.46 -1.78
N ALA A 39 2.21 -8.38 -1.06
CA ALA A 39 2.77 -7.09 -1.57
C ALA A 39 4.19 -7.27 -2.15
N ASP A 40 4.97 -8.16 -1.61
CA ASP A 40 6.36 -8.33 -2.16
C ASP A 40 6.42 -9.47 -3.18
N GLN A 41 5.47 -10.37 -3.17
CA GLN A 41 5.52 -11.49 -4.16
C GLN A 41 4.69 -11.14 -5.41
N THR A 42 4.35 -9.90 -5.59
CA THR A 42 3.56 -9.52 -6.80
C THR A 42 4.42 -8.75 -7.80
N GLU A 43 5.72 -8.77 -7.63
CA GLU A 43 6.63 -8.04 -8.59
C GLU A 43 6.10 -6.63 -8.90
N ALA A 44 5.71 -5.89 -7.90
CA ALA A 44 5.18 -4.52 -8.15
C ALA A 44 5.11 -3.72 -6.85
N LEU A 45 4.50 -4.24 -5.83
CA LEU A 45 4.45 -3.49 -4.55
C LEU A 45 5.85 -3.47 -3.93
N PHE A 46 6.66 -2.56 -4.38
CA PHE A 46 8.07 -2.44 -3.87
C PHE A 46 8.20 -1.17 -3.04
N VAL A 47 9.14 -1.13 -2.13
CA VAL A 47 9.31 0.09 -1.28
C VAL A 47 9.39 1.35 -2.17
N GLY A 48 9.28 2.50 -1.58
CA GLY A 48 9.34 3.75 -2.38
C GLY A 48 8.09 3.83 -3.28
N ASP A 49 6.99 3.30 -2.80
CA ASP A 49 5.75 3.33 -3.61
C ASP A 49 4.70 4.22 -2.94
N ALA A 50 4.49 5.40 -3.45
CA ALA A 50 3.47 6.30 -2.84
C ALA A 50 2.08 5.90 -3.32
N ILE A 51 1.30 5.27 -2.47
CA ILE A 51 -0.06 4.84 -2.88
C ILE A 51 -1.03 6.00 -2.91
N LEU A 52 -1.83 6.09 -3.93
CA LEU A 52 -2.83 7.20 -4.03
C LEU A 52 -4.25 6.63 -4.10
N SER A 53 -4.41 5.35 -3.90
CA SER A 53 -5.77 4.74 -3.95
C SER A 53 -5.68 3.24 -3.65
N VAL A 54 -6.56 2.74 -2.84
CA VAL A 54 -6.52 1.28 -2.50
C VAL A 54 -7.91 0.65 -2.70
N ASN A 55 -8.02 -0.25 -3.64
CA ASN A 55 -9.34 -0.92 -3.90
C ASN A 55 -10.41 0.13 -4.25
N GLY A 56 -10.03 1.20 -4.87
CA GLY A 56 -11.04 2.24 -5.25
C GLY A 56 -11.15 3.29 -4.14
N GLU A 57 -10.16 3.41 -3.30
CA GLU A 57 -10.24 4.42 -2.21
C GLU A 57 -9.20 5.53 -2.44
N ASP A 58 -9.55 6.55 -3.18
CA ASP A 58 -8.57 7.66 -3.44
C ASP A 58 -7.87 8.08 -2.15
N LEU A 59 -6.66 7.63 -1.94
CA LEU A 59 -5.91 8.02 -0.71
C LEU A 59 -5.28 9.40 -0.87
N SER A 60 -5.24 9.93 -2.07
CA SER A 60 -4.63 11.28 -2.28
C SER A 60 -5.17 12.27 -1.25
N SER A 61 -6.40 12.10 -0.83
CA SER A 61 -6.98 13.01 0.19
C SER A 61 -7.20 12.23 1.49
N ALA A 62 -6.49 11.15 1.68
CA ALA A 62 -6.65 10.35 2.91
C ALA A 62 -5.38 10.42 3.76
N THR A 63 -5.50 10.26 5.06
CA THR A 63 -4.29 10.33 5.93
C THR A 63 -3.64 8.95 6.02
N HIS A 64 -2.46 8.87 6.58
CA HIS A 64 -1.78 7.55 6.69
C HIS A 64 -2.71 6.54 7.39
N ASP A 65 -3.62 7.01 8.19
CA ASP A 65 -4.55 6.08 8.89
C ASP A 65 -5.63 5.60 7.92
N GLU A 66 -6.08 6.46 7.04
CA GLU A 66 -7.13 6.05 6.07
C GLU A 66 -6.53 5.13 5.01
N ALA A 67 -5.24 5.20 4.81
CA ALA A 67 -4.60 4.32 3.80
C ALA A 67 -4.32 2.93 4.37
N VAL A 68 -3.93 2.87 5.62
CA VAL A 68 -3.65 1.54 6.24
C VAL A 68 -4.97 0.81 6.49
N GLN A 69 -6.02 1.55 6.70
CA GLN A 69 -7.35 0.91 6.95
C GLN A 69 -7.76 0.09 5.72
N ALA A 70 -7.46 0.58 4.55
CA ALA A 70 -7.82 -0.18 3.32
C ALA A 70 -6.92 -1.40 3.22
N LEU A 71 -5.63 -1.19 3.33
CA LEU A 71 -4.68 -2.33 3.26
C LEU A 71 -5.04 -3.36 4.34
N LYS A 72 -5.70 -2.93 5.38
CA LYS A 72 -6.08 -3.90 6.46
C LYS A 72 -7.31 -4.70 6.01
N LYS A 73 -8.20 -4.08 5.28
CA LYS A 73 -9.42 -4.78 4.80
C LYS A 73 -9.60 -4.55 3.30
N THR A 74 -8.59 -4.84 2.52
CA THR A 74 -8.68 -4.61 1.05
C THR A 74 -9.87 -5.40 0.47
N GLY A 75 -9.67 -6.66 0.15
CA GLY A 75 -10.79 -7.46 -0.42
C GLY A 75 -10.20 -8.60 -1.28
N LYS A 76 -11.05 -9.30 -2.01
CA LYS A 76 -10.54 -10.42 -2.87
C LYS A 76 -9.32 -9.98 -3.67
N GLU A 77 -9.29 -8.75 -4.11
CA GLU A 77 -8.11 -8.26 -4.89
C GLU A 77 -7.66 -6.90 -4.34
N VAL A 78 -6.39 -6.75 -4.08
CA VAL A 78 -5.91 -5.45 -3.53
C VAL A 78 -5.40 -4.53 -4.65
N VAL A 79 -6.29 -3.83 -5.31
CA VAL A 79 -5.83 -2.91 -6.38
C VAL A 79 -5.18 -1.71 -5.71
N LEU A 80 -3.92 -1.49 -5.95
CA LEU A 80 -3.23 -0.35 -5.26
C LEU A 80 -2.56 0.60 -6.26
N GLU A 81 -3.11 1.77 -6.43
CA GLU A 81 -2.47 2.76 -7.34
C GLU A 81 -1.18 3.23 -6.68
N VAL A 82 -0.08 3.20 -7.37
CA VAL A 82 1.20 3.60 -6.71
C VAL A 82 1.97 4.64 -7.52
N LYS A 83 2.64 5.53 -6.83
CA LYS A 83 3.47 6.56 -7.49
C LYS A 83 4.94 6.24 -7.17
N TYR A 84 5.53 5.35 -7.91
CA TYR A 84 6.93 4.94 -7.61
C TYR A 84 7.85 6.15 -7.42
N MET A 85 8.44 6.29 -6.28
CA MET A 85 9.37 7.43 -6.04
C MET A 85 10.80 6.91 -6.17
N LYS A 86 11.07 6.17 -7.21
CA LYS A 86 12.43 5.61 -7.40
C LYS A 86 13.28 6.57 -8.25
N LYS B 1 5.08 6.89 11.16
CA LYS B 1 4.22 5.73 11.52
C LYS B 1 4.85 4.42 11.04
N GLU B 2 5.08 4.30 9.76
CA GLU B 2 5.69 3.04 9.23
C GLU B 2 4.87 1.83 9.68
N SER B 3 3.58 1.87 9.47
CA SER B 3 2.73 0.72 9.89
C SER B 3 3.24 -0.58 9.26
N LEU B 4 2.53 -1.66 9.47
CA LEU B 4 2.98 -2.96 8.89
C LEU B 4 1.78 -3.86 8.59
N VAL B 5 1.03 -3.55 7.56
CA VAL B 5 -0.16 -4.38 7.22
C VAL B 5 0.29 -5.69 6.57
N ARG A 1 3.89 7.24 -12.67
CA ARG A 1 2.81 6.57 -11.89
C ARG A 1 2.92 5.05 -12.01
N ARG A 2 2.13 4.32 -11.27
CA ARG A 2 2.19 2.84 -11.34
C ARG A 2 0.87 2.22 -10.91
N ARG A 3 0.64 0.98 -11.24
CA ARG A 3 -0.62 0.31 -10.85
C ARG A 3 -0.32 -1.12 -10.43
N VAL A 4 -0.45 -1.43 -9.17
CA VAL A 4 -0.14 -2.81 -8.72
C VAL A 4 -1.40 -3.50 -8.16
N THR A 5 -1.45 -4.80 -8.24
CA THR A 5 -2.64 -5.53 -7.72
C THR A 5 -2.18 -6.71 -6.85
N VAL A 6 -2.46 -6.67 -5.59
CA VAL A 6 -2.03 -7.79 -4.70
C VAL A 6 -3.23 -8.71 -4.40
N ARG A 7 -3.14 -9.95 -4.79
CA ARG A 7 -4.27 -10.89 -4.52
C ARG A 7 -4.09 -11.54 -3.14
N LYS A 8 -4.60 -10.90 -2.12
CA LYS A 8 -4.46 -11.46 -0.74
C LYS A 8 -4.89 -12.93 -0.71
N ALA A 9 -3.96 -13.82 -0.49
CA ALA A 9 -4.30 -15.27 -0.46
C ALA A 9 -3.90 -15.87 0.89
N ASP A 10 -4.30 -15.23 1.97
CA ASP A 10 -3.95 -15.75 3.32
C ASP A 10 -2.43 -15.87 3.45
N ALA A 11 -1.71 -15.09 2.71
CA ALA A 11 -0.22 -15.15 2.77
C ALA A 11 0.29 -14.52 4.07
N GLY A 12 -0.12 -15.02 5.19
CA GLY A 12 0.33 -14.45 6.50
C GLY A 12 0.15 -12.93 6.51
N GLY A 13 -0.92 -12.44 5.92
CA GLY A 13 -1.15 -10.97 5.91
C GLY A 13 -0.75 -10.39 4.55
N LEU A 14 -0.30 -9.16 4.52
CA LEU A 14 0.10 -8.55 3.22
C LEU A 14 1.60 -8.21 3.22
N GLY A 15 2.20 -8.13 4.37
CA GLY A 15 3.66 -7.79 4.41
C GLY A 15 3.85 -6.44 3.72
N ILE A 16 3.78 -5.37 4.46
CA ILE A 16 3.94 -4.02 3.84
C ILE A 16 3.89 -2.93 4.91
N SER A 17 4.95 -2.18 5.06
CA SER A 17 4.96 -1.09 6.08
C SER A 17 4.99 0.28 5.38
N ILE A 18 3.85 0.92 5.29
CA ILE A 18 3.81 2.25 4.61
C ILE A 18 4.36 3.34 5.54
N LYS A 19 4.94 4.37 4.99
CA LYS A 19 5.49 5.45 5.85
C LYS A 19 5.12 6.82 5.28
N GLY A 20 4.46 7.64 6.04
CA GLY A 20 4.08 8.99 5.54
C GLY A 20 2.74 9.40 6.16
N GLY A 21 1.88 10.01 5.40
CA GLY A 21 0.57 10.43 5.97
C GLY A 21 0.20 11.82 5.45
N ARG A 22 -1.06 12.08 5.27
CA ARG A 22 -1.48 13.42 4.78
C ARG A 22 -1.04 14.54 5.74
N GLU A 23 -0.66 14.19 6.95
CA GLU A 23 -0.22 15.24 7.91
C GLU A 23 1.15 15.81 7.51
N ASN A 24 1.80 15.22 6.55
CA ASN A 24 3.13 15.74 6.11
C ASN A 24 3.17 15.89 4.59
N LYS A 25 2.03 16.09 3.98
CA LYS A 25 1.99 16.25 2.50
C LYS A 25 2.68 15.05 1.83
N MET A 26 2.44 13.87 2.32
CA MET A 26 3.07 12.67 1.71
C MET A 26 1.99 11.69 1.25
N PRO A 27 2.03 11.32 -0.02
CA PRO A 27 1.03 10.37 -0.57
C PRO A 27 1.24 8.94 -0.02
N ILE A 28 1.30 8.77 1.28
CA ILE A 28 1.51 7.39 1.85
C ILE A 28 2.59 6.64 1.06
N LEU A 29 3.84 6.75 1.43
CA LEU A 29 4.91 6.06 0.65
C LEU A 29 5.40 4.80 1.34
N ILE A 30 5.39 3.69 0.63
CA ILE A 30 5.87 2.42 1.23
C ILE A 30 7.35 2.55 1.61
N SER A 31 7.72 2.09 2.77
CA SER A 31 9.13 2.20 3.20
C SER A 31 9.74 0.82 3.50
N LYS A 32 8.91 -0.16 3.72
CA LYS A 32 9.46 -1.52 4.02
C LYS A 32 8.55 -2.60 3.45
N ILE A 33 9.00 -3.24 2.39
CA ILE A 33 8.17 -4.32 1.78
C ILE A 33 8.62 -5.67 2.33
N PHE A 34 7.81 -6.29 3.14
CA PHE A 34 8.19 -7.61 3.73
C PHE A 34 8.15 -8.69 2.65
N LYS A 35 9.21 -9.45 2.51
CA LYS A 35 9.24 -10.52 1.47
C LYS A 35 8.36 -11.70 1.90
N GLY A 36 8.19 -12.65 1.02
CA GLY A 36 7.34 -13.83 1.37
C GLY A 36 5.93 -13.35 1.69
N LEU A 37 5.50 -12.28 1.10
CA LEU A 37 4.13 -11.77 1.38
C LEU A 37 3.43 -11.30 0.09
N ALA A 38 2.13 -11.23 0.12
CA ALA A 38 1.37 -10.79 -1.09
C ALA A 38 2.00 -9.57 -1.76
N ALA A 39 2.07 -8.46 -1.06
CA ALA A 39 2.67 -7.24 -1.66
C ALA A 39 4.02 -7.55 -2.33
N ASP A 40 4.95 -8.08 -1.59
CA ASP A 40 6.27 -8.40 -2.20
C ASP A 40 6.20 -9.65 -3.07
N GLN A 41 5.06 -10.26 -3.20
CA GLN A 41 4.95 -11.48 -4.05
C GLN A 41 4.26 -11.16 -5.39
N THR A 42 3.82 -9.95 -5.58
CA THR A 42 3.13 -9.60 -6.86
C THR A 42 4.11 -8.91 -7.82
N GLU A 43 5.39 -8.98 -7.56
CA GLU A 43 6.39 -8.34 -8.47
C GLU A 43 5.96 -6.90 -8.80
N ALA A 44 5.62 -6.13 -7.80
CA ALA A 44 5.19 -4.72 -8.04
C ALA A 44 5.12 -3.95 -6.73
N LEU A 45 4.56 -4.53 -5.71
CA LEU A 45 4.48 -3.83 -4.40
C LEU A 45 5.89 -3.67 -3.83
N PHE A 46 6.62 -2.71 -4.32
CA PHE A 46 8.02 -2.51 -3.83
C PHE A 46 8.12 -1.20 -3.05
N VAL A 47 9.04 -1.10 -2.13
CA VAL A 47 9.18 0.16 -1.33
C VAL A 47 9.28 1.37 -2.26
N GLY A 48 9.16 2.55 -1.73
CA GLY A 48 9.24 3.78 -2.58
C GLY A 48 7.97 3.85 -3.43
N ASP A 49 6.88 3.35 -2.92
CA ASP A 49 5.60 3.38 -3.70
C ASP A 49 4.56 4.27 -3.00
N ALA A 50 4.39 5.48 -3.46
CA ALA A 50 3.37 6.37 -2.82
C ALA A 50 1.97 6.01 -3.33
N ILE A 51 1.17 5.38 -2.50
CA ILE A 51 -0.19 4.97 -2.93
C ILE A 51 -1.13 6.19 -2.96
N LEU A 52 -1.96 6.28 -3.95
CA LEU A 52 -2.91 7.44 -4.03
C LEU A 52 -4.36 6.96 -4.21
N SER A 53 -4.60 5.68 -4.14
CA SER A 53 -5.98 5.16 -4.31
C SER A 53 -5.98 3.63 -4.27
N VAL A 54 -6.31 3.05 -3.15
CA VAL A 54 -6.31 1.55 -3.07
C VAL A 54 -7.70 1.00 -3.43
N ASN A 55 -7.77 0.16 -4.43
CA ASN A 55 -9.09 -0.43 -4.84
C ASN A 55 -10.06 0.68 -5.25
N GLY A 56 -9.56 1.71 -5.88
CA GLY A 56 -10.45 2.82 -6.30
C GLY A 56 -10.79 3.73 -5.11
N GLU A 57 -10.10 3.56 -4.00
CA GLU A 57 -10.38 4.41 -2.81
C GLU A 57 -9.39 5.57 -2.79
N ASP A 58 -9.74 6.69 -3.37
CA ASP A 58 -8.82 7.87 -3.40
C ASP A 58 -8.10 8.06 -2.06
N LEU A 59 -6.86 7.68 -2.00
CA LEU A 59 -6.08 7.81 -0.74
C LEU A 59 -5.33 9.15 -0.69
N SER A 60 -5.24 9.84 -1.81
CA SER A 60 -4.52 11.15 -1.83
C SER A 60 -5.12 12.08 -0.78
N SER A 61 -6.42 12.05 -0.60
CA SER A 61 -7.05 12.94 0.41
C SER A 61 -7.28 12.18 1.72
N ALA A 62 -6.52 11.14 1.95
CA ALA A 62 -6.68 10.35 3.21
C ALA A 62 -5.40 10.42 4.05
N THR A 63 -5.51 10.24 5.34
CA THR A 63 -4.30 10.28 6.20
C THR A 63 -3.61 8.92 6.23
N HIS A 64 -2.45 8.84 6.82
CA HIS A 64 -1.74 7.53 6.88
C HIS A 64 -2.68 6.46 7.47
N ASP A 65 -3.63 6.86 8.27
CA ASP A 65 -4.57 5.86 8.86
C ASP A 65 -5.57 5.42 7.80
N GLU A 66 -6.04 6.35 7.01
CA GLU A 66 -7.01 5.99 5.94
C GLU A 66 -6.34 5.09 4.90
N ALA A 67 -5.04 5.14 4.83
CA ALA A 67 -4.31 4.30 3.83
C ALA A 67 -4.09 2.88 4.39
N VAL A 68 -3.74 2.77 5.65
CA VAL A 68 -3.51 1.43 6.24
C VAL A 68 -4.85 0.73 6.45
N GLN A 69 -5.89 1.47 6.67
CA GLN A 69 -7.24 0.86 6.86
C GLN A 69 -7.69 0.14 5.59
N ALA A 70 -7.40 0.71 4.45
CA ALA A 70 -7.82 0.06 3.18
C ALA A 70 -6.97 -1.20 2.97
N LEU A 71 -5.72 -1.13 3.34
CA LEU A 71 -4.83 -2.31 3.18
C LEU A 71 -5.17 -3.35 4.25
N LYS A 72 -5.82 -2.94 5.31
CA LYS A 72 -6.19 -3.92 6.38
C LYS A 72 -7.45 -4.68 5.98
N LYS A 73 -8.43 -4.00 5.47
CA LYS A 73 -9.68 -4.70 5.05
C LYS A 73 -9.76 -4.77 3.52
N THR A 74 -8.63 -4.84 2.88
CA THR A 74 -8.62 -4.91 1.38
C THR A 74 -9.27 -6.22 0.92
N GLY A 75 -10.00 -6.18 -0.16
CA GLY A 75 -10.66 -7.41 -0.66
C GLY A 75 -9.62 -8.34 -1.30
N LYS A 76 -10.06 -9.47 -1.80
CA LYS A 76 -9.09 -10.42 -2.44
C LYS A 76 -8.22 -9.69 -3.47
N GLU A 77 -8.81 -8.96 -4.37
CA GLU A 77 -7.99 -8.22 -5.38
C GLU A 77 -7.62 -6.85 -4.82
N VAL A 78 -6.47 -6.73 -4.19
CA VAL A 78 -6.08 -5.43 -3.61
C VAL A 78 -5.44 -4.53 -4.68
N VAL A 79 -6.24 -3.92 -5.51
CA VAL A 79 -5.67 -3.02 -6.55
C VAL A 79 -5.05 -1.82 -5.83
N LEU A 80 -3.79 -1.54 -6.04
CA LEU A 80 -3.16 -0.40 -5.33
C LEU A 80 -2.54 0.60 -6.30
N GLU A 81 -3.16 1.74 -6.47
CA GLU A 81 -2.59 2.77 -7.36
C GLU A 81 -1.32 3.30 -6.69
N VAL A 82 -0.20 3.20 -7.34
CA VAL A 82 1.06 3.65 -6.70
C VAL A 82 1.85 4.64 -7.56
N LYS A 83 2.54 5.54 -6.89
CA LYS A 83 3.39 6.53 -7.61
C LYS A 83 4.84 6.21 -7.28
N TYR A 84 5.45 5.33 -8.04
CA TYR A 84 6.85 4.93 -7.75
C TYR A 84 7.77 6.15 -7.70
N MET A 85 8.51 6.30 -6.63
CA MET A 85 9.45 7.44 -6.52
C MET A 85 10.89 6.94 -6.71
N LYS A 86 11.14 6.27 -7.80
CA LYS A 86 12.51 5.74 -8.05
C LYS A 86 13.39 6.82 -8.67
N LYS B 1 4.88 7.13 10.19
CA LYS B 1 4.27 6.06 11.04
C LYS B 1 4.94 4.71 10.76
N GLU B 2 5.22 4.42 9.51
CA GLU B 2 5.85 3.13 9.17
C GLU B 2 5.02 1.97 9.75
N SER B 3 3.81 1.84 9.30
CA SER B 3 2.93 0.74 9.82
C SER B 3 3.38 -0.62 9.25
N LEU B 4 2.49 -1.58 9.22
CA LEU B 4 2.86 -2.92 8.68
C LEU B 4 1.60 -3.77 8.44
N VAL B 5 1.03 -3.68 7.27
CA VAL B 5 -0.20 -4.50 6.99
C VAL B 5 0.18 -5.81 6.31
N ARG A 1 3.37 7.23 -12.98
CA ARG A 1 2.52 6.49 -12.01
C ARG A 1 2.72 4.98 -12.19
N ARG A 2 2.09 4.19 -11.36
CA ARG A 2 2.23 2.72 -11.47
C ARG A 2 0.94 2.03 -11.03
N ARG A 3 0.80 0.77 -11.35
CA ARG A 3 -0.43 0.03 -10.95
C ARG A 3 -0.03 -1.32 -10.34
N VAL A 4 -0.34 -1.54 -9.09
CA VAL A 4 0.05 -2.84 -8.46
C VAL A 4 -1.17 -3.47 -7.76
N THR A 5 -1.46 -4.71 -8.08
CA THR A 5 -2.61 -5.40 -7.43
C THR A 5 -2.12 -6.63 -6.68
N VAL A 6 -2.52 -6.79 -5.46
CA VAL A 6 -2.08 -7.99 -4.68
C VAL A 6 -3.30 -8.84 -4.31
N ARG A 7 -3.40 -10.00 -4.88
CA ARG A 7 -4.56 -10.88 -4.56
C ARG A 7 -4.42 -11.47 -3.16
N LYS A 8 -5.00 -10.83 -2.18
CA LYS A 8 -4.89 -11.33 -0.78
C LYS A 8 -5.50 -12.74 -0.67
N ALA A 9 -4.68 -13.75 -0.68
CA ALA A 9 -5.21 -15.14 -0.57
C ALA A 9 -5.11 -15.63 0.88
N ASP A 10 -5.23 -14.74 1.83
CA ASP A 10 -5.15 -15.14 3.27
C ASP A 10 -3.81 -15.85 3.55
N ALA A 11 -2.93 -15.18 4.25
CA ALA A 11 -1.61 -15.80 4.56
C ALA A 11 -0.80 -14.89 5.49
N GLY A 12 -1.09 -14.92 6.76
CA GLY A 12 -0.35 -14.05 7.71
C GLY A 12 -0.79 -12.60 7.53
N GLY A 13 -0.58 -12.04 6.38
CA GLY A 13 -0.99 -10.63 6.15
C GLY A 13 -0.59 -10.20 4.73
N LEU A 14 -0.35 -8.95 4.52
CA LEU A 14 0.04 -8.48 3.16
C LEU A 14 1.55 -8.23 3.09
N GLY A 15 2.18 -8.06 4.22
CA GLY A 15 3.65 -7.81 4.21
C GLY A 15 3.92 -6.46 3.53
N ILE A 16 3.67 -5.40 4.23
CA ILE A 16 3.89 -4.05 3.64
C ILE A 16 3.87 -2.99 4.74
N SER A 17 4.95 -2.29 4.94
CA SER A 17 4.97 -1.24 6.00
C SER A 17 4.96 0.14 5.35
N ILE A 18 3.80 0.71 5.16
CA ILE A 18 3.73 2.06 4.52
C ILE A 18 4.29 3.13 5.47
N LYS A 19 4.91 4.15 4.92
CA LYS A 19 5.48 5.23 5.77
C LYS A 19 5.13 6.59 5.18
N GLY A 20 4.39 7.40 5.89
CA GLY A 20 4.01 8.73 5.35
C GLY A 20 2.76 9.24 6.08
N GLY A 21 2.01 10.11 5.46
CA GLY A 21 0.79 10.63 6.14
C GLY A 21 0.42 11.99 5.55
N ARG A 22 -0.83 12.20 5.27
CA ARG A 22 -1.25 13.52 4.69
C ARG A 22 -0.95 14.66 5.66
N GLU A 23 -0.66 14.36 6.90
CA GLU A 23 -0.34 15.45 7.87
C GLU A 23 1.14 15.85 7.73
N ASN A 24 1.86 15.27 6.81
CA ASN A 24 3.29 15.63 6.63
C ASN A 24 3.61 15.72 5.15
N LYS A 25 2.63 16.01 4.34
CA LYS A 25 2.87 16.10 2.87
C LYS A 25 3.50 14.80 2.36
N MET A 26 2.73 13.76 2.25
CA MET A 26 3.29 12.46 1.77
C MET A 26 2.17 11.53 1.30
N PRO A 27 2.21 11.14 0.04
CA PRO A 27 1.19 10.20 -0.52
C PRO A 27 1.39 8.78 0.01
N ILE A 28 1.45 8.58 1.32
CA ILE A 28 1.64 7.20 1.88
C ILE A 28 2.70 6.43 1.07
N LEU A 29 3.97 6.54 1.42
CA LEU A 29 5.01 5.81 0.64
C LEU A 29 5.41 4.50 1.32
N ILE A 30 5.47 3.44 0.57
CA ILE A 30 5.90 2.15 1.17
C ILE A 30 7.36 2.27 1.59
N SER A 31 7.70 1.76 2.75
CA SER A 31 9.11 1.87 3.21
C SER A 31 9.72 0.48 3.43
N LYS A 32 8.91 -0.48 3.80
CA LYS A 32 9.45 -1.85 4.02
C LYS A 32 8.58 -2.89 3.34
N ILE A 33 9.00 -3.38 2.20
CA ILE A 33 8.22 -4.42 1.50
C ILE A 33 8.63 -5.80 2.02
N PHE A 34 7.79 -6.41 2.82
CA PHE A 34 8.13 -7.74 3.38
C PHE A 34 8.36 -8.75 2.25
N LYS A 35 9.52 -9.36 2.22
CA LYS A 35 9.82 -10.35 1.14
C LYS A 35 9.07 -11.66 1.40
N GLY A 36 8.66 -12.31 0.35
CA GLY A 36 7.91 -13.59 0.51
C GLY A 36 6.46 -13.28 0.88
N LEU A 37 6.09 -12.02 0.97
CA LEU A 37 4.69 -11.68 1.33
C LEU A 37 3.90 -11.29 0.07
N ALA A 38 2.60 -11.30 0.16
CA ALA A 38 1.75 -10.93 -1.01
C ALA A 38 2.27 -9.66 -1.69
N ALA A 39 2.38 -8.60 -0.93
CA ALA A 39 2.87 -7.32 -1.50
C ALA A 39 4.18 -7.52 -2.27
N ASP A 40 5.12 -8.21 -1.68
CA ASP A 40 6.42 -8.42 -2.37
C ASP A 40 6.38 -9.65 -3.28
N GLN A 41 5.25 -10.30 -3.40
CA GLN A 41 5.17 -11.50 -4.28
C GLN A 41 4.46 -11.16 -5.60
N THR A 42 4.12 -9.91 -5.82
CA THR A 42 3.43 -9.55 -7.09
C THR A 42 4.38 -8.77 -8.01
N GLU A 43 5.67 -8.78 -7.73
CA GLU A 43 6.65 -8.05 -8.59
C GLU A 43 6.15 -6.64 -8.92
N ALA A 44 5.86 -5.85 -7.93
CA ALA A 44 5.37 -4.47 -8.19
C ALA A 44 5.33 -3.67 -6.88
N LEU A 45 4.77 -4.22 -5.84
CA LEU A 45 4.74 -3.46 -4.55
C LEU A 45 6.16 -3.40 -4.00
N PHE A 46 6.93 -2.44 -4.45
CA PHE A 46 8.34 -2.29 -3.99
C PHE A 46 8.48 -1.03 -3.13
N VAL A 47 9.36 -1.06 -2.16
CA VAL A 47 9.55 0.15 -1.29
C VAL A 47 9.68 1.41 -2.14
N GLY A 48 9.22 2.53 -1.65
CA GLY A 48 9.29 3.78 -2.46
C GLY A 48 8.04 3.88 -3.33
N ASP A 49 6.96 3.28 -2.88
CA ASP A 49 5.70 3.31 -3.66
C ASP A 49 4.66 4.18 -2.96
N ALA A 50 4.39 5.34 -3.47
CA ALA A 50 3.37 6.23 -2.84
C ALA A 50 1.97 5.84 -3.33
N ILE A 51 1.18 5.25 -2.47
CA ILE A 51 -0.19 4.83 -2.89
C ILE A 51 -1.13 6.03 -2.96
N LEU A 52 -1.93 6.10 -3.99
CA LEU A 52 -2.89 7.23 -4.12
C LEU A 52 -4.32 6.68 -4.30
N SER A 53 -4.52 5.42 -4.01
CA SER A 53 -5.87 4.81 -4.15
C SER A 53 -5.79 3.31 -3.81
N VAL A 54 -6.71 2.81 -3.06
CA VAL A 54 -6.66 1.35 -2.70
C VAL A 54 -8.00 0.67 -2.99
N ASN A 55 -7.98 -0.29 -3.87
CA ASN A 55 -9.25 -1.00 -4.23
C ASN A 55 -10.32 -0.01 -4.67
N GLY A 56 -9.94 1.01 -5.39
CA GLY A 56 -10.94 2.01 -5.87
C GLY A 56 -11.21 3.04 -4.77
N GLU A 57 -10.26 3.28 -3.90
CA GLU A 57 -10.48 4.28 -2.82
C GLU A 57 -9.45 5.41 -2.94
N ASP A 58 -9.78 6.47 -3.62
CA ASP A 58 -8.81 7.61 -3.77
C ASP A 58 -8.14 7.93 -2.43
N LEU A 59 -6.87 7.67 -2.33
CA LEU A 59 -6.14 7.95 -1.05
C LEU A 59 -5.33 9.24 -1.16
N SER A 60 -5.63 10.06 -2.12
CA SER A 60 -4.88 11.34 -2.28
C SER A 60 -5.15 12.27 -1.08
N SER A 61 -6.39 12.48 -0.75
CA SER A 61 -6.72 13.37 0.40
C SER A 61 -6.99 12.54 1.66
N ALA A 62 -6.28 11.46 1.85
CA ALA A 62 -6.50 10.62 3.05
C ALA A 62 -5.24 10.61 3.92
N THR A 63 -5.39 10.48 5.20
CA THR A 63 -4.20 10.46 6.10
C THR A 63 -3.58 9.06 6.15
N HIS A 64 -2.43 8.92 6.76
CA HIS A 64 -1.80 7.58 6.84
C HIS A 64 -2.76 6.58 7.49
N ASP A 65 -3.68 7.07 8.28
CA ASP A 65 -4.65 6.14 8.93
C ASP A 65 -5.71 5.71 7.93
N GLU A 66 -6.19 6.63 7.14
CA GLU A 66 -7.22 6.28 6.12
C GLU A 66 -6.61 5.35 5.07
N ALA A 67 -5.30 5.35 4.96
CA ALA A 67 -4.64 4.47 3.96
C ALA A 67 -4.44 3.06 4.52
N VAL A 68 -3.96 2.97 5.74
CA VAL A 68 -3.73 1.62 6.33
C VAL A 68 -5.08 0.94 6.54
N GLN A 69 -6.10 1.69 6.81
CA GLN A 69 -7.45 1.09 7.01
C GLN A 69 -7.84 0.30 5.77
N ALA A 70 -7.58 0.82 4.60
CA ALA A 70 -7.92 0.07 3.36
C ALA A 70 -7.02 -1.15 3.27
N LEU A 71 -5.74 -0.97 3.50
CA LEU A 71 -4.80 -2.11 3.45
C LEU A 71 -5.29 -3.25 4.35
N LYS A 72 -6.00 -2.91 5.41
CA LYS A 72 -6.52 -3.97 6.32
C LYS A 72 -7.81 -4.56 5.77
N LYS A 73 -8.67 -3.75 5.22
CA LYS A 73 -9.95 -4.28 4.66
C LYS A 73 -9.94 -4.18 3.12
N THR A 74 -8.79 -4.36 2.52
CA THR A 74 -8.71 -4.26 1.04
C THR A 74 -9.76 -5.18 0.40
N GLY A 75 -9.49 -6.45 0.31
CA GLY A 75 -10.47 -7.39 -0.30
C GLY A 75 -9.72 -8.53 -1.00
N LYS A 76 -10.42 -9.41 -1.65
CA LYS A 76 -9.74 -10.54 -2.35
C LYS A 76 -8.62 -10.02 -3.24
N GLU A 77 -8.86 -8.92 -3.93
CA GLU A 77 -7.79 -8.34 -4.80
C GLU A 77 -7.41 -6.95 -4.30
N VAL A 78 -6.22 -6.79 -3.82
CA VAL A 78 -5.79 -5.46 -3.32
C VAL A 78 -5.27 -4.60 -4.46
N VAL A 79 -6.14 -3.94 -5.17
CA VAL A 79 -5.69 -3.07 -6.29
C VAL A 79 -5.13 -1.78 -5.69
N LEU A 80 -3.87 -1.51 -5.87
CA LEU A 80 -3.29 -0.27 -5.27
C LEU A 80 -2.62 0.61 -6.31
N GLU A 81 -3.13 1.79 -6.51
CA GLU A 81 -2.48 2.72 -7.48
C GLU A 81 -1.22 3.25 -6.82
N VAL A 82 -0.08 3.06 -7.43
CA VAL A 82 1.18 3.52 -6.78
C VAL A 82 1.93 4.56 -7.61
N LYS A 83 2.54 5.49 -6.94
CA LYS A 83 3.36 6.52 -7.63
C LYS A 83 4.82 6.23 -7.29
N TYR A 84 5.47 5.45 -8.09
CA TYR A 84 6.88 5.09 -7.80
C TYR A 84 7.75 6.33 -7.63
N MET A 85 8.42 6.44 -6.53
CA MET A 85 9.30 7.63 -6.30
C MET A 85 10.75 7.17 -6.19
N LYS A 86 11.21 6.42 -7.15
CA LYS A 86 12.62 5.92 -7.11
C LYS A 86 13.59 7.08 -7.33
N LYS B 1 4.85 7.79 10.35
CA LYS B 1 3.94 6.68 10.74
C LYS B 1 4.26 5.42 9.93
N GLU B 2 4.71 4.38 10.57
CA GLU B 2 5.04 3.13 9.84
C GLU B 2 4.07 2.01 10.22
N SER B 3 3.05 1.80 9.42
CA SER B 3 2.06 0.73 9.75
C SER B 3 2.30 -0.50 8.86
N LEU B 4 2.31 -1.67 9.45
CA LEU B 4 2.54 -2.91 8.65
C LEU B 4 1.22 -3.68 8.49
N VAL B 5 0.65 -3.68 7.31
CA VAL B 5 -0.62 -4.43 7.11
C VAL B 5 -0.37 -5.70 6.30
N ARG A 1 3.67 7.46 -12.69
CA ARG A 1 2.76 6.71 -11.78
C ARG A 1 2.89 5.20 -12.03
N ARG A 2 2.22 4.42 -11.25
CA ARG A 2 2.30 2.94 -11.42
C ARG A 2 0.97 2.27 -11.05
N ARG A 3 0.74 1.09 -11.53
CA ARG A 3 -0.52 0.37 -11.19
C ARG A 3 -0.19 -1.05 -10.74
N VAL A 4 -0.45 -1.39 -9.50
CA VAL A 4 -0.12 -2.76 -9.02
C VAL A 4 -1.30 -3.37 -8.28
N THR A 5 -1.56 -4.64 -8.49
CA THR A 5 -2.70 -5.30 -7.80
C THR A 5 -2.23 -6.58 -7.10
N VAL A 6 -2.51 -6.71 -5.83
CA VAL A 6 -2.07 -7.94 -5.11
C VAL A 6 -3.28 -8.84 -4.83
N ARG A 7 -3.23 -10.08 -5.23
CA ARG A 7 -4.38 -11.00 -4.99
C ARG A 7 -4.10 -11.87 -3.76
N LYS A 8 -4.39 -11.38 -2.59
CA LYS A 8 -4.16 -12.19 -1.37
C LYS A 8 -5.29 -13.20 -1.16
N ALA A 9 -5.11 -14.15 -0.30
CA ALA A 9 -6.17 -15.17 -0.07
C ALA A 9 -6.27 -15.50 1.41
N ASP A 10 -6.63 -14.54 2.22
CA ASP A 10 -6.76 -14.80 3.68
C ASP A 10 -5.48 -15.43 4.23
N ALA A 11 -4.38 -15.24 3.56
CA ALA A 11 -3.10 -15.83 4.03
C ALA A 11 -2.81 -15.37 5.46
N GLY A 12 -2.71 -14.10 5.69
CA GLY A 12 -2.44 -13.60 7.06
C GLY A 12 -2.25 -12.07 7.02
N GLY A 13 -1.15 -11.62 6.50
CA GLY A 13 -0.92 -10.15 6.43
C GLY A 13 -0.47 -9.77 5.01
N LEU A 14 -0.89 -8.63 4.53
CA LEU A 14 -0.50 -8.20 3.16
C LEU A 14 1.01 -8.02 3.06
N GLY A 15 1.69 -7.90 4.17
CA GLY A 15 3.16 -7.71 4.12
C GLY A 15 3.46 -6.37 3.46
N ILE A 16 3.50 -5.31 4.21
CA ILE A 16 3.76 -3.97 3.60
C ILE A 16 3.79 -2.89 4.69
N SER A 17 4.88 -2.17 4.81
CA SER A 17 4.95 -1.10 5.84
C SER A 17 4.88 0.27 5.13
N ILE A 18 3.80 0.97 5.29
CA ILE A 18 3.67 2.30 4.62
C ILE A 18 4.14 3.43 5.54
N LYS A 19 4.77 4.43 4.97
CA LYS A 19 5.26 5.57 5.80
C LYS A 19 4.71 6.89 5.24
N GLY A 20 4.87 7.96 5.97
CA GLY A 20 4.36 9.27 5.46
C GLY A 20 3.05 9.61 6.17
N GLY A 21 2.12 10.20 5.46
CA GLY A 21 0.82 10.57 6.10
C GLY A 21 0.39 11.95 5.63
N ARG A 22 -0.87 12.15 5.42
CA ARG A 22 -1.35 13.49 4.96
C ARG A 22 -1.00 14.58 5.97
N GLU A 23 -0.62 14.21 7.17
CA GLU A 23 -0.26 15.25 8.17
C GLU A 23 1.04 15.96 7.77
N ASN A 24 1.81 15.34 6.92
CA ASN A 24 3.09 15.97 6.47
C ASN A 24 3.12 16.06 4.95
N LYS A 25 1.96 16.07 4.32
CA LYS A 25 1.92 16.14 2.84
C LYS A 25 2.75 15.00 2.22
N MET A 26 2.16 13.83 2.12
CA MET A 26 2.90 12.69 1.53
C MET A 26 1.91 11.61 1.04
N PRO A 27 2.06 11.21 -0.20
CA PRO A 27 1.14 10.18 -0.79
C PRO A 27 1.37 8.78 -0.18
N ILE A 28 1.40 8.65 1.13
CA ILE A 28 1.61 7.30 1.78
C ILE A 28 2.65 6.47 1.01
N LEU A 29 3.91 6.60 1.34
CA LEU A 29 4.95 5.83 0.59
C LEU A 29 5.34 4.54 1.32
N ILE A 30 5.40 3.44 0.62
CA ILE A 30 5.80 2.16 1.27
C ILE A 30 7.26 2.29 1.73
N SER A 31 7.62 1.71 2.84
CA SER A 31 9.03 1.82 3.32
C SER A 31 9.65 0.43 3.54
N LYS A 32 8.85 -0.57 3.76
CA LYS A 32 9.44 -1.93 3.98
C LYS A 32 8.55 -3.01 3.37
N ILE A 33 8.85 -3.43 2.16
CA ILE A 33 8.04 -4.50 1.51
C ILE A 33 8.45 -5.84 2.11
N PHE A 34 7.67 -6.34 3.03
CA PHE A 34 7.99 -7.65 3.67
C PHE A 34 8.31 -8.71 2.61
N LYS A 35 9.32 -9.50 2.82
CA LYS A 35 9.67 -10.56 1.82
C LYS A 35 8.76 -11.77 1.96
N GLY A 36 8.65 -12.56 0.93
CA GLY A 36 7.76 -13.75 0.99
C GLY A 36 6.35 -13.30 1.38
N LEU A 37 6.02 -12.06 1.16
CA LEU A 37 4.66 -11.56 1.51
C LEU A 37 3.87 -11.26 0.23
N ALA A 38 2.59 -11.05 0.34
CA ALA A 38 1.77 -10.75 -0.87
C ALA A 38 2.38 -9.60 -1.68
N ALA A 39 2.37 -8.41 -1.15
CA ALA A 39 2.94 -7.24 -1.89
C ALA A 39 4.30 -7.59 -2.49
N ASP A 40 5.18 -8.17 -1.73
CA ASP A 40 6.53 -8.51 -2.27
C ASP A 40 6.44 -9.68 -3.26
N GLN A 41 5.33 -10.36 -3.32
CA GLN A 41 5.20 -11.50 -4.26
C GLN A 41 4.34 -11.11 -5.47
N THR A 42 4.11 -9.84 -5.68
CA THR A 42 3.26 -9.42 -6.83
C THR A 42 4.14 -8.81 -7.94
N GLU A 43 5.43 -8.96 -7.87
CA GLU A 43 6.32 -8.39 -8.91
C GLU A 43 5.96 -6.92 -9.19
N ALA A 44 5.74 -6.16 -8.16
CA ALA A 44 5.38 -4.72 -8.37
C ALA A 44 5.31 -3.98 -7.03
N LEU A 45 4.71 -4.58 -6.03
CA LEU A 45 4.63 -3.88 -4.72
C LEU A 45 6.04 -3.77 -4.13
N PHE A 46 6.76 -2.76 -4.54
CA PHE A 46 8.16 -2.58 -4.02
C PHE A 46 8.25 -1.30 -3.19
N VAL A 47 9.14 -1.25 -2.24
CA VAL A 47 9.27 -0.02 -1.38
C VAL A 47 9.30 1.24 -2.26
N GLY A 48 9.20 2.39 -1.66
CA GLY A 48 9.22 3.64 -2.47
C GLY A 48 7.96 3.69 -3.34
N ASP A 49 6.87 3.17 -2.86
CA ASP A 49 5.61 3.16 -3.65
C ASP A 49 4.56 4.03 -2.96
N ALA A 50 4.29 5.19 -3.50
CA ALA A 50 3.27 6.07 -2.86
C ALA A 50 1.87 5.68 -3.32
N ILE A 51 1.08 5.09 -2.45
CA ILE A 51 -0.30 4.68 -2.84
C ILE A 51 -1.23 5.90 -2.86
N LEU A 52 -2.02 6.02 -3.88
CA LEU A 52 -2.96 7.18 -3.94
C LEU A 52 -4.40 6.72 -4.16
N SER A 53 -4.66 5.43 -4.05
CA SER A 53 -6.05 4.92 -4.23
C SER A 53 -6.07 3.39 -4.15
N VAL A 54 -6.38 2.86 -3.00
CA VAL A 54 -6.40 1.37 -2.85
C VAL A 54 -7.77 0.81 -3.26
N ASN A 55 -7.81 -0.01 -4.26
CA ASN A 55 -9.10 -0.61 -4.71
C ASN A 55 -10.13 0.48 -5.04
N GLY A 56 -9.69 1.60 -5.55
CA GLY A 56 -10.66 2.69 -5.89
C GLY A 56 -10.81 3.66 -4.72
N GLU A 57 -10.30 3.33 -3.56
CA GLU A 57 -10.44 4.27 -2.40
C GLU A 57 -9.42 5.39 -2.54
N ASP A 58 -9.80 6.47 -3.19
CA ASP A 58 -8.86 7.63 -3.38
C ASP A 58 -8.07 7.91 -2.10
N LEU A 59 -6.81 7.57 -2.09
CA LEU A 59 -5.96 7.80 -0.89
C LEU A 59 -5.13 9.08 -1.04
N SER A 60 -5.10 9.66 -2.21
CA SER A 60 -4.30 10.90 -2.41
C SER A 60 -4.67 11.94 -1.35
N SER A 61 -5.93 12.01 -0.99
CA SER A 61 -6.36 13.01 0.03
C SER A 61 -6.83 12.29 1.31
N ALA A 62 -6.05 11.38 1.80
CA ALA A 62 -6.45 10.64 3.04
C ALA A 62 -5.31 10.64 4.05
N THR A 63 -5.62 10.62 5.32
CA THR A 63 -4.54 10.61 6.35
C THR A 63 -3.87 9.24 6.39
N HIS A 64 -2.71 9.14 6.97
CA HIS A 64 -2.02 7.82 7.02
C HIS A 64 -2.95 6.77 7.64
N ASP A 65 -3.88 7.20 8.45
CA ASP A 65 -4.84 6.23 9.05
C ASP A 65 -5.84 5.79 7.99
N GLU A 66 -6.34 6.72 7.23
CA GLU A 66 -7.31 6.38 6.16
C GLU A 66 -6.65 5.42 5.16
N ALA A 67 -5.36 5.52 5.03
CA ALA A 67 -4.62 4.64 4.08
C ALA A 67 -4.44 3.24 4.66
N VAL A 68 -3.97 3.14 5.88
CA VAL A 68 -3.77 1.78 6.48
C VAL A 68 -5.13 1.12 6.67
N GLN A 69 -6.14 1.91 6.92
CA GLN A 69 -7.50 1.33 7.09
C GLN A 69 -7.87 0.52 5.85
N ALA A 70 -7.48 0.99 4.69
CA ALA A 70 -7.80 0.23 3.45
C ALA A 70 -6.94 -1.02 3.39
N LEU A 71 -5.71 -0.93 3.85
CA LEU A 71 -4.80 -2.10 3.84
C LEU A 71 -5.28 -3.16 4.84
N LYS A 72 -5.94 -2.73 5.88
CA LYS A 72 -6.45 -3.71 6.89
C LYS A 72 -7.74 -4.37 6.38
N LYS A 73 -8.57 -3.61 5.72
CA LYS A 73 -9.84 -4.18 5.19
C LYS A 73 -9.72 -4.39 3.68
N THR A 74 -8.55 -4.72 3.22
CA THR A 74 -8.35 -4.93 1.76
C THR A 74 -8.99 -6.26 1.32
N GLY A 75 -9.66 -6.27 0.20
CA GLY A 75 -10.30 -7.52 -0.27
C GLY A 75 -9.26 -8.40 -0.98
N LYS A 76 -9.67 -9.53 -1.49
CA LYS A 76 -8.70 -10.43 -2.19
C LYS A 76 -7.95 -9.67 -3.28
N GLU A 77 -8.65 -9.18 -4.27
CA GLU A 77 -7.98 -8.42 -5.36
C GLU A 77 -7.58 -7.04 -4.83
N VAL A 78 -6.40 -6.92 -4.30
CA VAL A 78 -5.97 -5.61 -3.75
C VAL A 78 -5.39 -4.72 -4.86
N VAL A 79 -6.23 -4.04 -5.59
CA VAL A 79 -5.71 -3.13 -6.65
C VAL A 79 -5.13 -1.89 -5.97
N LEU A 80 -3.91 -1.55 -6.23
CA LEU A 80 -3.33 -0.36 -5.53
C LEU A 80 -2.65 0.59 -6.52
N GLU A 81 -3.14 1.81 -6.61
CA GLU A 81 -2.50 2.80 -7.50
C GLU A 81 -1.23 3.28 -6.81
N VAL A 82 -0.09 3.13 -7.42
CA VAL A 82 1.17 3.53 -6.75
C VAL A 82 1.94 4.60 -7.52
N LYS A 83 2.64 5.44 -6.81
CA LYS A 83 3.47 6.48 -7.45
C LYS A 83 4.93 6.17 -7.14
N TYR A 84 5.54 5.35 -7.94
CA TYR A 84 6.96 4.95 -7.68
C TYR A 84 7.87 6.18 -7.54
N MET A 85 8.47 6.35 -6.40
CA MET A 85 9.40 7.50 -6.22
C MET A 85 10.83 7.02 -6.47
N LYS A 86 11.05 6.37 -7.58
CA LYS A 86 12.41 5.86 -7.89
C LYS A 86 13.23 6.94 -8.59
N LYS B 1 4.41 7.33 9.97
CA LYS B 1 4.30 6.15 10.88
C LYS B 1 4.39 4.85 10.09
N GLU B 2 5.57 4.30 9.99
CA GLU B 2 5.74 3.02 9.24
C GLU B 2 4.85 1.92 9.84
N SER B 3 3.70 1.70 9.27
CA SER B 3 2.79 0.64 9.81
C SER B 3 3.18 -0.72 9.22
N LEU B 4 2.30 -1.68 9.29
CA LEU B 4 2.63 -3.04 8.74
C LEU B 4 1.35 -3.85 8.52
N VAL B 5 0.72 -3.69 7.38
CA VAL B 5 -0.52 -4.46 7.11
C VAL B 5 -0.25 -5.54 6.06
N ARG A 1 3.83 7.71 -12.51
CA ARG A 1 2.89 6.93 -11.65
C ARG A 1 3.16 5.43 -11.82
N ARG A 2 2.44 4.63 -11.10
CA ARG A 2 2.64 3.15 -11.19
C ARG A 2 1.39 2.42 -10.70
N ARG A 3 1.04 1.33 -11.30
CA ARG A 3 -0.17 0.58 -10.87
C ARG A 3 0.20 -0.85 -10.47
N VAL A 4 -0.33 -1.34 -9.39
CA VAL A 4 0.02 -2.73 -8.96
C VAL A 4 -1.23 -3.46 -8.44
N THR A 5 -1.44 -4.67 -8.87
CA THR A 5 -2.63 -5.44 -8.38
C THR A 5 -2.17 -6.68 -7.62
N VAL A 6 -2.63 -6.84 -6.42
CA VAL A 6 -2.26 -8.05 -5.63
C VAL A 6 -3.52 -8.84 -5.31
N ARG A 7 -3.50 -10.12 -5.59
CA ARG A 7 -4.71 -10.94 -5.30
C ARG A 7 -4.55 -11.65 -3.95
N LYS A 8 -4.89 -10.99 -2.88
CA LYS A 8 -4.75 -11.62 -1.54
C LYS A 8 -5.97 -12.49 -1.23
N ALA A 9 -5.96 -13.16 -0.10
CA ALA A 9 -7.12 -14.01 0.27
C ALA A 9 -7.90 -13.39 1.43
N ASP A 10 -8.63 -14.17 2.18
CA ASP A 10 -9.41 -13.60 3.32
C ASP A 10 -8.49 -12.75 4.21
N ALA A 11 -7.39 -13.29 4.65
CA ALA A 11 -6.46 -12.50 5.51
C ALA A 11 -5.15 -13.28 5.71
N GLY A 12 -4.35 -13.40 4.69
CA GLY A 12 -3.07 -14.14 4.84
C GLY A 12 -1.92 -13.14 5.01
N GLY A 13 -2.18 -12.03 5.65
CA GLY A 13 -1.10 -11.03 5.85
C GLY A 13 -0.65 -10.48 4.49
N LEU A 14 -0.31 -9.22 4.42
CA LEU A 14 0.13 -8.64 3.12
C LEU A 14 1.62 -8.31 3.17
N GLY A 15 2.20 -8.25 4.34
CA GLY A 15 3.65 -7.92 4.44
C GLY A 15 3.89 -6.59 3.75
N ILE A 16 3.82 -5.50 4.47
CA ILE A 16 4.01 -4.16 3.83
C ILE A 16 3.98 -3.05 4.88
N SER A 17 5.03 -2.27 4.94
CA SER A 17 5.05 -1.15 5.92
C SER A 17 4.98 0.18 5.19
N ILE A 18 4.03 1.01 5.51
CA ILE A 18 3.90 2.32 4.81
C ILE A 18 4.40 3.46 5.69
N LYS A 19 4.89 4.51 5.09
CA LYS A 19 5.38 5.67 5.90
C LYS A 19 4.86 6.98 5.30
N GLY A 20 4.82 8.03 6.07
CA GLY A 20 4.32 9.32 5.53
C GLY A 20 2.96 9.64 6.16
N GLY A 21 2.20 10.50 5.54
CA GLY A 21 0.86 10.84 6.10
C GLY A 21 0.34 12.11 5.42
N ARG A 22 -0.94 12.23 5.27
CA ARG A 22 -1.51 13.43 4.61
C ARG A 22 -1.14 14.71 5.38
N GLU A 23 -0.69 14.58 6.60
CA GLU A 23 -0.31 15.79 7.38
C GLU A 23 1.05 16.30 6.92
N ASN A 24 1.83 15.48 6.27
CA ASN A 24 3.17 15.92 5.79
C ASN A 24 3.17 16.00 4.26
N LYS A 25 2.02 16.14 3.66
CA LYS A 25 1.94 16.21 2.18
C LYS A 25 2.64 14.99 1.54
N MET A 26 2.24 13.82 1.92
CA MET A 26 2.88 12.59 1.33
C MET A 26 1.81 11.54 1.00
N PRO A 27 1.81 11.09 -0.23
CA PRO A 27 0.82 10.05 -0.65
C PRO A 27 1.13 8.67 -0.02
N ILE A 28 1.27 8.60 1.29
CA ILE A 28 1.57 7.28 1.96
C ILE A 28 2.63 6.51 1.15
N LEU A 29 3.88 6.68 1.45
CA LEU A 29 4.94 5.97 0.67
C LEU A 29 5.44 4.71 1.39
N ILE A 30 5.37 3.59 0.73
CA ILE A 30 5.85 2.32 1.36
C ILE A 30 7.32 2.48 1.78
N SER A 31 7.68 1.92 2.90
CA SER A 31 9.09 2.05 3.36
C SER A 31 9.72 0.67 3.59
N LYS A 32 8.93 -0.32 3.88
CA LYS A 32 9.51 -1.68 4.12
C LYS A 32 8.61 -2.76 3.52
N ILE A 33 9.03 -3.33 2.42
CA ILE A 33 8.21 -4.41 1.78
C ILE A 33 8.64 -5.76 2.35
N PHE A 34 7.76 -6.42 3.04
CA PHE A 34 8.12 -7.74 3.62
C PHE A 34 8.12 -8.81 2.52
N LYS A 35 9.11 -9.68 2.53
CA LYS A 35 9.18 -10.72 1.47
C LYS A 35 8.28 -11.91 1.83
N GLY A 36 8.05 -12.79 0.89
CA GLY A 36 7.20 -13.97 1.17
C GLY A 36 5.77 -13.50 1.47
N LEU A 37 5.37 -12.38 0.91
CA LEU A 37 4.00 -11.89 1.18
C LEU A 37 3.34 -11.37 -0.11
N ALA A 38 2.04 -11.28 -0.13
CA ALA A 38 1.31 -10.80 -1.34
C ALA A 38 1.98 -9.59 -1.97
N ALA A 39 1.92 -8.46 -1.32
CA ALA A 39 2.53 -7.22 -1.88
C ALA A 39 3.93 -7.48 -2.44
N ASP A 40 4.76 -8.14 -1.71
CA ASP A 40 6.14 -8.42 -2.22
C ASP A 40 6.16 -9.67 -3.09
N GLN A 41 5.02 -10.27 -3.35
CA GLN A 41 5.00 -11.49 -4.21
C GLN A 41 4.45 -11.17 -5.61
N THR A 42 4.02 -9.96 -5.84
CA THR A 42 3.47 -9.61 -7.18
C THR A 42 4.53 -8.89 -8.02
N GLU A 43 5.77 -8.94 -7.62
CA GLU A 43 6.85 -8.25 -8.41
C GLU A 43 6.44 -6.82 -8.77
N ALA A 44 5.79 -6.13 -7.87
CA ALA A 44 5.37 -4.73 -8.18
C ALA A 44 5.27 -3.91 -6.90
N LEU A 45 4.66 -4.44 -5.87
CA LEU A 45 4.57 -3.65 -4.60
C LEU A 45 5.95 -3.61 -3.96
N PHE A 46 6.75 -2.67 -4.37
CA PHE A 46 8.13 -2.53 -3.83
C PHE A 46 8.24 -1.24 -3.01
N VAL A 47 9.16 -1.16 -2.08
CA VAL A 47 9.29 0.09 -1.27
C VAL A 47 9.38 1.30 -2.20
N GLY A 48 9.17 2.47 -1.70
CA GLY A 48 9.22 3.68 -2.57
C GLY A 48 7.94 3.72 -3.42
N ASP A 49 6.88 3.15 -2.93
CA ASP A 49 5.60 3.14 -3.70
C ASP A 49 4.54 3.99 -2.99
N ALA A 50 4.32 5.18 -3.44
CA ALA A 50 3.29 6.05 -2.78
C ALA A 50 1.88 5.66 -3.23
N ILE A 51 1.11 5.07 -2.36
CA ILE A 51 -0.27 4.66 -2.74
C ILE A 51 -1.20 5.88 -2.74
N LEU A 52 -2.07 5.97 -3.71
CA LEU A 52 -3.01 7.11 -3.75
C LEU A 52 -4.43 6.65 -4.08
N SER A 53 -4.68 5.36 -3.96
CA SER A 53 -6.05 4.80 -4.24
C SER A 53 -6.00 3.29 -4.14
N VAL A 54 -6.50 2.74 -3.06
CA VAL A 54 -6.48 1.26 -2.89
C VAL A 54 -7.85 0.65 -3.22
N ASN A 55 -7.89 -0.25 -4.16
CA ASN A 55 -9.17 -0.92 -4.53
C ASN A 55 -10.23 0.11 -4.96
N GLY A 56 -9.82 1.23 -5.48
CA GLY A 56 -10.81 2.25 -5.94
C GLY A 56 -11.13 3.23 -4.81
N GLU A 57 -10.25 3.37 -3.86
CA GLU A 57 -10.51 4.33 -2.75
C GLU A 57 -9.47 5.45 -2.77
N ASP A 58 -9.77 6.54 -3.44
CA ASP A 58 -8.80 7.68 -3.53
C ASP A 58 -8.10 7.92 -2.20
N LEU A 59 -6.89 7.46 -2.07
CA LEU A 59 -6.12 7.65 -0.81
C LEU A 59 -5.37 8.99 -0.82
N SER A 60 -5.28 9.63 -1.95
CA SER A 60 -4.56 10.93 -2.02
C SER A 60 -5.11 11.90 -0.98
N SER A 61 -6.37 11.81 -0.67
CA SER A 61 -6.96 12.73 0.34
C SER A 61 -7.21 12.00 1.66
N ALA A 62 -6.38 11.05 1.99
CA ALA A 62 -6.56 10.31 3.27
C ALA A 62 -5.29 10.38 4.12
N THR A 63 -5.43 10.44 5.41
CA THR A 63 -4.23 10.51 6.29
C THR A 63 -3.59 9.12 6.41
N HIS A 64 -2.39 9.05 6.91
CA HIS A 64 -1.72 7.72 7.03
C HIS A 64 -2.65 6.72 7.75
N ASP A 65 -3.55 7.22 8.55
CA ASP A 65 -4.49 6.30 9.26
C ASP A 65 -5.56 5.82 8.27
N GLU A 66 -6.08 6.73 7.49
CA GLU A 66 -7.11 6.33 6.49
C GLU A 66 -6.48 5.44 5.43
N ALA A 67 -5.18 5.52 5.27
CA ALA A 67 -4.49 4.68 4.25
C ALA A 67 -4.27 3.27 4.79
N VAL A 68 -3.78 3.14 5.99
CA VAL A 68 -3.54 1.78 6.56
C VAL A 68 -4.87 1.05 6.72
N GLN A 69 -5.94 1.78 6.95
CA GLN A 69 -7.26 1.13 7.10
C GLN A 69 -7.61 0.37 5.82
N ALA A 70 -7.14 0.84 4.69
CA ALA A 70 -7.44 0.14 3.42
C ALA A 70 -6.59 -1.14 3.33
N LEU A 71 -5.41 -1.09 3.87
CA LEU A 71 -4.53 -2.30 3.83
C LEU A 71 -5.07 -3.37 4.78
N LYS A 72 -5.78 -2.96 5.80
CA LYS A 72 -6.35 -3.95 6.77
C LYS A 72 -7.61 -4.58 6.19
N LYS A 73 -8.45 -3.78 5.58
CA LYS A 73 -9.70 -4.33 4.99
C LYS A 73 -9.48 -4.67 3.51
N THR A 74 -8.24 -4.90 3.14
CA THR A 74 -7.94 -5.24 1.72
C THR A 74 -8.77 -6.44 1.27
N GLY A 75 -9.44 -6.34 0.16
CA GLY A 75 -10.27 -7.48 -0.32
C GLY A 75 -9.41 -8.43 -1.17
N LYS A 76 -9.96 -9.52 -1.62
CA LYS A 76 -9.18 -10.48 -2.44
C LYS A 76 -8.46 -9.75 -3.59
N GLU A 77 -9.15 -8.88 -4.28
CA GLU A 77 -8.48 -8.12 -5.38
C GLU A 77 -7.90 -6.82 -4.82
N VAL A 78 -6.60 -6.75 -4.67
CA VAL A 78 -5.99 -5.51 -4.10
C VAL A 78 -5.48 -4.60 -5.22
N VAL A 79 -6.33 -3.81 -5.82
CA VAL A 79 -5.85 -2.88 -6.88
C VAL A 79 -5.21 -1.69 -6.18
N LEU A 80 -3.92 -1.56 -6.25
CA LEU A 80 -3.26 -0.43 -5.53
C LEU A 80 -2.59 0.55 -6.48
N GLU A 81 -3.11 1.74 -6.57
CA GLU A 81 -2.48 2.77 -7.44
C GLU A 81 -1.23 3.26 -6.70
N VAL A 82 -0.08 3.20 -7.32
CA VAL A 82 1.15 3.60 -6.60
C VAL A 82 1.95 4.63 -7.40
N LYS A 83 2.62 5.51 -6.70
CA LYS A 83 3.48 6.51 -7.37
C LYS A 83 4.93 6.12 -7.11
N TYR A 84 5.48 5.28 -7.94
CA TYR A 84 6.88 4.82 -7.72
C TYR A 84 7.84 6.00 -7.72
N MET A 85 8.46 6.27 -6.60
CA MET A 85 9.42 7.41 -6.54
C MET A 85 10.84 6.90 -6.79
N LYS A 86 11.08 6.32 -7.93
CA LYS A 86 12.43 5.80 -8.24
C LYS A 86 13.26 6.86 -8.97
N LYS B 1 4.93 7.99 10.81
CA LYS B 1 4.06 6.82 11.08
C LYS B 1 4.45 5.65 10.17
N GLU B 2 5.02 4.62 10.74
CA GLU B 2 5.43 3.45 9.90
C GLU B 2 4.67 2.19 10.33
N SER B 3 3.49 1.99 9.80
CA SER B 3 2.69 0.79 10.20
C SER B 3 3.16 -0.43 9.41
N LEU B 4 2.42 -1.51 9.47
CA LEU B 4 2.82 -2.74 8.72
C LEU B 4 1.61 -3.67 8.57
N VAL B 5 1.07 -3.76 7.38
CA VAL B 5 -0.10 -4.64 7.16
C VAL B 5 0.33 -5.90 6.39
N ARG A 1 4.27 7.51 -12.29
CA ARG A 1 3.10 6.75 -11.77
C ARG A 1 3.35 5.24 -11.87
N ARG A 2 2.50 4.44 -11.29
CA ARG A 2 2.69 2.97 -11.35
C ARG A 2 1.42 2.25 -10.87
N ARG A 3 1.10 1.14 -11.47
CA ARG A 3 -0.14 0.40 -11.04
C ARG A 3 0.23 -1.00 -10.55
N VAL A 4 -0.35 -1.43 -9.47
CA VAL A 4 -0.03 -2.79 -8.94
C VAL A 4 -1.28 -3.46 -8.36
N THR A 5 -1.27 -4.76 -8.24
CA THR A 5 -2.46 -5.47 -7.69
C THR A 5 -2.02 -6.70 -6.90
N VAL A 6 -2.70 -7.00 -5.82
CA VAL A 6 -2.34 -8.19 -5.00
C VAL A 6 -3.58 -9.04 -4.73
N ARG A 7 -3.61 -10.25 -5.20
CA ARG A 7 -4.80 -11.12 -4.96
C ARG A 7 -4.59 -11.94 -3.68
N LYS A 8 -5.10 -11.46 -2.58
CA LYS A 8 -4.93 -12.21 -1.28
C LYS A 8 -5.31 -13.68 -1.46
N ALA A 9 -4.38 -14.57 -1.24
CA ALA A 9 -4.69 -16.03 -1.38
C ALA A 9 -5.30 -16.56 -0.09
N ASP A 10 -6.51 -17.05 -0.15
CA ASP A 10 -7.18 -17.57 1.08
C ASP A 10 -7.17 -16.51 2.19
N ALA A 11 -7.04 -15.26 1.82
CA ALA A 11 -7.03 -14.18 2.84
C ALA A 11 -5.98 -14.47 3.92
N GLY A 12 -4.83 -13.87 3.82
CA GLY A 12 -3.76 -14.12 4.84
C GLY A 12 -3.16 -12.78 5.28
N GLY A 13 -2.20 -12.28 4.56
CA GLY A 13 -1.57 -10.98 4.94
C GLY A 13 -1.15 -10.23 3.68
N LEU A 14 -0.54 -9.08 3.84
CA LEU A 14 -0.10 -8.30 2.65
C LEU A 14 1.40 -8.03 2.70
N GLY A 15 1.94 -7.87 3.88
CA GLY A 15 3.40 -7.59 3.99
C GLY A 15 3.69 -6.22 3.38
N ILE A 16 3.67 -5.19 4.18
CA ILE A 16 3.93 -3.82 3.62
C ILE A 16 3.87 -2.77 4.73
N SER A 17 4.95 -2.07 4.95
CA SER A 17 4.94 -1.01 5.99
C SER A 17 4.90 0.36 5.33
N ILE A 18 3.73 0.89 5.11
CA ILE A 18 3.62 2.22 4.44
C ILE A 18 4.14 3.34 5.35
N LYS A 19 4.56 4.43 4.77
CA LYS A 19 5.08 5.56 5.60
C LYS A 19 4.53 6.89 5.08
N GLY A 20 4.82 7.97 5.75
CA GLY A 20 4.30 9.29 5.29
C GLY A 20 3.08 9.68 6.12
N GLY A 21 2.22 10.50 5.58
CA GLY A 21 1.00 10.90 6.34
C GLY A 21 0.47 12.23 5.81
N ARG A 22 -0.83 12.30 5.61
CA ARG A 22 -1.42 13.57 5.08
C ARG A 22 -1.15 14.74 6.04
N GLU A 23 -0.75 14.47 7.25
CA GLU A 23 -0.44 15.57 8.19
C GLU A 23 0.87 16.26 7.80
N ASN A 24 1.66 15.62 6.96
CA ASN A 24 2.94 16.23 6.53
C ASN A 24 2.94 16.41 5.01
N LYS A 25 1.77 16.46 4.41
CA LYS A 25 1.70 16.62 2.94
C LYS A 25 2.55 15.56 2.25
N MET A 26 2.25 14.30 2.49
CA MET A 26 3.06 13.21 1.86
C MET A 26 2.16 12.08 1.39
N PRO A 27 2.37 11.64 0.17
CA PRO A 27 1.57 10.50 -0.36
C PRO A 27 1.98 9.24 0.40
N ILE A 28 1.02 8.48 0.86
CA ILE A 28 1.37 7.23 1.62
C ILE A 28 2.43 6.43 0.83
N LEU A 29 3.68 6.57 1.18
CA LEU A 29 4.77 5.87 0.44
C LEU A 29 5.26 4.63 1.18
N ILE A 30 5.31 3.51 0.50
CA ILE A 30 5.80 2.26 1.14
C ILE A 30 7.28 2.40 1.53
N SER A 31 7.64 1.91 2.68
CA SER A 31 9.06 2.03 3.12
C SER A 31 9.66 0.63 3.38
N LYS A 32 8.84 -0.33 3.70
CA LYS A 32 9.38 -1.69 3.96
C LYS A 32 8.50 -2.75 3.30
N ILE A 33 8.97 -3.38 2.27
CA ILE A 33 8.16 -4.44 1.61
C ILE A 33 8.56 -5.80 2.18
N PHE A 34 7.72 -6.35 3.01
CA PHE A 34 8.03 -7.67 3.63
C PHE A 34 8.29 -8.73 2.57
N LYS A 35 9.32 -9.50 2.72
CA LYS A 35 9.64 -10.55 1.70
C LYS A 35 8.76 -11.78 1.92
N GLY A 36 8.59 -12.60 0.92
CA GLY A 36 7.74 -13.80 1.06
C GLY A 36 6.32 -13.38 1.46
N LEU A 37 5.97 -12.14 1.23
CA LEU A 37 4.61 -11.67 1.58
C LEU A 37 3.79 -11.41 0.30
N ALA A 38 2.51 -11.24 0.43
CA ALA A 38 1.67 -11.00 -0.80
C ALA A 38 2.18 -9.79 -1.58
N ALA A 39 2.10 -8.62 -1.02
CA ALA A 39 2.55 -7.39 -1.73
C ALA A 39 3.94 -7.59 -2.35
N ASP A 40 4.82 -8.29 -1.68
CA ASP A 40 6.18 -8.51 -2.23
C ASP A 40 6.21 -9.73 -3.16
N GLN A 41 5.14 -10.48 -3.24
CA GLN A 41 5.14 -11.67 -4.13
C GLN A 41 4.47 -11.35 -5.47
N THR A 42 3.98 -10.16 -5.65
CA THR A 42 3.31 -9.82 -6.95
C THR A 42 4.29 -9.08 -7.87
N GLU A 43 5.55 -9.09 -7.56
CA GLU A 43 6.56 -8.39 -8.43
C GLU A 43 6.06 -6.99 -8.84
N ALA A 44 5.81 -6.15 -7.88
CA ALA A 44 5.33 -4.77 -8.21
C ALA A 44 5.23 -3.92 -6.94
N LEU A 45 4.62 -4.43 -5.91
CA LEU A 45 4.54 -3.63 -4.66
C LEU A 45 5.93 -3.59 -4.03
N PHE A 46 6.74 -2.66 -4.48
CA PHE A 46 8.14 -2.54 -3.95
C PHE A 46 8.28 -1.26 -3.14
N VAL A 47 9.18 -1.23 -2.19
CA VAL A 47 9.35 0.01 -1.37
C VAL A 47 9.48 1.23 -2.29
N GLY A 48 9.10 2.38 -1.84
CA GLY A 48 9.18 3.59 -2.70
C GLY A 48 7.92 3.65 -3.57
N ASP A 49 6.85 3.08 -3.10
CA ASP A 49 5.58 3.09 -3.89
C ASP A 49 4.52 3.97 -3.20
N ALA A 50 4.34 5.17 -3.67
CA ALA A 50 3.32 6.06 -3.04
C ALA A 50 1.92 5.69 -3.49
N ILE A 51 1.13 5.14 -2.61
CA ILE A 51 -0.27 4.74 -2.98
C ILE A 51 -1.17 5.97 -2.98
N LEU A 52 -1.98 6.12 -3.99
CA LEU A 52 -2.91 7.29 -4.04
C LEU A 52 -4.36 6.83 -4.23
N SER A 53 -4.61 5.55 -4.09
CA SER A 53 -6.01 5.03 -4.25
C SER A 53 -6.01 3.50 -4.15
N VAL A 54 -6.19 2.99 -2.96
CA VAL A 54 -6.19 1.50 -2.80
C VAL A 54 -7.52 0.90 -3.28
N ASN A 55 -7.44 -0.07 -4.17
CA ASN A 55 -8.66 -0.74 -4.72
C ASN A 55 -9.84 0.23 -4.93
N GLY A 56 -9.59 1.42 -5.41
CA GLY A 56 -10.71 2.37 -5.66
C GLY A 56 -10.87 3.36 -4.50
N GLU A 57 -10.15 3.18 -3.42
CA GLU A 57 -10.30 4.13 -2.28
C GLU A 57 -9.32 5.28 -2.44
N ASP A 58 -9.73 6.34 -3.07
CA ASP A 58 -8.83 7.52 -3.27
C ASP A 58 -8.06 7.85 -1.98
N LEU A 59 -6.76 7.63 -2.00
CA LEU A 59 -5.95 7.92 -0.78
C LEU A 59 -5.21 9.26 -0.91
N SER A 60 -5.27 9.89 -2.05
CA SER A 60 -4.56 11.18 -2.22
C SER A 60 -5.00 12.18 -1.14
N SER A 61 -6.24 12.10 -0.72
CA SER A 61 -6.73 13.04 0.34
C SER A 61 -7.04 12.29 1.63
N ALA A 62 -6.27 11.28 1.94
CA ALA A 62 -6.51 10.50 3.18
C ALA A 62 -5.27 10.53 4.08
N THR A 63 -5.46 10.41 5.37
CA THR A 63 -4.30 10.42 6.30
C THR A 63 -3.63 9.05 6.34
N HIS A 64 -2.44 8.95 6.85
CA HIS A 64 -1.77 7.61 6.90
C HIS A 64 -2.70 6.59 7.57
N ASP A 65 -3.59 7.03 8.41
CA ASP A 65 -4.52 6.06 9.07
C ASP A 65 -5.56 5.61 8.05
N GLU A 66 -6.10 6.54 7.30
CA GLU A 66 -7.10 6.17 6.27
C GLU A 66 -6.45 5.25 5.23
N ALA A 67 -5.14 5.30 5.13
CA ALA A 67 -4.43 4.44 4.14
C ALA A 67 -4.26 3.03 4.70
N VAL A 68 -3.82 2.92 5.93
CA VAL A 68 -3.64 1.56 6.53
C VAL A 68 -5.01 0.90 6.68
N GLN A 69 -6.02 1.69 6.94
CA GLN A 69 -7.38 1.11 7.10
C GLN A 69 -7.74 0.33 5.82
N ALA A 70 -7.40 0.87 4.68
CA ALA A 70 -7.71 0.17 3.41
C ALA A 70 -6.80 -1.05 3.28
N LEU A 71 -5.65 -1.01 3.90
CA LEU A 71 -4.71 -2.15 3.84
C LEU A 71 -5.13 -3.24 4.83
N LYS A 72 -5.67 -2.87 5.96
CA LYS A 72 -6.09 -3.89 6.96
C LYS A 72 -7.40 -4.54 6.52
N LYS A 73 -8.26 -3.80 5.87
CA LYS A 73 -9.55 -4.38 5.40
C LYS A 73 -9.56 -4.45 3.88
N THR A 74 -8.43 -4.73 3.28
CA THR A 74 -8.37 -4.81 1.80
C THR A 74 -9.09 -6.07 1.31
N GLY A 75 -9.85 -5.95 0.25
CA GLY A 75 -10.60 -7.13 -0.27
C GLY A 75 -9.62 -8.10 -0.96
N LYS A 76 -10.12 -9.17 -1.51
CA LYS A 76 -9.22 -10.13 -2.20
C LYS A 76 -8.40 -9.42 -3.28
N GLU A 77 -9.00 -9.11 -4.40
CA GLU A 77 -8.24 -8.41 -5.47
C GLU A 77 -7.83 -7.02 -4.98
N VAL A 78 -6.59 -6.87 -4.60
CA VAL A 78 -6.14 -5.54 -4.07
C VAL A 78 -5.46 -4.72 -5.18
N VAL A 79 -6.22 -4.04 -6.00
CA VAL A 79 -5.60 -3.20 -7.06
C VAL A 79 -5.15 -1.89 -6.42
N LEU A 80 -3.88 -1.63 -6.36
CA LEU A 80 -3.43 -0.37 -5.69
C LEU A 80 -2.69 0.56 -6.65
N GLU A 81 -3.14 1.78 -6.76
CA GLU A 81 -2.46 2.76 -7.65
C GLU A 81 -1.22 3.25 -6.91
N VAL A 82 -0.06 3.15 -7.51
CA VAL A 82 1.17 3.57 -6.79
C VAL A 82 1.98 4.58 -7.61
N LYS A 83 2.65 5.47 -6.93
CA LYS A 83 3.51 6.46 -7.61
C LYS A 83 4.96 6.08 -7.32
N TYR A 84 5.50 5.20 -8.13
CA TYR A 84 6.90 4.74 -7.88
C TYR A 84 7.86 5.92 -7.83
N MET A 85 8.52 6.12 -6.72
CA MET A 85 9.49 7.25 -6.60
C MET A 85 10.89 6.73 -6.87
N LYS A 86 11.06 6.00 -7.94
CA LYS A 86 12.42 5.46 -8.27
C LYS A 86 13.13 6.38 -9.26
N LYS B 1 4.71 8.26 10.11
CA LYS B 1 3.98 7.06 10.62
C LYS B 1 4.42 5.81 9.85
N GLU B 2 4.20 4.66 10.42
CA GLU B 2 4.60 3.40 9.72
C GLU B 2 3.72 2.24 10.19
N SER B 3 3.30 1.39 9.28
CA SER B 3 2.43 0.24 9.68
C SER B 3 3.03 -1.08 9.17
N LEU B 4 2.24 -2.12 9.15
CA LEU B 4 2.75 -3.44 8.67
C LEU B 4 1.59 -4.34 8.24
N VAL B 5 0.78 -3.89 7.33
CA VAL B 5 -0.36 -4.73 6.88
C VAL B 5 0.11 -5.79 5.90
N ARG A 1 3.99 7.31 -12.06
CA ARG A 1 2.74 6.60 -11.64
C ARG A 1 2.88 5.09 -11.87
N ARG A 2 2.04 4.31 -11.26
CA ARG A 2 2.13 2.83 -11.43
C ARG A 2 0.82 2.17 -10.99
N ARG A 3 0.67 0.90 -11.27
CA ARG A 3 -0.56 0.18 -10.87
C ARG A 3 -0.19 -1.21 -10.33
N VAL A 4 -0.45 -1.48 -9.08
CA VAL A 4 -0.08 -2.81 -8.53
C VAL A 4 -1.32 -3.53 -7.99
N THR A 5 -1.42 -4.81 -8.26
CA THR A 5 -2.60 -5.58 -7.77
C THR A 5 -2.12 -6.80 -6.97
N VAL A 6 -2.59 -6.95 -5.76
CA VAL A 6 -2.16 -8.13 -4.95
C VAL A 6 -3.37 -8.95 -4.53
N ARG A 7 -3.47 -10.17 -4.99
CA ARG A 7 -4.63 -11.02 -4.63
C ARG A 7 -4.34 -11.77 -3.33
N LYS A 8 -5.06 -11.48 -2.29
CA LYS A 8 -4.81 -12.16 -0.99
C LYS A 8 -6.01 -13.03 -0.58
N ALA A 9 -6.15 -14.18 -1.16
CA ALA A 9 -7.30 -15.07 -0.81
C ALA A 9 -7.21 -15.48 0.67
N ASP A 10 -6.14 -16.10 1.06
CA ASP A 10 -6.00 -16.53 2.48
C ASP A 10 -6.02 -15.31 3.41
N ALA A 11 -5.69 -14.15 2.88
CA ALA A 11 -5.70 -12.93 3.73
C ALA A 11 -4.86 -13.14 5.00
N GLY A 12 -3.68 -13.69 4.84
CA GLY A 12 -2.81 -13.93 6.03
C GLY A 12 -1.66 -12.92 6.04
N GLY A 13 -1.94 -11.70 6.39
CA GLY A 13 -0.86 -10.66 6.42
C GLY A 13 -0.49 -10.28 4.98
N LEU A 14 -0.29 -9.02 4.73
CA LEU A 14 0.08 -8.58 3.35
C LEU A 14 1.58 -8.30 3.26
N GLY A 15 2.26 -8.20 4.38
CA GLY A 15 3.72 -7.92 4.32
C GLY A 15 3.94 -6.58 3.61
N ILE A 16 3.81 -5.50 4.32
CA ILE A 16 3.98 -4.16 3.68
C ILE A 16 3.95 -3.05 4.74
N SER A 17 5.00 -2.29 4.85
CA SER A 17 5.02 -1.19 5.85
C SER A 17 5.02 0.16 5.12
N ILE A 18 4.01 0.96 5.35
CA ILE A 18 3.94 2.28 4.65
C ILE A 18 4.39 3.42 5.57
N LYS A 19 4.91 4.47 5.01
CA LYS A 19 5.35 5.62 5.86
C LYS A 19 4.79 6.93 5.29
N GLY A 20 4.75 7.97 6.07
CA GLY A 20 4.20 9.26 5.55
C GLY A 20 2.88 9.58 6.26
N GLY A 21 2.11 10.48 5.71
CA GLY A 21 0.82 10.84 6.34
C GLY A 21 0.36 12.19 5.83
N ARG A 22 -0.92 12.34 5.60
CA ARG A 22 -1.45 13.64 5.09
C ARG A 22 -1.13 14.78 6.08
N GLU A 23 -0.78 14.45 7.29
CA GLU A 23 -0.46 15.53 8.28
C GLU A 23 0.88 16.17 7.92
N ASN A 24 1.66 15.52 7.10
CA ASN A 24 2.99 16.09 6.70
C ASN A 24 3.08 16.15 5.17
N LYS A 25 1.95 16.18 4.51
CA LYS A 25 1.97 16.24 3.01
C LYS A 25 2.75 15.06 2.44
N MET A 26 2.08 13.98 2.15
CA MET A 26 2.79 12.78 1.60
C MET A 26 1.78 11.73 1.12
N PRO A 27 1.93 11.28 -0.10
CA PRO A 27 1.00 10.24 -0.67
C PRO A 27 1.25 8.85 -0.06
N ILE A 28 1.39 8.73 1.24
CA ILE A 28 1.63 7.38 1.87
C ILE A 28 2.70 6.59 1.06
N LEU A 29 3.95 6.72 1.40
CA LEU A 29 5.01 5.99 0.62
C LEU A 29 5.41 4.69 1.32
N ILE A 30 5.48 3.60 0.59
CA ILE A 30 5.92 2.32 1.20
C ILE A 30 7.39 2.43 1.59
N SER A 31 7.75 1.95 2.74
CA SER A 31 9.18 2.05 3.17
C SER A 31 9.78 0.67 3.44
N LYS A 32 8.95 -0.34 3.59
CA LYS A 32 9.49 -1.69 3.86
C LYS A 32 8.57 -2.77 3.27
N ILE A 33 8.93 -3.30 2.13
CA ILE A 33 8.10 -4.35 1.51
C ILE A 33 8.52 -5.72 2.07
N PHE A 34 7.86 -6.17 3.09
CA PHE A 34 8.23 -7.48 3.71
C PHE A 34 8.29 -8.57 2.64
N LYS A 35 9.28 -9.41 2.68
CA LYS A 35 9.39 -10.49 1.66
C LYS A 35 8.53 -11.69 2.03
N GLY A 36 8.41 -12.63 1.13
CA GLY A 36 7.58 -13.83 1.43
C GLY A 36 6.15 -13.39 1.72
N LEU A 37 5.70 -12.34 1.11
CA LEU A 37 4.30 -11.86 1.38
C LEU A 37 3.62 -11.39 0.09
N ALA A 38 2.32 -11.28 0.12
CA ALA A 38 1.57 -10.83 -1.09
C ALA A 38 2.16 -9.56 -1.69
N ALA A 39 2.26 -8.52 -0.91
CA ALA A 39 2.79 -7.23 -1.43
C ALA A 39 4.19 -7.40 -2.06
N ASP A 40 5.01 -8.25 -1.52
CA ASP A 40 6.38 -8.41 -2.09
C ASP A 40 6.43 -9.59 -3.08
N GLN A 41 5.36 -10.31 -3.25
CA GLN A 41 5.39 -11.45 -4.21
C GLN A 41 4.52 -11.15 -5.44
N THR A 42 4.19 -9.90 -5.64
CA THR A 42 3.35 -9.54 -6.83
C THR A 42 4.18 -8.80 -7.88
N GLU A 43 5.48 -8.84 -7.77
CA GLU A 43 6.35 -8.14 -8.77
C GLU A 43 5.84 -6.72 -9.08
N ALA A 44 5.65 -5.92 -8.07
CA ALA A 44 5.17 -4.53 -8.31
C ALA A 44 5.13 -3.74 -7.00
N LEU A 45 4.54 -4.28 -5.97
CA LEU A 45 4.50 -3.53 -4.68
C LEU A 45 5.91 -3.50 -4.09
N PHE A 46 6.69 -2.55 -4.53
CA PHE A 46 8.10 -2.42 -4.04
C PHE A 46 8.24 -1.14 -3.22
N VAL A 47 9.15 -1.10 -2.28
CA VAL A 47 9.33 0.13 -1.45
C VAL A 47 9.38 1.38 -2.34
N GLY A 48 9.29 2.54 -1.74
CA GLY A 48 9.32 3.80 -2.55
C GLY A 48 8.06 3.86 -3.41
N ASP A 49 6.95 3.42 -2.88
CA ASP A 49 5.68 3.44 -3.67
C ASP A 49 4.63 4.29 -2.96
N ALA A 50 4.35 5.45 -3.48
CA ALA A 50 3.33 6.32 -2.83
C ALA A 50 1.92 5.93 -3.30
N ILE A 51 1.17 5.26 -2.46
CA ILE A 51 -0.21 4.83 -2.85
C ILE A 51 -1.15 6.04 -2.93
N LEU A 52 -1.95 6.10 -3.96
CA LEU A 52 -2.90 7.24 -4.10
C LEU A 52 -4.34 6.74 -4.26
N SER A 53 -4.57 5.45 -4.13
CA SER A 53 -5.96 4.91 -4.28
C SER A 53 -5.93 3.39 -4.17
N VAL A 54 -6.36 2.85 -3.05
CA VAL A 54 -6.34 1.37 -2.89
C VAL A 54 -7.73 0.76 -3.21
N ASN A 55 -7.79 -0.09 -4.20
CA ASN A 55 -9.08 -0.74 -4.58
C ASN A 55 -10.15 0.30 -4.92
N GLY A 56 -9.77 1.42 -5.49
CA GLY A 56 -10.77 2.44 -5.87
C GLY A 56 -11.00 3.44 -4.73
N GLU A 57 -10.16 3.43 -3.73
CA GLU A 57 -10.36 4.40 -2.60
C GLU A 57 -9.31 5.52 -2.71
N ASP A 58 -9.62 6.58 -3.41
CA ASP A 58 -8.65 7.71 -3.55
C ASP A 58 -7.95 8.02 -2.21
N LEU A 59 -6.74 7.57 -2.05
CA LEU A 59 -6.02 7.83 -0.78
C LEU A 59 -5.13 9.08 -0.89
N SER A 60 -4.92 9.57 -2.08
CA SER A 60 -4.06 10.78 -2.26
C SER A 60 -4.52 11.90 -1.31
N SER A 61 -5.80 11.96 -1.04
CA SER A 61 -6.31 13.02 -0.12
C SER A 61 -6.71 12.40 1.22
N ALA A 62 -6.05 11.35 1.63
CA ALA A 62 -6.39 10.70 2.92
C ALA A 62 -5.17 10.68 3.85
N THR A 63 -5.38 10.44 5.11
CA THR A 63 -4.24 10.40 6.07
C THR A 63 -3.60 9.01 6.08
N HIS A 64 -2.41 8.89 6.63
CA HIS A 64 -1.76 7.55 6.68
C HIS A 64 -2.69 6.53 7.33
N ASP A 65 -3.60 6.97 8.17
CA ASP A 65 -4.54 6.01 8.81
C ASP A 65 -5.57 5.55 7.78
N GLU A 66 -5.99 6.44 6.92
CA GLU A 66 -6.98 6.07 5.88
C GLU A 66 -6.34 5.11 4.87
N ALA A 67 -5.04 5.13 4.77
CA ALA A 67 -4.35 4.22 3.81
C ALA A 67 -4.17 2.83 4.42
N VAL A 68 -3.82 2.76 5.67
CA VAL A 68 -3.62 1.43 6.31
C VAL A 68 -4.97 0.76 6.54
N GLN A 69 -5.98 1.54 6.80
CA GLN A 69 -7.34 0.96 7.02
C GLN A 69 -7.78 0.18 5.79
N ALA A 70 -7.47 0.68 4.62
CA ALA A 70 -7.87 -0.04 3.39
C ALA A 70 -7.02 -1.31 3.27
N LEU A 71 -5.74 -1.16 3.33
CA LEU A 71 -4.83 -2.34 3.26
C LEU A 71 -5.20 -3.33 4.36
N LYS A 72 -5.84 -2.87 5.40
CA LYS A 72 -6.24 -3.79 6.50
C LYS A 72 -7.51 -4.55 6.12
N LYS A 73 -8.44 -3.88 5.48
CA LYS A 73 -9.70 -4.57 5.06
C LYS A 73 -9.84 -4.51 3.54
N THR A 74 -8.90 -5.06 2.83
CA THR A 74 -8.97 -5.03 1.34
C THR A 74 -9.96 -6.09 0.83
N GLY A 75 -10.06 -6.25 -0.46
CA GLY A 75 -10.99 -7.27 -1.02
C GLY A 75 -10.18 -8.42 -1.62
N LYS A 76 -10.82 -9.33 -2.32
CA LYS A 76 -10.07 -10.47 -2.93
C LYS A 76 -8.84 -9.95 -3.69
N GLU A 77 -9.01 -8.95 -4.51
CA GLU A 77 -7.86 -8.40 -5.28
C GLU A 77 -7.49 -7.01 -4.73
N VAL A 78 -6.29 -6.87 -4.26
CA VAL A 78 -5.87 -5.54 -3.71
C VAL A 78 -5.28 -4.65 -4.80
N VAL A 79 -6.11 -4.01 -5.57
CA VAL A 79 -5.59 -3.11 -6.66
C VAL A 79 -5.11 -1.81 -6.01
N LEU A 80 -3.83 -1.60 -5.92
CA LEU A 80 -3.35 -0.34 -5.27
C LEU A 80 -2.66 0.58 -6.26
N GLU A 81 -3.23 1.74 -6.49
CA GLU A 81 -2.57 2.71 -7.40
C GLU A 81 -1.28 3.18 -6.74
N VAL A 82 -0.17 3.05 -7.39
CA VAL A 82 1.11 3.46 -6.73
C VAL A 82 1.85 4.52 -7.53
N LYS A 83 2.44 5.45 -6.84
CA LYS A 83 3.24 6.50 -7.50
C LYS A 83 4.72 6.21 -7.21
N TYR A 84 5.29 5.31 -7.97
CA TYR A 84 6.71 4.94 -7.73
C TYR A 84 7.61 6.18 -7.65
N MET A 85 8.31 6.34 -6.56
CA MET A 85 9.21 7.52 -6.42
C MET A 85 10.63 7.09 -6.79
N LYS A 86 10.77 6.43 -7.90
CA LYS A 86 12.12 5.96 -8.34
C LYS A 86 12.78 7.01 -9.24
N LYS B 1 5.17 7.18 10.67
CA LYS B 1 4.37 6.05 11.19
C LYS B 1 5.02 4.71 10.81
N GLU B 2 5.29 4.51 9.54
CA GLU B 2 5.91 3.23 9.11
C GLU B 2 5.07 2.05 9.59
N SER B 3 3.76 2.18 9.49
CA SER B 3 2.87 1.07 9.95
C SER B 3 3.20 -0.23 9.22
N LEU B 4 2.36 -1.22 9.36
CA LEU B 4 2.62 -2.52 8.68
C LEU B 4 1.30 -3.29 8.50
N VAL B 5 0.91 -3.55 7.28
CA VAL B 5 -0.36 -4.30 7.06
C VAL B 5 -0.06 -5.72 6.57
N ARG A 1 3.86 7.71 -12.50
CA ARG A 1 2.84 6.95 -11.72
C ARG A 1 3.04 5.45 -11.92
N ARG A 2 2.28 4.66 -11.22
CA ARG A 2 2.42 3.18 -11.33
C ARG A 2 1.16 2.49 -10.80
N ARG A 3 0.78 1.38 -11.37
CA ARG A 3 -0.43 0.67 -10.88
C ARG A 3 -0.07 -0.74 -10.41
N VAL A 4 -0.43 -1.09 -9.21
CA VAL A 4 -0.09 -2.45 -8.70
C VAL A 4 -1.36 -3.21 -8.31
N THR A 5 -1.30 -4.52 -8.36
CA THR A 5 -2.48 -5.33 -7.98
C THR A 5 -2.03 -6.54 -7.17
N VAL A 6 -2.32 -6.57 -5.90
CA VAL A 6 -1.90 -7.72 -5.07
C VAL A 6 -3.09 -8.67 -4.86
N ARG A 7 -2.93 -9.92 -5.19
CA ARG A 7 -4.05 -10.88 -5.02
C ARG A 7 -3.85 -11.69 -3.73
N LYS A 8 -4.51 -11.28 -2.66
CA LYS A 8 -4.37 -12.02 -1.38
C LYS A 8 -4.66 -13.50 -1.59
N ALA A 9 -3.64 -14.32 -1.66
CA ALA A 9 -3.87 -15.78 -1.86
C ALA A 9 -3.08 -16.58 -0.82
N ASP A 10 -3.77 -17.35 -0.02
CA ASP A 10 -3.07 -18.16 1.03
C ASP A 10 -2.17 -17.27 1.88
N ALA A 11 -2.43 -16.00 1.93
CA ALA A 11 -1.60 -15.08 2.75
C ALA A 11 -2.46 -14.00 3.38
N GLY A 12 -3.06 -14.29 4.51
CA GLY A 12 -3.91 -13.26 5.18
C GLY A 12 -3.14 -11.96 5.35
N GLY A 13 -1.88 -12.04 5.72
CA GLY A 13 -1.08 -10.80 5.89
C GLY A 13 -0.64 -10.27 4.53
N LEU A 14 -0.39 -9.00 4.42
CA LEU A 14 0.04 -8.43 3.11
C LEU A 14 1.53 -8.12 3.12
N GLY A 15 2.14 -8.07 4.29
CA GLY A 15 3.59 -7.75 4.35
C GLY A 15 3.83 -6.40 3.67
N ILE A 16 3.70 -5.32 4.40
CA ILE A 16 3.89 -3.98 3.78
C ILE A 16 3.82 -2.88 4.85
N SER A 17 4.91 -2.17 5.05
CA SER A 17 4.91 -1.09 6.06
C SER A 17 4.92 0.28 5.36
N ILE A 18 3.77 0.89 5.22
CA ILE A 18 3.70 2.22 4.55
C ILE A 18 4.24 3.31 5.45
N LYS A 19 4.87 4.31 4.88
CA LYS A 19 5.42 5.41 5.73
C LYS A 19 5.03 6.77 5.15
N GLY A 20 4.27 7.54 5.88
CA GLY A 20 3.86 8.88 5.38
C GLY A 20 2.60 9.34 6.11
N GLY A 21 1.87 10.27 5.55
CA GLY A 21 0.63 10.74 6.22
C GLY A 21 0.20 12.08 5.62
N ARG A 22 -1.06 12.23 5.32
CA ARG A 22 -1.55 13.51 4.74
C ARG A 22 -1.31 14.67 5.70
N GLU A 23 -1.00 14.40 6.95
CA GLU A 23 -0.74 15.50 7.91
C GLU A 23 0.71 15.97 7.79
N ASN A 24 1.44 15.45 6.84
CA ASN A 24 2.86 15.87 6.67
C ASN A 24 3.19 15.98 5.18
N LYS A 25 2.20 16.22 4.37
CA LYS A 25 2.44 16.32 2.90
C LYS A 25 3.15 15.06 2.40
N MET A 26 2.43 14.02 2.13
CA MET A 26 3.07 12.76 1.66
C MET A 26 1.99 11.78 1.15
N PRO A 27 2.18 11.29 -0.05
CA PRO A 27 1.20 10.32 -0.65
C PRO A 27 1.38 8.90 -0.08
N ILE A 28 1.51 8.75 1.22
CA ILE A 28 1.69 7.38 1.81
C ILE A 28 2.71 6.58 0.99
N LEU A 29 3.98 6.64 1.32
CA LEU A 29 5.00 5.90 0.52
C LEU A 29 5.47 4.65 1.25
N ILE A 30 5.43 3.52 0.58
CA ILE A 30 5.89 2.26 1.22
C ILE A 30 7.38 2.37 1.56
N SER A 31 7.76 1.93 2.73
CA SER A 31 9.19 2.02 3.12
C SER A 31 9.77 0.64 3.41
N LYS A 32 8.93 -0.33 3.65
CA LYS A 32 9.45 -1.69 3.95
C LYS A 32 8.52 -2.76 3.37
N ILE A 33 8.91 -3.37 2.28
CA ILE A 33 8.06 -4.42 1.67
C ILE A 33 8.47 -5.79 2.21
N PHE A 34 7.74 -6.29 3.18
CA PHE A 34 8.08 -7.61 3.78
C PHE A 34 8.04 -8.70 2.71
N LYS A 35 9.02 -9.58 2.71
CA LYS A 35 9.07 -10.65 1.69
C LYS A 35 8.13 -11.80 2.08
N GLY A 36 7.99 -12.77 1.22
CA GLY A 36 7.08 -13.90 1.52
C GLY A 36 5.66 -13.39 1.77
N LEU A 37 5.32 -12.28 1.17
CA LEU A 37 3.95 -11.73 1.38
C LEU A 37 3.34 -11.26 0.05
N ALA A 38 2.05 -11.13 0.01
CA ALA A 38 1.36 -10.69 -1.25
C ALA A 38 2.04 -9.45 -1.86
N ALA A 39 2.12 -8.40 -1.11
CA ALA A 39 2.74 -7.15 -1.64
C ALA A 39 4.13 -7.40 -2.24
N ASP A 40 4.96 -8.14 -1.57
CA ASP A 40 6.33 -8.39 -2.11
C ASP A 40 6.35 -9.57 -3.08
N GLN A 41 5.33 -10.41 -3.08
CA GLN A 41 5.34 -11.56 -4.02
C GLN A 41 4.47 -11.27 -5.25
N THR A 42 4.08 -10.03 -5.46
CA THR A 42 3.24 -9.70 -6.64
C THR A 42 4.05 -8.93 -7.69
N GLU A 43 5.36 -8.93 -7.57
CA GLU A 43 6.21 -8.20 -8.57
C GLU A 43 5.65 -6.80 -8.86
N ALA A 44 5.35 -6.04 -7.84
CA ALA A 44 4.80 -4.68 -8.08
C ALA A 44 4.82 -3.86 -6.79
N LEU A 45 4.22 -4.35 -5.74
CA LEU A 45 4.23 -3.58 -4.46
C LEU A 45 5.66 -3.58 -3.91
N PHE A 46 6.47 -2.67 -4.39
CA PHE A 46 7.89 -2.59 -3.92
C PHE A 46 8.10 -1.29 -3.13
N VAL A 47 9.03 -1.28 -2.22
CA VAL A 47 9.27 -0.04 -1.42
C VAL A 47 9.39 1.17 -2.36
N GLY A 48 9.08 2.34 -1.88
CA GLY A 48 9.15 3.54 -2.76
C GLY A 48 7.85 3.64 -3.57
N ASP A 49 6.80 3.06 -3.07
CA ASP A 49 5.50 3.12 -3.81
C ASP A 49 4.50 4.03 -3.09
N ALA A 50 4.33 5.24 -3.55
CA ALA A 50 3.37 6.16 -2.88
C ALA A 50 1.94 5.81 -3.31
N ILE A 51 1.20 5.14 -2.46
CA ILE A 51 -0.19 4.75 -2.83
C ILE A 51 -1.11 5.98 -2.83
N LEU A 52 -1.97 6.07 -3.80
CA LEU A 52 -2.89 7.25 -3.86
C LEU A 52 -4.33 6.82 -4.20
N SER A 53 -4.61 5.54 -4.20
CA SER A 53 -5.99 5.06 -4.51
C SER A 53 -6.03 3.53 -4.47
N VAL A 54 -6.38 2.97 -3.34
CA VAL A 54 -6.44 1.49 -3.24
C VAL A 54 -7.85 0.99 -3.58
N ASN A 55 -7.97 0.16 -4.58
CA ASN A 55 -9.32 -0.37 -4.97
C ASN A 55 -10.29 0.77 -5.25
N GLY A 56 -9.82 1.84 -5.83
CA GLY A 56 -10.74 2.98 -6.13
C GLY A 56 -10.86 3.91 -4.92
N GLU A 57 -10.31 3.54 -3.79
CA GLU A 57 -10.43 4.43 -2.60
C GLU A 57 -9.41 5.57 -2.72
N ASP A 58 -9.81 6.69 -3.26
CA ASP A 58 -8.88 7.84 -3.42
C ASP A 58 -8.05 8.06 -2.15
N LEU A 59 -6.82 7.64 -2.18
CA LEU A 59 -5.95 7.81 -0.98
C LEU A 59 -5.19 9.15 -1.06
N SER A 60 -5.32 9.86 -2.14
CA SER A 60 -4.61 11.18 -2.26
C SER A 60 -5.03 12.11 -1.13
N SER A 61 -6.30 12.17 -0.83
CA SER A 61 -6.76 13.06 0.28
C SER A 61 -7.04 12.25 1.55
N ALA A 62 -6.27 11.23 1.79
CA ALA A 62 -6.49 10.41 3.01
C ALA A 62 -5.26 10.45 3.91
N THR A 63 -5.46 10.41 5.20
CA THR A 63 -4.29 10.45 6.13
C THR A 63 -3.64 9.06 6.21
N HIS A 64 -2.48 8.96 6.79
CA HIS A 64 -1.82 7.62 6.89
C HIS A 64 -2.77 6.61 7.54
N ASP A 65 -3.72 7.08 8.31
CA ASP A 65 -4.68 6.14 8.96
C ASP A 65 -5.69 5.68 7.92
N GLU A 66 -6.18 6.59 7.12
CA GLU A 66 -7.16 6.22 6.07
C GLU A 66 -6.50 5.31 5.03
N ALA A 67 -5.20 5.36 4.95
CA ALA A 67 -4.47 4.50 3.96
C ALA A 67 -4.26 3.10 4.53
N VAL A 68 -3.79 2.99 5.74
CA VAL A 68 -3.57 1.64 6.33
C VAL A 68 -4.91 0.92 6.42
N GLN A 69 -5.98 1.65 6.54
CA GLN A 69 -7.33 1.02 6.61
C GLN A 69 -7.56 0.19 5.36
N ALA A 70 -7.14 0.68 4.22
CA ALA A 70 -7.31 -0.08 2.96
C ALA A 70 -6.52 -1.38 3.06
N LEU A 71 -5.31 -1.29 3.54
CA LEU A 71 -4.48 -2.51 3.70
C LEU A 71 -5.05 -3.38 4.82
N LYS A 72 -5.79 -2.79 5.72
CA LYS A 72 -6.38 -3.58 6.84
C LYS A 72 -7.70 -4.21 6.37
N LYS A 73 -8.51 -3.48 5.65
CA LYS A 73 -9.80 -4.06 5.16
C LYS A 73 -9.66 -4.47 3.69
N THR A 74 -8.47 -4.74 3.25
CA THR A 74 -8.27 -5.15 1.83
C THR A 74 -8.97 -6.49 1.57
N GLY A 75 -9.33 -6.74 0.35
CA GLY A 75 -10.02 -8.02 0.02
C GLY A 75 -9.09 -8.91 -0.80
N LYS A 76 -9.57 -10.02 -1.31
CA LYS A 76 -8.71 -10.92 -2.12
C LYS A 76 -7.94 -10.11 -3.18
N GLU A 77 -8.63 -9.48 -4.09
CA GLU A 77 -7.92 -8.67 -5.12
C GLU A 77 -7.62 -7.29 -4.54
N VAL A 78 -6.37 -6.95 -4.40
CA VAL A 78 -6.04 -5.62 -3.82
C VAL A 78 -5.44 -4.69 -4.88
N VAL A 79 -6.27 -3.95 -5.56
CA VAL A 79 -5.74 -2.99 -6.58
C VAL A 79 -5.18 -1.79 -5.85
N LEU A 80 -3.93 -1.46 -6.07
CA LEU A 80 -3.35 -0.29 -5.33
C LEU A 80 -2.68 0.70 -6.29
N GLU A 81 -3.27 1.84 -6.47
CA GLU A 81 -2.63 2.87 -7.35
C GLU A 81 -1.34 3.30 -6.67
N VAL A 82 -0.23 3.31 -7.35
CA VAL A 82 1.04 3.68 -6.68
C VAL A 82 1.84 4.69 -7.50
N LYS A 83 2.54 5.56 -6.80
CA LYS A 83 3.41 6.55 -7.48
C LYS A 83 4.86 6.12 -7.24
N TYR A 84 5.36 5.24 -8.06
CA TYR A 84 6.75 4.74 -7.85
C TYR A 84 7.75 5.90 -7.81
N MET A 85 8.50 6.00 -6.75
CA MET A 85 9.50 7.09 -6.65
C MET A 85 10.89 6.56 -7.02
N LYS A 86 11.00 5.92 -8.14
CA LYS A 86 12.33 5.36 -8.55
C LYS A 86 13.09 6.39 -9.39
N LYS B 1 5.39 7.08 10.91
CA LYS B 1 4.38 6.02 11.21
C LYS B 1 4.94 4.65 10.83
N GLU B 2 5.15 4.40 9.57
CA GLU B 2 5.68 3.09 9.14
C GLU B 2 4.79 1.95 9.67
N SER B 3 3.60 1.84 9.17
CA SER B 3 2.69 0.75 9.65
C SER B 3 3.25 -0.62 9.26
N LEU B 4 2.40 -1.60 9.10
CA LEU B 4 2.89 -2.95 8.71
C LEU B 4 1.71 -3.90 8.48
N VAL B 5 0.92 -3.66 7.48
CA VAL B 5 -0.25 -4.55 7.21
C VAL B 5 0.19 -5.75 6.35
N ARG A 1 3.74 7.26 -12.25
CA ARG A 1 2.58 6.55 -11.63
C ARG A 1 2.71 5.04 -11.82
N ARG A 2 1.92 4.28 -11.11
CA ARG A 2 2.00 2.79 -11.25
C ARG A 2 0.69 2.14 -10.80
N ARG A 3 0.50 0.90 -11.14
CA ARG A 3 -0.75 0.19 -10.72
C ARG A 3 -0.41 -1.24 -10.32
N VAL A 4 -0.55 -1.57 -9.07
CA VAL A 4 -0.22 -2.96 -8.63
C VAL A 4 -1.41 -3.60 -7.93
N THR A 5 -1.49 -4.90 -7.97
CA THR A 5 -2.64 -5.60 -7.31
C THR A 5 -2.14 -6.88 -6.62
N VAL A 6 -2.70 -7.20 -5.49
CA VAL A 6 -2.28 -8.44 -4.77
C VAL A 6 -3.51 -9.26 -4.37
N ARG A 7 -3.71 -10.37 -5.01
CA ARG A 7 -4.89 -11.22 -4.67
C ARG A 7 -4.70 -11.88 -3.31
N LYS A 8 -5.49 -11.52 -2.34
CA LYS A 8 -5.35 -12.13 -0.99
C LYS A 8 -5.84 -13.58 -1.00
N ALA A 9 -5.22 -14.42 -1.77
CA ALA A 9 -5.65 -15.85 -1.82
C ALA A 9 -5.53 -16.48 -0.43
N ASP A 10 -4.35 -16.51 0.12
CA ASP A 10 -4.17 -17.11 1.47
C ASP A 10 -2.86 -16.62 2.09
N ALA A 11 -2.94 -15.86 3.15
CA ALA A 11 -1.70 -15.35 3.81
C ALA A 11 -2.06 -14.55 5.06
N GLY A 12 -1.49 -14.91 6.19
CA GLY A 12 -1.80 -14.16 7.45
C GLY A 12 -1.05 -12.83 7.46
N GLY A 13 -1.28 -12.00 6.48
CA GLY A 13 -0.58 -10.69 6.45
C GLY A 13 -0.27 -10.30 5.00
N LEU A 14 -0.30 -9.03 4.68
CA LEU A 14 0.00 -8.61 3.28
C LEU A 14 1.50 -8.39 3.10
N GLY A 15 2.20 -8.12 4.17
CA GLY A 15 3.67 -7.90 4.04
C GLY A 15 3.89 -6.55 3.36
N ILE A 16 3.78 -5.48 4.09
CA ILE A 16 3.95 -4.13 3.47
C ILE A 16 3.86 -3.05 4.54
N SER A 17 4.92 -2.31 4.76
CA SER A 17 4.87 -1.25 5.79
C SER A 17 4.87 0.13 5.12
N ILE A 18 3.80 0.87 5.27
CA ILE A 18 3.72 2.21 4.64
C ILE A 18 4.30 3.28 5.58
N LYS A 19 4.79 4.36 5.04
CA LYS A 19 5.35 5.43 5.91
C LYS A 19 5.02 6.81 5.34
N GLY A 20 4.28 7.61 6.07
CA GLY A 20 3.93 8.97 5.56
C GLY A 20 2.74 9.51 6.35
N GLY A 21 2.06 10.49 5.81
CA GLY A 21 0.90 11.07 6.53
C GLY A 21 0.44 12.35 5.84
N ARG A 22 -0.83 12.50 5.58
CA ARG A 22 -1.33 13.71 4.90
C ARG A 22 -1.01 14.97 5.74
N GLU A 23 -0.66 14.80 6.99
CA GLU A 23 -0.33 15.99 7.83
C GLU A 23 1.11 16.44 7.53
N ASN A 24 1.88 15.64 6.87
CA ASN A 24 3.28 16.02 6.54
C ASN A 24 3.48 16.06 5.03
N LYS A 25 2.42 16.25 4.29
CA LYS A 25 2.52 16.29 2.80
C LYS A 25 3.22 15.02 2.30
N MET A 26 2.49 13.94 2.21
CA MET A 26 3.12 12.66 1.73
C MET A 26 2.02 11.67 1.30
N PRO A 27 2.07 11.27 0.05
CA PRO A 27 1.07 10.29 -0.48
C PRO A 27 1.28 8.88 0.09
N ILE A 28 1.36 8.72 1.39
CA ILE A 28 1.57 7.36 1.99
C ILE A 28 2.62 6.56 1.19
N LEU A 29 3.89 6.68 1.54
CA LEU A 29 4.93 5.95 0.76
C LEU A 29 5.35 4.64 1.44
N ILE A 30 5.41 3.56 0.70
CA ILE A 30 5.85 2.27 1.31
C ILE A 30 7.32 2.39 1.72
N SER A 31 7.66 1.97 2.90
CA SER A 31 9.08 2.09 3.34
C SER A 31 9.69 0.71 3.59
N LYS A 32 8.88 -0.31 3.71
CA LYS A 32 9.44 -1.66 3.96
C LYS A 32 8.59 -2.75 3.29
N ILE A 33 9.07 -3.32 2.23
CA ILE A 33 8.31 -4.39 1.55
C ILE A 33 8.78 -5.74 2.10
N PHE A 34 7.91 -6.44 2.77
CA PHE A 34 8.30 -7.76 3.35
C PHE A 34 8.60 -8.75 2.22
N LYS A 35 9.68 -9.48 2.32
CA LYS A 35 10.01 -10.47 1.26
C LYS A 35 9.20 -11.76 1.41
N GLY A 36 8.95 -12.43 0.32
CA GLY A 36 8.16 -13.68 0.39
C GLY A 36 6.73 -13.36 0.86
N LEU A 37 6.34 -12.11 0.79
CA LEU A 37 4.98 -11.74 1.25
C LEU A 37 4.07 -11.45 0.04
N ALA A 38 2.78 -11.40 0.25
CA ALA A 38 1.84 -11.13 -0.89
C ALA A 38 2.31 -9.92 -1.71
N ALA A 39 2.34 -8.77 -1.11
CA ALA A 39 2.77 -7.55 -1.86
C ALA A 39 4.10 -7.80 -2.57
N ASP A 40 5.10 -8.25 -1.86
CA ASP A 40 6.43 -8.50 -2.50
C ASP A 40 6.38 -9.74 -3.39
N GLN A 41 5.28 -10.47 -3.40
CA GLN A 41 5.23 -11.69 -4.27
C GLN A 41 4.52 -11.38 -5.59
N THR A 42 4.16 -10.15 -5.84
CA THR A 42 3.49 -9.81 -7.12
C THR A 42 4.42 -9.04 -8.06
N GLU A 43 5.71 -9.03 -7.77
CA GLU A 43 6.66 -8.29 -8.64
C GLU A 43 6.16 -6.87 -8.95
N ALA A 44 5.89 -6.09 -7.94
CA ALA A 44 5.39 -4.70 -8.18
C ALA A 44 5.30 -3.94 -6.86
N LEU A 45 4.78 -4.54 -5.83
CA LEU A 45 4.71 -3.84 -4.53
C LEU A 45 6.11 -3.64 -3.98
N PHE A 46 6.80 -2.64 -4.44
CA PHE A 46 8.20 -2.39 -3.97
C PHE A 46 8.27 -1.10 -3.15
N VAL A 47 9.16 -1.03 -2.20
CA VAL A 47 9.26 0.20 -1.35
C VAL A 47 9.34 1.45 -2.24
N GLY A 48 9.24 2.61 -1.65
CA GLY A 48 9.28 3.86 -2.47
C GLY A 48 8.02 3.94 -3.32
N ASP A 49 6.94 3.43 -2.81
CA ASP A 49 5.67 3.45 -3.59
C ASP A 49 4.62 4.28 -2.85
N ALA A 50 4.30 5.43 -3.37
CA ALA A 50 3.27 6.29 -2.69
C ALA A 50 1.87 5.89 -3.16
N ILE A 51 1.14 5.20 -2.32
CA ILE A 51 -0.24 4.78 -2.72
C ILE A 51 -1.15 5.99 -2.77
N LEU A 52 -1.94 6.11 -3.81
CA LEU A 52 -2.86 7.28 -3.90
C LEU A 52 -4.27 6.80 -4.28
N SER A 53 -4.56 5.54 -4.11
CA SER A 53 -5.92 5.01 -4.44
C SER A 53 -5.95 3.49 -4.28
N VAL A 54 -6.32 3.01 -3.13
CA VAL A 54 -6.36 1.52 -2.94
C VAL A 54 -7.75 1.00 -3.29
N ASN A 55 -7.81 0.01 -4.16
CA ASN A 55 -9.12 -0.57 -4.57
C ASN A 55 -10.01 0.54 -5.16
N GLY A 56 -9.43 1.43 -5.91
CA GLY A 56 -10.25 2.53 -6.52
C GLY A 56 -10.70 3.48 -5.41
N GLU A 57 -9.92 3.61 -4.37
CA GLU A 57 -10.31 4.53 -3.26
C GLU A 57 -9.29 5.65 -3.15
N ASP A 58 -9.54 6.76 -3.84
CA ASP A 58 -8.59 7.92 -3.82
C ASP A 58 -7.96 8.13 -2.44
N LEU A 59 -6.74 7.70 -2.28
CA LEU A 59 -6.04 7.87 -0.97
C LEU A 59 -5.26 9.19 -0.94
N SER A 60 -5.08 9.83 -2.08
CA SER A 60 -4.33 11.11 -2.10
C SER A 60 -4.93 12.09 -1.10
N SER A 61 -6.23 12.10 -0.97
CA SER A 61 -6.88 13.03 0.00
C SER A 61 -7.15 12.32 1.32
N ALA A 62 -6.39 11.30 1.62
CA ALA A 62 -6.61 10.56 2.90
C ALA A 62 -5.35 10.62 3.76
N THR A 63 -5.50 10.43 5.05
CA THR A 63 -4.31 10.47 5.95
C THR A 63 -3.69 9.08 6.06
N HIS A 64 -2.47 9.00 6.55
CA HIS A 64 -1.83 7.66 6.69
C HIS A 64 -2.76 6.70 7.43
N ASP A 65 -3.64 7.22 8.25
CA ASP A 65 -4.58 6.32 8.98
C ASP A 65 -5.62 5.80 8.01
N GLU A 66 -6.09 6.63 7.12
CA GLU A 66 -7.10 6.19 6.11
C GLU A 66 -6.43 5.25 5.11
N ALA A 67 -5.14 5.39 4.93
CA ALA A 67 -4.42 4.52 3.97
C ALA A 67 -4.22 3.13 4.58
N VAL A 68 -3.85 3.07 5.82
CA VAL A 68 -3.64 1.74 6.47
C VAL A 68 -4.99 1.04 6.64
N GLN A 69 -6.04 1.80 6.83
CA GLN A 69 -7.38 1.19 6.99
C GLN A 69 -7.71 0.36 5.74
N ALA A 70 -7.37 0.87 4.59
CA ALA A 70 -7.63 0.11 3.35
C ALA A 70 -6.74 -1.13 3.31
N LEU A 71 -5.47 -0.94 3.60
CA LEU A 71 -4.52 -2.09 3.60
C LEU A 71 -5.02 -3.16 4.58
N LYS A 72 -5.71 -2.76 5.62
CA LYS A 72 -6.22 -3.76 6.60
C LYS A 72 -7.51 -4.40 6.08
N LYS A 73 -8.38 -3.62 5.50
CA LYS A 73 -9.65 -4.18 4.97
C LYS A 73 -9.59 -4.22 3.44
N THR A 74 -8.58 -4.85 2.89
CA THR A 74 -8.48 -4.92 1.41
C THR A 74 -9.41 -6.00 0.87
N GLY A 75 -9.92 -5.83 -0.31
CA GLY A 75 -10.84 -6.84 -0.89
C GLY A 75 -10.05 -8.04 -1.38
N LYS A 76 -10.71 -9.02 -1.96
CA LYS A 76 -9.99 -10.22 -2.47
C LYS A 76 -8.81 -9.80 -3.33
N GLU A 77 -9.04 -8.94 -4.29
CA GLU A 77 -7.93 -8.47 -5.17
C GLU A 77 -7.43 -7.11 -4.66
N VAL A 78 -6.41 -7.11 -3.86
CA VAL A 78 -5.88 -5.82 -3.32
C VAL A 78 -5.33 -4.94 -4.44
N VAL A 79 -6.19 -4.28 -5.16
CA VAL A 79 -5.70 -3.38 -6.24
C VAL A 79 -5.18 -2.11 -5.56
N LEU A 80 -3.94 -1.75 -5.80
CA LEU A 80 -3.40 -0.54 -5.11
C LEU A 80 -2.76 0.43 -6.11
N GLU A 81 -3.30 1.61 -6.22
CA GLU A 81 -2.70 2.62 -7.13
C GLU A 81 -1.41 3.13 -6.49
N VAL A 82 -0.30 3.05 -7.16
CA VAL A 82 0.98 3.49 -6.54
C VAL A 82 1.71 4.53 -7.38
N LYS A 83 2.36 5.45 -6.72
CA LYS A 83 3.16 6.48 -7.44
C LYS A 83 4.64 6.23 -7.14
N TYR A 84 5.25 5.37 -7.91
CA TYR A 84 6.68 5.04 -7.65
C TYR A 84 7.54 6.31 -7.57
N MET A 85 8.32 6.45 -6.55
CA MET A 85 9.19 7.65 -6.43
C MET A 85 10.62 7.29 -6.86
N LYS A 86 10.75 6.60 -7.95
CA LYS A 86 12.10 6.20 -8.44
C LYS A 86 12.82 7.40 -9.05
N LYS B 1 4.79 7.90 10.31
CA LYS B 1 4.52 6.65 11.09
C LYS B 1 4.53 5.43 10.17
N GLU B 2 4.62 4.26 10.73
CA GLU B 2 4.62 3.04 9.90
C GLU B 2 3.28 2.30 10.10
N SER B 3 3.23 1.03 9.81
CA SER B 3 1.96 0.28 10.01
C SER B 3 2.15 -1.21 9.70
N LEU B 4 2.75 -1.53 8.60
CA LEU B 4 2.96 -2.95 8.23
C LEU B 4 1.62 -3.70 8.25
N VAL B 5 0.96 -3.77 7.13
CA VAL B 5 -0.34 -4.49 7.08
C VAL B 5 -0.21 -5.78 6.26
N ARG A 1 2.65 7.30 -12.29
CA ARG A 1 2.04 6.39 -11.28
C ARG A 1 2.02 4.95 -11.81
N ARG A 2 2.01 3.99 -10.93
CA ARG A 2 1.99 2.56 -11.38
C ARG A 2 0.77 1.87 -10.78
N ARG A 3 0.20 0.92 -11.49
CA ARG A 3 -1.01 0.22 -10.95
C ARG A 3 -0.62 -1.18 -10.47
N VAL A 4 -0.57 -1.38 -9.18
CA VAL A 4 -0.18 -2.72 -8.66
C VAL A 4 -1.41 -3.42 -8.07
N THR A 5 -1.66 -4.64 -8.48
CA THR A 5 -2.84 -5.38 -7.95
C THR A 5 -2.37 -6.60 -7.15
N VAL A 6 -2.56 -6.58 -5.87
CA VAL A 6 -2.13 -7.75 -5.03
C VAL A 6 -3.33 -8.67 -4.78
N ARG A 7 -3.26 -9.89 -5.23
CA ARG A 7 -4.40 -10.83 -5.01
C ARG A 7 -4.26 -11.52 -3.66
N LYS A 8 -5.13 -11.19 -2.73
CA LYS A 8 -5.06 -11.82 -1.38
C LYS A 8 -5.81 -13.15 -1.38
N ALA A 9 -5.13 -14.23 -1.69
CA ALA A 9 -5.82 -15.56 -1.71
C ALA A 9 -5.82 -16.17 -0.30
N ASP A 10 -4.69 -16.67 0.16
CA ASP A 10 -4.65 -17.28 1.51
C ASP A 10 -4.91 -16.23 2.59
N ALA A 11 -4.74 -14.97 2.27
CA ALA A 11 -4.98 -13.90 3.28
C ALA A 11 -4.18 -14.19 4.56
N GLY A 12 -2.89 -14.37 4.43
CA GLY A 12 -2.05 -14.66 5.62
C GLY A 12 -1.04 -13.54 5.82
N GLY A 13 -1.48 -12.31 5.81
CA GLY A 13 -0.54 -11.17 5.99
C GLY A 13 -0.18 -10.58 4.63
N LEU A 14 -0.12 -9.29 4.54
CA LEU A 14 0.23 -8.65 3.23
C LEU A 14 1.73 -8.33 3.18
N GLY A 15 2.36 -8.24 4.32
CA GLY A 15 3.81 -7.91 4.33
C GLY A 15 4.02 -6.58 3.62
N ILE A 16 3.93 -5.49 4.34
CA ILE A 16 4.09 -4.16 3.69
C ILE A 16 4.02 -3.04 4.74
N SER A 17 5.09 -2.30 4.91
CA SER A 17 5.06 -1.20 5.90
C SER A 17 5.01 0.14 5.19
N ILE A 18 3.97 0.90 5.39
CA ILE A 18 3.85 2.21 4.69
C ILE A 18 4.37 3.34 5.58
N LYS A 19 4.89 4.38 4.99
CA LYS A 19 5.43 5.51 5.79
C LYS A 19 5.02 6.84 5.15
N GLY A 20 4.31 7.67 5.87
CA GLY A 20 3.89 8.98 5.29
C GLY A 20 2.67 9.50 6.04
N GLY A 21 1.87 10.31 5.40
CA GLY A 21 0.65 10.84 6.09
C GLY A 21 0.21 12.13 5.40
N ARG A 22 -1.06 12.26 5.14
CA ARG A 22 -1.55 13.49 4.45
C ARG A 22 -1.25 14.73 5.32
N GLU A 23 -0.91 14.56 6.56
CA GLU A 23 -0.60 15.74 7.43
C GLU A 23 0.84 16.23 7.17
N ASN A 24 1.54 15.61 6.25
CA ASN A 24 2.94 16.05 5.95
C ASN A 24 3.17 16.05 4.44
N LYS A 25 2.13 16.20 3.68
CA LYS A 25 2.28 16.20 2.19
C LYS A 25 3.00 14.93 1.73
N MET A 26 2.38 13.79 1.88
CA MET A 26 3.04 12.52 1.46
C MET A 26 1.98 11.49 1.02
N PRO A 27 2.02 11.13 -0.24
CA PRO A 27 1.05 10.13 -0.78
C PRO A 27 1.28 8.72 -0.21
N ILE A 28 1.28 8.57 1.10
CA ILE A 28 1.50 7.21 1.72
C ILE A 28 2.63 6.46 0.97
N LEU A 29 3.87 6.64 1.36
CA LEU A 29 4.97 5.96 0.65
C LEU A 29 5.48 4.73 1.40
N ILE A 30 5.53 3.61 0.73
CA ILE A 30 6.03 2.36 1.38
C ILE A 30 7.51 2.53 1.74
N SER A 31 7.90 2.02 2.87
CA SER A 31 9.32 2.13 3.28
C SER A 31 9.89 0.77 3.68
N LYS A 32 9.13 -0.29 3.54
CA LYS A 32 9.64 -1.62 3.92
C LYS A 32 8.75 -2.72 3.33
N ILE A 33 9.15 -3.31 2.24
CA ILE A 33 8.33 -4.38 1.62
C ILE A 33 8.74 -5.74 2.21
N PHE A 34 7.88 -6.34 2.97
CA PHE A 34 8.21 -7.66 3.58
C PHE A 34 8.16 -8.75 2.52
N LYS A 35 9.21 -9.52 2.39
CA LYS A 35 9.21 -10.60 1.36
C LYS A 35 8.36 -11.78 1.82
N GLY A 36 8.11 -12.73 0.95
CA GLY A 36 7.28 -13.90 1.33
C GLY A 36 5.86 -13.44 1.62
N LEU A 37 5.44 -12.35 1.04
CA LEU A 37 4.06 -11.85 1.29
C LEU A 37 3.41 -11.34 -0.01
N ALA A 38 2.11 -11.27 -0.03
CA ALA A 38 1.37 -10.81 -1.24
C ALA A 38 2.05 -9.59 -1.90
N ALA A 39 2.06 -8.47 -1.22
CA ALA A 39 2.67 -7.24 -1.81
C ALA A 39 4.04 -7.54 -2.43
N ASP A 40 4.96 -8.03 -1.66
CA ASP A 40 6.31 -8.33 -2.23
C ASP A 40 6.26 -9.56 -3.15
N GLN A 41 5.14 -10.23 -3.26
CA GLN A 41 5.07 -11.42 -4.15
C GLN A 41 4.25 -11.10 -5.42
N THR A 42 3.94 -9.86 -5.66
CA THR A 42 3.15 -9.51 -6.87
C THR A 42 4.03 -8.80 -7.91
N GLU A 43 5.33 -8.87 -7.78
CA GLU A 43 6.23 -8.20 -8.76
C GLU A 43 5.78 -6.76 -9.02
N ALA A 44 5.59 -5.99 -7.98
CA ALA A 44 5.15 -4.58 -8.17
C ALA A 44 5.16 -3.85 -6.82
N LEU A 45 4.63 -4.45 -5.81
CA LEU A 45 4.63 -3.79 -4.47
C LEU A 45 6.06 -3.67 -3.96
N PHE A 46 6.77 -2.68 -4.42
CA PHE A 46 8.19 -2.50 -3.96
C PHE A 46 8.32 -1.21 -3.14
N VAL A 47 9.26 -1.15 -2.24
CA VAL A 47 9.41 0.08 -1.40
C VAL A 47 9.47 1.32 -2.30
N GLY A 48 9.26 2.48 -1.74
CA GLY A 48 9.27 3.71 -2.59
C GLY A 48 7.98 3.77 -3.39
N ASP A 49 6.92 3.19 -2.87
CA ASP A 49 5.63 3.20 -3.61
C ASP A 49 4.62 4.12 -2.92
N ALA A 50 4.47 5.32 -3.39
CA ALA A 50 3.50 6.26 -2.75
C ALA A 50 2.07 5.88 -3.15
N ILE A 51 1.42 5.07 -2.34
CA ILE A 51 0.03 4.66 -2.66
C ILE A 51 -0.90 5.87 -2.64
N LEU A 52 -1.76 5.97 -3.60
CA LEU A 52 -2.71 7.11 -3.62
C LEU A 52 -4.12 6.60 -3.97
N SER A 53 -4.35 5.33 -3.79
CA SER A 53 -5.70 4.74 -4.08
C SER A 53 -5.65 3.23 -3.83
N VAL A 54 -6.54 2.72 -3.03
CA VAL A 54 -6.54 1.25 -2.73
C VAL A 54 -7.91 0.64 -3.06
N ASN A 55 -7.95 -0.25 -4.01
CA ASN A 55 -9.25 -0.89 -4.39
C ASN A 55 -10.27 0.16 -4.84
N GLY A 56 -9.81 1.22 -5.43
CA GLY A 56 -10.75 2.27 -5.90
C GLY A 56 -11.00 3.30 -4.78
N GLU A 57 -10.08 3.43 -3.87
CA GLU A 57 -10.27 4.41 -2.77
C GLU A 57 -9.20 5.51 -2.84
N ASP A 58 -9.45 6.56 -3.59
CA ASP A 58 -8.45 7.66 -3.73
C ASP A 58 -7.84 8.03 -2.37
N LEU A 59 -6.66 7.56 -2.10
CA LEU A 59 -5.99 7.87 -0.80
C LEU A 59 -5.34 9.25 -0.86
N SER A 60 -5.21 9.82 -2.03
CA SER A 60 -4.59 11.18 -2.14
C SER A 60 -5.20 12.14 -1.13
N SER A 61 -6.46 11.98 -0.84
CA SER A 61 -7.13 12.86 0.16
C SER A 61 -7.34 12.11 1.46
N ALA A 62 -6.50 11.14 1.74
CA ALA A 62 -6.66 10.35 2.99
C ALA A 62 -5.37 10.41 3.83
N THR A 63 -5.48 10.35 5.12
CA THR A 63 -4.27 10.38 5.99
C THR A 63 -3.61 9.00 6.02
N HIS A 64 -2.40 8.92 6.50
CA HIS A 64 -1.73 7.58 6.54
C HIS A 64 -2.60 6.58 7.32
N ASP A 65 -3.34 7.02 8.29
CA ASP A 65 -4.21 6.07 9.05
C ASP A 65 -5.38 5.64 8.17
N GLU A 66 -5.85 6.51 7.33
CA GLU A 66 -6.99 6.15 6.44
C GLU A 66 -6.50 5.17 5.36
N ALA A 67 -5.25 5.25 4.99
CA ALA A 67 -4.71 4.33 3.96
C ALA A 67 -4.46 2.95 4.58
N VAL A 68 -3.93 2.92 5.78
CA VAL A 68 -3.66 1.60 6.42
C VAL A 68 -5.00 0.88 6.65
N GLN A 69 -6.06 1.64 6.80
CA GLN A 69 -7.39 1.01 7.02
C GLN A 69 -7.75 0.15 5.81
N ALA A 70 -7.40 0.57 4.63
CA ALA A 70 -7.71 -0.24 3.43
C ALA A 70 -6.81 -1.47 3.41
N LEU A 71 -5.56 -1.31 3.76
CA LEU A 71 -4.64 -2.48 3.77
C LEU A 71 -5.18 -3.52 4.75
N LYS A 72 -5.86 -3.09 5.78
CA LYS A 72 -6.42 -4.06 6.76
C LYS A 72 -7.77 -4.59 6.28
N LYS A 73 -8.56 -3.76 5.65
CA LYS A 73 -9.89 -4.21 5.15
C LYS A 73 -9.85 -4.37 3.63
N THR A 74 -8.69 -4.64 3.08
CA THR A 74 -8.58 -4.80 1.60
C THR A 74 -9.34 -6.06 1.15
N GLY A 75 -9.56 -6.19 -0.12
CA GLY A 75 -10.29 -7.39 -0.63
C GLY A 75 -9.32 -8.30 -1.39
N LYS A 76 -9.82 -9.37 -1.96
CA LYS A 76 -8.91 -10.30 -2.71
C LYS A 76 -8.07 -9.51 -3.73
N GLU A 77 -8.70 -8.89 -4.69
CA GLU A 77 -7.92 -8.11 -5.70
C GLU A 77 -7.57 -6.73 -5.15
N VAL A 78 -6.47 -6.62 -4.46
CA VAL A 78 -6.08 -5.30 -3.88
C VAL A 78 -5.43 -4.41 -4.95
N VAL A 79 -6.21 -3.64 -5.64
CA VAL A 79 -5.64 -2.72 -6.68
C VAL A 79 -5.07 -1.49 -5.98
N LEU A 80 -3.80 -1.26 -6.06
CA LEU A 80 -3.22 -0.07 -5.35
C LEU A 80 -2.49 0.86 -6.33
N GLU A 81 -2.99 2.06 -6.49
CA GLU A 81 -2.28 3.02 -7.38
C GLU A 81 -1.03 3.50 -6.65
N VAL A 82 0.10 3.52 -7.31
CA VAL A 82 1.34 3.92 -6.58
C VAL A 82 2.12 5.00 -7.34
N LYS A 83 2.88 5.76 -6.59
CA LYS A 83 3.75 6.80 -7.20
C LYS A 83 5.19 6.41 -6.90
N TYR A 84 5.73 5.52 -7.69
CA TYR A 84 7.12 5.04 -7.44
C TYR A 84 8.08 6.20 -7.21
N MET A 85 8.72 6.23 -6.07
CA MET A 85 9.70 7.32 -5.78
C MET A 85 11.09 6.73 -5.63
N LYS A 86 11.52 5.96 -6.60
CA LYS A 86 12.87 5.33 -6.51
C LYS A 86 13.95 6.42 -6.51
N LYS B 1 4.97 7.64 11.03
CA LYS B 1 3.92 6.58 10.92
C LYS B 1 4.41 5.44 10.02
N GLU B 2 4.99 4.43 10.60
CA GLU B 2 5.47 3.29 9.77
C GLU B 2 4.66 2.03 10.09
N SER B 3 3.41 1.99 9.69
CA SER B 3 2.57 0.80 9.97
C SER B 3 3.12 -0.44 9.27
N LEU B 4 2.43 -1.54 9.38
CA LEU B 4 2.90 -2.79 8.71
C LEU B 4 1.72 -3.77 8.56
N VAL B 5 1.03 -3.71 7.46
CA VAL B 5 -0.12 -4.63 7.26
C VAL B 5 0.35 -5.95 6.63
N ARG A 1 4.04 7.74 -12.68
CA ARG A 1 3.02 7.04 -11.86
C ARG A 1 3.16 5.52 -12.00
N ARG A 2 2.42 4.78 -11.24
CA ARG A 2 2.52 3.29 -11.32
C ARG A 2 1.19 2.65 -10.89
N ARG A 3 1.07 1.37 -11.05
CA ARG A 3 -0.19 0.68 -10.64
C ARG A 3 0.12 -0.79 -10.31
N VAL A 4 -0.41 -1.29 -9.23
CA VAL A 4 -0.12 -2.71 -8.87
C VAL A 4 -1.35 -3.39 -8.28
N THR A 5 -1.59 -4.61 -8.68
CA THR A 5 -2.78 -5.35 -8.15
C THR A 5 -2.30 -6.64 -7.46
N VAL A 6 -2.47 -6.72 -6.17
CA VAL A 6 -2.00 -7.96 -5.45
C VAL A 6 -3.19 -8.84 -5.07
N ARG A 7 -3.22 -10.05 -5.56
CA ARG A 7 -4.34 -10.97 -5.23
C ARG A 7 -3.91 -11.91 -4.10
N LYS A 8 -4.63 -11.93 -3.02
CA LYS A 8 -4.25 -12.83 -1.88
C LYS A 8 -5.47 -13.62 -1.40
N ALA A 9 -5.26 -14.55 -0.51
CA ALA A 9 -6.39 -15.36 0.01
C ALA A 9 -5.97 -16.08 1.30
N ASP A 10 -6.86 -16.19 2.25
CA ASP A 10 -6.52 -16.88 3.53
C ASP A 10 -5.42 -16.11 4.26
N ALA A 11 -5.60 -15.89 5.53
CA ALA A 11 -4.58 -15.14 6.33
C ALA A 11 -4.41 -13.71 5.79
N GLY A 12 -4.64 -12.73 6.61
CA GLY A 12 -4.50 -11.32 6.14
C GLY A 12 -3.04 -10.88 6.27
N GLY A 13 -2.16 -11.51 5.55
CA GLY A 13 -0.71 -11.12 5.62
C GLY A 13 -0.31 -10.48 4.29
N LEU A 14 -0.31 -9.18 4.22
CA LEU A 14 0.07 -8.51 2.95
C LEU A 14 1.56 -8.18 2.94
N GLY A 15 2.18 -8.12 4.10
CA GLY A 15 3.63 -7.80 4.15
C GLY A 15 3.85 -6.43 3.50
N ILE A 16 3.77 -5.38 4.25
CA ILE A 16 3.96 -4.02 3.66
C ILE A 16 3.96 -2.95 4.77
N SER A 17 5.02 -2.21 4.88
CA SER A 17 5.07 -1.15 5.93
C SER A 17 5.02 0.24 5.27
N ILE A 18 3.85 0.79 5.14
CA ILE A 18 3.73 2.13 4.51
C ILE A 18 4.23 3.23 5.45
N LYS A 19 4.78 4.29 4.91
CA LYS A 19 5.28 5.38 5.78
C LYS A 19 4.88 6.75 5.22
N GLY A 20 4.59 7.69 6.06
CA GLY A 20 4.19 9.04 5.56
C GLY A 20 2.99 9.55 6.37
N GLY A 21 2.26 10.47 5.82
CA GLY A 21 1.07 11.02 6.55
C GLY A 21 0.60 12.30 5.87
N ARG A 22 -0.68 12.43 5.64
CA ARG A 22 -1.20 13.65 4.98
C ARG A 22 -0.87 14.90 5.80
N GLU A 23 -0.48 14.74 7.05
CA GLU A 23 -0.11 15.93 7.86
C GLU A 23 1.26 16.45 7.45
N ASN A 24 2.01 15.68 6.71
CA ASN A 24 3.35 16.13 6.27
C ASN A 24 3.42 16.15 4.74
N LYS A 25 2.29 16.26 4.09
CA LYS A 25 2.28 16.27 2.60
C LYS A 25 2.99 15.04 2.06
N MET A 26 2.38 13.89 2.15
CA MET A 26 3.03 12.65 1.65
C MET A 26 1.96 11.64 1.19
N PRO A 27 2.06 11.21 -0.06
CA PRO A 27 1.08 10.23 -0.61
C PRO A 27 1.32 8.81 -0.04
N ILE A 28 1.43 8.67 1.26
CA ILE A 28 1.65 7.31 1.87
C ILE A 28 2.69 6.52 1.07
N LEU A 29 3.95 6.64 1.40
CA LEU A 29 5.00 5.91 0.62
C LEU A 29 5.39 4.59 1.29
N ILE A 30 5.44 3.52 0.54
CA ILE A 30 5.86 2.22 1.13
C ILE A 30 7.34 2.31 1.54
N SER A 31 7.66 1.83 2.71
CA SER A 31 9.09 1.90 3.15
C SER A 31 9.68 0.51 3.33
N LYS A 32 8.91 -0.43 3.78
CA LYS A 32 9.44 -1.80 3.98
C LYS A 32 8.53 -2.84 3.31
N ILE A 33 8.95 -3.37 2.20
CA ILE A 33 8.13 -4.40 1.50
C ILE A 33 8.53 -5.79 2.01
N PHE A 34 7.80 -6.32 2.95
CA PHE A 34 8.13 -7.65 3.51
C PHE A 34 8.04 -8.73 2.42
N LYS A 35 9.03 -9.58 2.35
CA LYS A 35 9.00 -10.65 1.30
C LYS A 35 8.08 -11.80 1.73
N GLY A 36 7.89 -12.77 0.88
CA GLY A 36 7.01 -13.91 1.23
C GLY A 36 5.61 -13.39 1.51
N LEU A 37 5.25 -12.26 0.96
CA LEU A 37 3.89 -11.72 1.21
C LEU A 37 3.26 -11.23 -0.11
N ALA A 38 1.97 -11.10 -0.14
CA ALA A 38 1.27 -10.65 -1.38
C ALA A 38 1.96 -9.41 -1.97
N ALA A 39 2.03 -8.34 -1.22
CA ALA A 39 2.66 -7.09 -1.73
C ALA A 39 4.02 -7.38 -2.37
N ASP A 40 4.84 -8.19 -1.75
CA ASP A 40 6.17 -8.47 -2.34
C ASP A 40 6.16 -9.78 -3.15
N GLN A 41 4.99 -10.32 -3.41
CA GLN A 41 4.93 -11.57 -4.21
C GLN A 41 4.40 -11.29 -5.62
N THR A 42 4.00 -10.07 -5.90
CA THR A 42 3.49 -9.76 -7.27
C THR A 42 4.52 -8.96 -8.07
N GLU A 43 5.75 -8.91 -7.61
CA GLU A 43 6.80 -8.15 -8.36
C GLU A 43 6.29 -6.76 -8.77
N ALA A 44 5.79 -6.00 -7.83
CA ALA A 44 5.28 -4.64 -8.17
C ALA A 44 5.21 -3.78 -6.91
N LEU A 45 4.63 -4.29 -5.86
CA LEU A 45 4.58 -3.48 -4.61
C LEU A 45 5.98 -3.42 -4.02
N PHE A 46 6.76 -2.47 -4.45
CA PHE A 46 8.16 -2.34 -3.96
C PHE A 46 8.32 -1.05 -3.14
N VAL A 47 9.20 -1.06 -2.17
CA VAL A 47 9.40 0.17 -1.32
C VAL A 47 9.51 1.41 -2.21
N GLY A 48 9.17 2.56 -1.69
CA GLY A 48 9.25 3.80 -2.52
C GLY A 48 7.99 3.88 -3.39
N ASP A 49 6.91 3.32 -2.92
CA ASP A 49 5.64 3.35 -3.71
C ASP A 49 4.60 4.20 -3.01
N ALA A 50 4.37 5.39 -3.47
CA ALA A 50 3.34 6.25 -2.82
C ALA A 50 1.95 5.84 -3.31
N ILE A 51 1.18 5.22 -2.47
CA ILE A 51 -0.17 4.76 -2.89
C ILE A 51 -1.14 5.94 -2.97
N LEU A 52 -1.90 6.01 -4.03
CA LEU A 52 -2.90 7.11 -4.17
C LEU A 52 -4.31 6.52 -4.28
N SER A 53 -4.47 5.26 -3.95
CA SER A 53 -5.81 4.61 -4.02
C SER A 53 -5.66 3.13 -3.63
N VAL A 54 -6.66 2.57 -2.99
CA VAL A 54 -6.54 1.14 -2.59
C VAL A 54 -7.87 0.39 -2.82
N ASN A 55 -7.81 -0.70 -3.55
CA ASN A 55 -9.04 -1.50 -3.83
C ASN A 55 -10.11 -0.66 -4.54
N GLY A 56 -9.74 0.45 -5.09
CA GLY A 56 -10.74 1.30 -5.79
C GLY A 56 -11.10 2.51 -4.92
N GLU A 57 -10.22 2.91 -4.06
CA GLU A 57 -10.50 4.10 -3.20
C GLU A 57 -9.49 5.19 -3.54
N ASP A 58 -9.72 6.40 -3.10
CA ASP A 58 -8.75 7.49 -3.42
C ASP A 58 -7.96 7.86 -2.16
N LEU A 59 -6.66 7.71 -2.20
CA LEU A 59 -5.83 8.05 -1.01
C LEU A 59 -5.16 9.42 -1.19
N SER A 60 -5.24 9.99 -2.38
CA SER A 60 -4.60 11.32 -2.61
C SER A 60 -5.05 12.33 -1.54
N SER A 61 -6.23 12.16 -1.01
CA SER A 61 -6.72 13.10 0.03
C SER A 61 -7.03 12.36 1.33
N ALA A 62 -6.14 11.50 1.76
CA ALA A 62 -6.38 10.75 3.02
C ALA A 62 -5.11 10.74 3.89
N THR A 63 -5.27 10.54 5.17
CA THR A 63 -4.07 10.53 6.07
C THR A 63 -3.48 9.12 6.15
N HIS A 64 -2.30 8.99 6.68
CA HIS A 64 -1.67 7.64 6.79
C HIS A 64 -2.64 6.68 7.49
N ASP A 65 -3.54 7.19 8.28
CA ASP A 65 -4.51 6.30 8.97
C ASP A 65 -5.59 5.86 7.98
N GLU A 66 -6.03 6.76 7.14
CA GLU A 66 -7.07 6.41 6.13
C GLU A 66 -6.48 5.44 5.10
N ALA A 67 -5.19 5.47 4.91
CA ALA A 67 -4.54 4.55 3.94
C ALA A 67 -4.38 3.16 4.54
N VAL A 68 -3.93 3.08 5.77
CA VAL A 68 -3.75 1.74 6.40
C VAL A 68 -5.13 1.12 6.64
N GLN A 69 -6.11 1.95 6.88
CA GLN A 69 -7.48 1.41 7.10
C GLN A 69 -7.89 0.56 5.90
N ALA A 70 -7.53 0.98 4.72
CA ALA A 70 -7.89 0.19 3.50
C ALA A 70 -7.01 -1.06 3.43
N LEU A 71 -5.85 -1.00 4.02
CA LEU A 71 -4.93 -2.17 4.01
C LEU A 71 -5.43 -3.24 4.99
N LYS A 72 -6.13 -2.83 6.02
CA LYS A 72 -6.64 -3.82 7.01
C LYS A 72 -7.87 -4.54 6.45
N LYS A 73 -8.75 -3.83 5.81
CA LYS A 73 -9.96 -4.47 5.22
C LYS A 73 -9.73 -4.81 3.76
N THR A 74 -8.49 -4.93 3.36
CA THR A 74 -8.18 -5.25 1.94
C THR A 74 -8.94 -6.50 1.49
N GLY A 75 -9.57 -6.46 0.36
CA GLY A 75 -10.33 -7.64 -0.14
C GLY A 75 -9.37 -8.59 -0.86
N LYS A 76 -9.87 -9.71 -1.32
CA LYS A 76 -9.00 -10.67 -2.04
C LYS A 76 -8.24 -9.97 -3.18
N GLU A 77 -8.85 -8.99 -3.79
CA GLU A 77 -8.16 -8.27 -4.90
C GLU A 77 -7.63 -6.93 -4.36
N VAL A 78 -6.34 -6.81 -4.23
CA VAL A 78 -5.77 -5.54 -3.68
C VAL A 78 -5.31 -4.62 -4.82
N VAL A 79 -6.22 -3.88 -5.41
CA VAL A 79 -5.80 -2.95 -6.50
C VAL A 79 -5.17 -1.72 -5.86
N LEU A 80 -3.88 -1.56 -5.96
CA LEU A 80 -3.23 -0.39 -5.30
C LEU A 80 -2.54 0.54 -6.29
N GLU A 81 -3.10 1.70 -6.50
CA GLU A 81 -2.44 2.68 -7.41
C GLU A 81 -1.19 3.19 -6.70
N VAL A 82 -0.09 3.33 -7.39
CA VAL A 82 1.15 3.78 -6.69
C VAL A 82 1.95 4.79 -7.51
N LYS A 83 2.58 5.71 -6.83
CA LYS A 83 3.43 6.70 -7.52
C LYS A 83 4.89 6.34 -7.21
N TYR A 84 5.48 5.50 -8.02
CA TYR A 84 6.87 5.06 -7.75
C TYR A 84 7.81 6.25 -7.63
N MET A 85 8.37 6.45 -6.47
CA MET A 85 9.32 7.58 -6.29
C MET A 85 10.75 7.04 -6.35
N LYS A 86 11.06 6.29 -7.36
CA LYS A 86 12.43 5.71 -7.48
C LYS A 86 13.36 6.71 -8.16
N LYS B 1 4.91 8.01 10.28
CA LYS B 1 4.18 6.82 10.78
C LYS B 1 4.59 5.57 9.99
N GLU B 2 4.33 4.41 10.53
CA GLU B 2 4.71 3.16 9.80
C GLU B 2 3.78 2.00 10.22
N SER B 3 2.88 1.62 9.37
CA SER B 3 1.95 0.50 9.72
C SER B 3 2.29 -0.75 8.91
N LEU B 4 2.41 -1.88 9.57
CA LEU B 4 2.75 -3.14 8.84
C LEU B 4 1.49 -3.98 8.60
N VAL B 5 0.91 -3.88 7.43
CA VAL B 5 -0.31 -4.69 7.14
C VAL B 5 0.02 -5.81 6.15
N ARG A 1 3.63 7.35 -12.64
CA ARG A 1 2.68 6.58 -11.80
C ARG A 1 2.83 5.08 -12.06
N ARG A 2 2.13 4.27 -11.33
CA ARG A 2 2.23 2.80 -11.52
C ARG A 2 0.93 2.12 -11.08
N ARG A 3 0.77 0.86 -11.41
CA ARG A 3 -0.47 0.13 -11.00
C ARG A 3 -0.08 -1.25 -10.45
N VAL A 4 -0.38 -1.53 -9.21
CA VAL A 4 -0.02 -2.85 -8.64
C VAL A 4 -1.25 -3.57 -8.09
N THR A 5 -1.46 -4.80 -8.48
CA THR A 5 -2.63 -5.56 -7.97
C THR A 5 -2.16 -6.79 -7.20
N VAL A 6 -2.49 -6.87 -5.94
CA VAL A 6 -2.07 -8.05 -5.14
C VAL A 6 -3.30 -8.85 -4.73
N ARG A 7 -3.49 -9.99 -5.33
CA ARG A 7 -4.67 -10.82 -4.99
C ARG A 7 -4.57 -11.31 -3.54
N LYS A 8 -5.42 -10.80 -2.68
CA LYS A 8 -5.39 -11.23 -1.26
C LYS A 8 -6.76 -11.76 -0.81
N ALA A 9 -6.77 -12.66 0.12
CA ALA A 9 -8.06 -13.23 0.60
C ALA A 9 -8.39 -12.68 2.00
N ASP A 10 -9.22 -13.36 2.73
CA ASP A 10 -9.57 -12.88 4.10
C ASP A 10 -8.61 -13.48 5.14
N ALA A 11 -7.46 -13.93 4.72
CA ALA A 11 -6.49 -14.52 5.68
C ALA A 11 -5.08 -14.51 5.08
N GLY A 12 -4.16 -13.83 5.70
CA GLY A 12 -2.77 -13.80 5.15
C GLY A 12 -2.25 -12.34 5.18
N GLY A 13 -1.34 -12.03 6.07
CA GLY A 13 -0.81 -10.63 6.14
C GLY A 13 -0.39 -10.17 4.73
N LEU A 14 -0.33 -8.89 4.51
CA LEU A 14 0.06 -8.38 3.17
C LEU A 14 1.58 -8.11 3.12
N GLY A 15 2.22 -8.04 4.25
CA GLY A 15 3.69 -7.76 4.25
C GLY A 15 3.93 -6.42 3.55
N ILE A 16 3.79 -5.34 4.26
CA ILE A 16 3.99 -4.00 3.62
C ILE A 16 3.90 -2.89 4.68
N SER A 17 4.95 -2.16 4.89
CA SER A 17 4.90 -1.06 5.90
C SER A 17 4.89 0.30 5.21
N ILE A 18 3.77 0.95 5.20
CA ILE A 18 3.69 2.29 4.55
C ILE A 18 4.17 3.37 5.50
N LYS A 19 4.81 4.39 5.00
CA LYS A 19 5.27 5.49 5.90
C LYS A 19 4.79 6.83 5.34
N GLY A 20 4.61 7.82 6.18
CA GLY A 20 4.16 9.15 5.66
C GLY A 20 2.93 9.62 6.44
N GLY A 21 2.17 10.49 5.86
CA GLY A 21 0.95 11.01 6.54
C GLY A 21 0.49 12.30 5.85
N ARG A 22 -0.78 12.44 5.60
CA ARG A 22 -1.28 13.66 4.93
C ARG A 22 -0.92 14.92 5.74
N GLU A 23 -0.57 14.75 7.00
CA GLU A 23 -0.20 15.95 7.81
C GLU A 23 1.18 16.47 7.40
N ASN A 24 1.93 15.69 6.67
CA ASN A 24 3.29 16.14 6.25
C ASN A 24 3.39 16.11 4.72
N LYS A 25 2.29 16.27 4.03
CA LYS A 25 2.32 16.24 2.54
C LYS A 25 3.02 14.97 2.05
N MET A 26 2.32 13.87 2.00
CA MET A 26 2.96 12.61 1.53
C MET A 26 1.88 11.60 1.09
N PRO A 27 1.97 11.17 -0.15
CA PRO A 27 0.99 10.17 -0.68
C PRO A 27 1.21 8.77 -0.09
N ILE A 28 1.31 8.65 1.22
CA ILE A 28 1.52 7.29 1.85
C ILE A 28 2.57 6.48 1.05
N LEU A 29 3.83 6.62 1.36
CA LEU A 29 4.87 5.88 0.60
C LEU A 29 5.27 4.57 1.30
N ILE A 30 5.37 3.50 0.55
CA ILE A 30 5.79 2.21 1.16
C ILE A 30 7.24 2.33 1.62
N SER A 31 7.58 1.82 2.77
CA SER A 31 8.99 1.95 3.24
C SER A 31 9.61 0.56 3.47
N LYS A 32 8.80 -0.42 3.76
CA LYS A 32 9.36 -1.78 4.01
C LYS A 32 8.50 -2.85 3.33
N ILE A 33 8.98 -3.40 2.25
CA ILE A 33 8.21 -4.47 1.56
C ILE A 33 8.63 -5.83 2.13
N PHE A 34 7.87 -6.33 3.06
CA PHE A 34 8.22 -7.64 3.68
C PHE A 34 8.20 -8.75 2.64
N LYS A 35 9.20 -9.61 2.65
CA LYS A 35 9.25 -10.72 1.66
C LYS A 35 8.31 -11.85 2.07
N GLY A 36 8.19 -12.86 1.25
CA GLY A 36 7.27 -13.99 1.59
C GLY A 36 5.87 -13.45 1.86
N LEU A 37 5.53 -12.36 1.24
CA LEU A 37 4.17 -11.78 1.46
C LEU A 37 3.54 -11.33 0.13
N ALA A 38 2.25 -11.13 0.12
CA ALA A 38 1.56 -10.71 -1.14
C ALA A 38 2.21 -9.47 -1.75
N ALA A 39 2.33 -8.42 -1.01
CA ALA A 39 2.91 -7.16 -1.57
C ALA A 39 4.31 -7.38 -2.16
N ASP A 40 5.10 -8.21 -1.56
CA ASP A 40 6.49 -8.43 -2.09
C ASP A 40 6.54 -9.61 -3.06
N GLN A 41 5.47 -10.34 -3.21
CA GLN A 41 5.49 -11.50 -4.15
C GLN A 41 4.69 -11.18 -5.42
N THR A 42 4.37 -9.93 -5.64
CA THR A 42 3.59 -9.56 -6.86
C THR A 42 4.47 -8.83 -7.89
N GLU A 43 5.77 -8.87 -7.71
CA GLU A 43 6.68 -8.18 -8.67
C GLU A 43 6.19 -6.77 -9.00
N ALA A 44 5.85 -6.00 -8.00
CA ALA A 44 5.37 -4.60 -8.28
C ALA A 44 5.29 -3.80 -6.98
N LEU A 45 4.71 -4.36 -5.94
CA LEU A 45 4.64 -3.60 -4.66
C LEU A 45 6.04 -3.53 -4.07
N PHE A 46 6.81 -2.57 -4.50
CA PHE A 46 8.21 -2.41 -3.99
C PHE A 46 8.31 -1.14 -3.14
N VAL A 47 9.21 -1.11 -2.19
CA VAL A 47 9.33 0.11 -1.33
C VAL A 47 9.45 1.36 -2.21
N GLY A 48 9.15 2.51 -1.67
CA GLY A 48 9.22 3.75 -2.49
C GLY A 48 7.98 3.81 -3.38
N ASP A 49 6.89 3.28 -2.90
CA ASP A 49 5.64 3.29 -3.71
C ASP A 49 4.58 4.15 -3.02
N ALA A 50 4.33 5.33 -3.54
CA ALA A 50 3.30 6.21 -2.92
C ALA A 50 1.91 5.81 -3.42
N ILE A 51 1.10 5.26 -2.56
CA ILE A 51 -0.26 4.83 -2.99
C ILE A 51 -1.20 6.03 -3.09
N LEU A 52 -1.99 6.08 -4.13
CA LEU A 52 -2.94 7.22 -4.30
C LEU A 52 -4.39 6.72 -4.36
N SER A 53 -4.61 5.43 -4.27
CA SER A 53 -6.01 4.91 -4.32
C SER A 53 -5.99 3.38 -4.15
N VAL A 54 -6.33 2.89 -3.00
CA VAL A 54 -6.32 1.41 -2.80
C VAL A 54 -7.71 0.82 -3.09
N ASN A 55 -7.80 -0.09 -4.02
CA ASN A 55 -9.12 -0.71 -4.36
C ASN A 55 -10.13 0.36 -4.78
N GLY A 56 -9.68 1.39 -5.43
CA GLY A 56 -10.63 2.46 -5.88
C GLY A 56 -10.90 3.44 -4.73
N GLU A 57 -10.06 3.45 -3.72
CA GLU A 57 -10.29 4.39 -2.59
C GLU A 57 -9.29 5.54 -2.67
N ASP A 58 -9.65 6.62 -3.33
CA ASP A 58 -8.72 7.78 -3.48
C ASP A 58 -8.03 8.09 -2.15
N LEU A 59 -6.80 7.65 -1.99
CA LEU A 59 -6.07 7.91 -0.72
C LEU A 59 -5.24 9.19 -0.85
N SER A 60 -5.64 10.09 -1.71
CA SER A 60 -4.87 11.36 -1.87
C SER A 60 -5.11 12.29 -0.69
N SER A 61 -6.33 12.65 -0.43
CA SER A 61 -6.64 13.56 0.71
C SER A 61 -6.67 12.75 2.01
N ALA A 62 -6.84 11.47 1.92
CA ALA A 62 -6.89 10.63 3.15
C ALA A 62 -5.61 10.79 3.97
N THR A 63 -5.61 10.33 5.19
CA THR A 63 -4.40 10.44 6.03
C THR A 63 -3.67 9.10 6.02
N HIS A 64 -2.72 8.91 6.91
CA HIS A 64 -2.00 7.61 6.93
C HIS A 64 -2.89 6.53 7.56
N ASP A 65 -3.85 6.91 8.35
CA ASP A 65 -4.75 5.90 8.98
C ASP A 65 -5.74 5.38 7.94
N GLU A 66 -6.16 6.24 7.04
CA GLU A 66 -7.12 5.80 5.98
C GLU A 66 -6.42 4.91 4.97
N ALA A 67 -5.13 5.06 4.82
CA ALA A 67 -4.37 4.23 3.85
C ALA A 67 -4.11 2.84 4.44
N VAL A 68 -3.82 2.76 5.71
CA VAL A 68 -3.56 1.43 6.34
C VAL A 68 -4.90 0.71 6.53
N GLN A 69 -5.93 1.43 6.88
CA GLN A 69 -7.26 0.81 7.08
C GLN A 69 -7.66 0.05 5.82
N ALA A 70 -7.38 0.58 4.66
CA ALA A 70 -7.75 -0.13 3.41
C ALA A 70 -6.86 -1.36 3.25
N LEU A 71 -5.57 -1.17 3.39
CA LEU A 71 -4.64 -2.32 3.26
C LEU A 71 -4.95 -3.37 4.34
N LYS A 72 -5.57 -2.96 5.42
CA LYS A 72 -5.92 -3.94 6.49
C LYS A 72 -7.14 -4.75 6.04
N LYS A 73 -8.06 -4.11 5.37
CA LYS A 73 -9.27 -4.82 4.88
C LYS A 73 -9.35 -4.68 3.36
N THR A 74 -8.27 -4.99 2.69
CA THR A 74 -8.26 -4.86 1.20
C THR A 74 -9.46 -5.60 0.58
N GLY A 75 -9.33 -6.87 0.34
CA GLY A 75 -10.46 -7.62 -0.27
C GLY A 75 -9.91 -8.75 -1.15
N LYS A 76 -10.77 -9.43 -1.88
CA LYS A 76 -10.29 -10.54 -2.76
C LYS A 76 -9.10 -10.08 -3.61
N GLU A 77 -9.14 -8.87 -4.11
CA GLU A 77 -8.01 -8.37 -4.94
C GLU A 77 -7.56 -7.01 -4.40
N VAL A 78 -6.28 -6.84 -4.17
CA VAL A 78 -5.79 -5.54 -3.64
C VAL A 78 -5.28 -4.64 -4.77
N VAL A 79 -6.17 -3.98 -5.47
CA VAL A 79 -5.71 -3.06 -6.56
C VAL A 79 -5.12 -1.82 -5.90
N LEU A 80 -3.83 -1.61 -6.02
CA LEU A 80 -3.23 -0.43 -5.35
C LEU A 80 -2.55 0.49 -6.36
N GLU A 81 -3.11 1.65 -6.58
CA GLU A 81 -2.46 2.62 -7.51
C GLU A 81 -1.19 3.12 -6.83
N VAL A 82 -0.06 2.97 -7.46
CA VAL A 82 1.20 3.39 -6.80
C VAL A 82 1.92 4.49 -7.59
N LYS A 83 2.57 5.36 -6.88
CA LYS A 83 3.35 6.45 -7.52
C LYS A 83 4.82 6.19 -7.22
N TYR A 84 5.45 5.34 -7.98
CA TYR A 84 6.88 5.00 -7.73
C TYR A 84 7.73 6.26 -7.58
N MET A 85 8.46 6.35 -6.51
CA MET A 85 9.33 7.55 -6.31
C MET A 85 10.79 7.10 -6.15
N LYS A 86 11.28 6.34 -7.09
CA LYS A 86 12.69 5.85 -7.00
C LYS A 86 13.65 7.03 -6.90
N LYS B 1 4.73 7.29 9.67
CA LYS B 1 4.39 6.33 10.76
C LYS B 1 4.26 4.92 10.19
N GLU B 2 5.36 4.22 10.05
CA GLU B 2 5.29 2.84 9.51
C GLU B 2 4.19 2.03 10.23
N SER B 3 3.28 1.44 9.50
CA SER B 3 2.19 0.66 10.16
C SER B 3 2.33 -0.84 9.88
N LEU B 4 2.98 -1.20 8.81
CA LEU B 4 3.15 -2.65 8.49
C LEU B 4 1.79 -3.34 8.34
N VAL B 5 1.31 -3.48 7.13
CA VAL B 5 -0.01 -4.15 6.94
C VAL B 5 0.18 -5.52 6.28
N ARG A 1 3.68 7.52 -12.44
CA ARG A 1 2.59 6.79 -11.74
C ARG A 1 2.81 5.28 -11.86
N ARG A 2 2.03 4.50 -11.16
CA ARG A 2 2.19 3.02 -11.22
C ARG A 2 0.95 2.33 -10.67
N ARG A 3 0.60 1.18 -11.18
CA ARG A 3 -0.61 0.47 -10.68
C ARG A 3 -0.24 -0.95 -10.26
N VAL A 4 -0.74 -1.41 -9.14
CA VAL A 4 -0.39 -2.79 -8.68
C VAL A 4 -1.63 -3.47 -8.08
N THR A 5 -1.63 -4.78 -8.06
CA THR A 5 -2.80 -5.51 -7.49
C THR A 5 -2.33 -6.78 -6.77
N VAL A 6 -2.69 -6.94 -5.52
CA VAL A 6 -2.27 -8.15 -4.78
C VAL A 6 -3.51 -8.96 -4.37
N ARG A 7 -3.67 -10.14 -4.90
CA ARG A 7 -4.86 -10.96 -4.54
C ARG A 7 -4.64 -11.65 -3.20
N LYS A 8 -5.46 -11.37 -2.22
CA LYS A 8 -5.30 -12.01 -0.89
C LYS A 8 -5.21 -13.53 -1.04
N ALA A 9 -4.04 -14.09 -0.90
CA ALA A 9 -3.89 -15.56 -1.03
C ALA A 9 -2.81 -16.08 -0.07
N ASP A 10 -3.16 -16.99 0.80
CA ASP A 10 -2.17 -17.55 1.77
C ASP A 10 -1.66 -16.45 2.70
N ALA A 11 -1.71 -16.68 3.97
CA ALA A 11 -1.24 -15.65 4.96
C ALA A 11 -1.97 -14.33 4.74
N GLY A 12 -3.05 -14.13 5.44
CA GLY A 12 -3.83 -12.85 5.28
C GLY A 12 -2.88 -11.64 5.37
N GLY A 13 -1.82 -11.76 6.14
CA GLY A 13 -0.87 -10.62 6.27
C GLY A 13 -0.44 -10.14 4.88
N LEU A 14 -0.70 -8.90 4.56
CA LEU A 14 -0.31 -8.38 3.22
C LEU A 14 1.21 -8.20 3.13
N GLY A 15 1.86 -8.09 4.27
CA GLY A 15 3.34 -7.90 4.25
C GLY A 15 3.65 -6.57 3.57
N ILE A 16 3.60 -5.49 4.32
CA ILE A 16 3.88 -4.16 3.72
C ILE A 16 3.85 -3.08 4.81
N SER A 17 4.93 -2.38 4.98
CA SER A 17 4.96 -1.32 6.03
C SER A 17 5.06 0.06 5.35
N ILE A 18 3.98 0.79 5.33
CA ILE A 18 3.98 2.12 4.66
C ILE A 18 4.57 3.20 5.57
N LYS A 19 5.06 4.27 5.00
CA LYS A 19 5.64 5.37 5.81
C LYS A 19 5.24 6.72 5.23
N GLY A 20 4.55 7.53 5.99
CA GLY A 20 4.12 8.86 5.47
C GLY A 20 2.80 9.27 6.13
N GLY A 21 2.08 10.17 5.53
CA GLY A 21 0.79 10.61 6.14
C GLY A 21 0.42 12.00 5.62
N ARG A 22 -0.83 12.22 5.34
CA ARG A 22 -1.26 13.56 4.83
C ARG A 22 -0.94 14.65 5.84
N GLU A 23 -0.65 14.29 7.08
CA GLU A 23 -0.34 15.33 8.09
C GLU A 23 1.06 15.93 7.82
N ASN A 24 1.87 15.24 7.07
CA ASN A 24 3.23 15.77 6.76
C ASN A 24 3.43 15.86 5.24
N LYS A 25 2.35 16.05 4.51
CA LYS A 25 2.47 16.15 3.03
C LYS A 25 3.17 14.91 2.47
N MET A 26 2.45 13.84 2.25
CA MET A 26 3.08 12.61 1.71
C MET A 26 2.01 11.62 1.24
N PRO A 27 2.08 11.22 -0.02
CA PRO A 27 1.09 10.25 -0.57
C PRO A 27 1.32 8.83 -0.02
N ILE A 28 1.39 8.66 1.28
CA ILE A 28 1.60 7.29 1.87
C ILE A 28 2.66 6.51 1.07
N LEU A 29 3.92 6.64 1.41
CA LEU A 29 4.98 5.91 0.64
C LEU A 29 5.38 4.60 1.31
N ILE A 30 5.43 3.54 0.57
CA ILE A 30 5.85 2.24 1.17
C ILE A 30 7.34 2.34 1.54
N SER A 31 7.69 1.94 2.73
CA SER A 31 9.12 2.04 3.14
C SER A 31 9.70 0.66 3.47
N LYS A 32 8.87 -0.35 3.56
CA LYS A 32 9.40 -1.70 3.89
C LYS A 32 8.52 -2.79 3.27
N ILE A 33 8.94 -3.32 2.15
CA ILE A 33 8.15 -4.39 1.51
C ILE A 33 8.61 -5.74 2.06
N PHE A 34 7.93 -6.25 3.05
CA PHE A 34 8.31 -7.55 3.67
C PHE A 34 8.64 -8.60 2.59
N LYS A 35 9.69 -9.35 2.79
CA LYS A 35 10.07 -10.37 1.77
C LYS A 35 9.19 -11.63 1.92
N GLY A 36 9.09 -12.41 0.88
CA GLY A 36 8.25 -13.64 0.96
C GLY A 36 6.83 -13.26 1.39
N LEU A 37 6.46 -12.02 1.18
CA LEU A 37 5.09 -11.58 1.58
C LEU A 37 4.26 -11.27 0.32
N ALA A 38 2.98 -11.09 0.47
CA ALA A 38 2.11 -10.80 -0.72
C ALA A 38 2.62 -9.57 -1.48
N ALA A 39 2.47 -8.41 -0.90
CA ALA A 39 2.91 -7.16 -1.60
C ALA A 39 4.32 -7.31 -2.18
N ASP A 40 5.12 -8.18 -1.65
CA ASP A 40 6.49 -8.35 -2.20
C ASP A 40 6.53 -9.47 -3.25
N GLN A 41 5.71 -10.47 -3.09
CA GLN A 41 5.70 -11.58 -4.08
C GLN A 41 4.75 -11.26 -5.24
N THR A 42 4.30 -10.04 -5.34
CA THR A 42 3.37 -9.67 -6.45
C THR A 42 4.14 -8.98 -7.59
N GLU A 43 5.44 -8.92 -7.51
CA GLU A 43 6.23 -8.26 -8.60
C GLU A 43 5.66 -6.87 -8.92
N ALA A 44 5.53 -6.03 -7.92
CA ALA A 44 4.99 -4.66 -8.18
C ALA A 44 4.98 -3.84 -6.89
N LEU A 45 4.40 -4.35 -5.84
CA LEU A 45 4.39 -3.57 -4.58
C LEU A 45 5.82 -3.51 -4.02
N PHE A 46 6.59 -2.57 -4.47
CA PHE A 46 7.99 -2.42 -4.01
C PHE A 46 8.16 -1.14 -3.20
N VAL A 47 9.07 -1.10 -2.26
CA VAL A 47 9.26 0.13 -1.44
C VAL A 47 9.34 1.37 -2.34
N GLY A 48 9.15 2.54 -1.80
CA GLY A 48 9.20 3.77 -2.64
C GLY A 48 7.93 3.85 -3.48
N ASP A 49 6.84 3.35 -2.95
CA ASP A 49 5.56 3.38 -3.72
C ASP A 49 4.54 4.24 -2.97
N ALA A 50 4.28 5.42 -3.46
CA ALA A 50 3.29 6.30 -2.77
C ALA A 50 1.87 5.93 -3.20
N ILE A 51 1.21 5.13 -2.41
CA ILE A 51 -0.18 4.72 -2.77
C ILE A 51 -1.09 5.94 -2.83
N LEU A 52 -1.90 6.03 -3.86
CA LEU A 52 -2.82 7.19 -3.98
C LEU A 52 -4.24 6.72 -4.31
N SER A 53 -4.50 5.44 -4.16
CA SER A 53 -5.86 4.90 -4.45
C SER A 53 -5.87 3.39 -4.21
N VAL A 54 -6.31 2.97 -3.06
CA VAL A 54 -6.34 1.51 -2.76
C VAL A 54 -7.74 0.93 -3.07
N ASN A 55 -7.79 -0.10 -3.87
CA ASN A 55 -9.10 -0.73 -4.22
C ASN A 55 -10.03 0.28 -4.89
N GLY A 56 -9.48 1.30 -5.50
CA GLY A 56 -10.33 2.31 -6.17
C GLY A 56 -10.75 3.39 -5.18
N GLU A 57 -9.93 3.68 -4.21
CA GLU A 57 -10.28 4.74 -3.21
C GLU A 57 -9.20 5.81 -3.19
N ASP A 58 -9.39 6.88 -3.92
CA ASP A 58 -8.36 7.97 -3.97
C ASP A 58 -7.79 8.26 -2.58
N LEU A 59 -6.65 7.70 -2.28
CA LEU A 59 -6.03 7.94 -0.95
C LEU A 59 -5.29 9.28 -0.92
N SER A 60 -5.16 9.94 -2.05
CA SER A 60 -4.47 11.25 -2.08
C SER A 60 -5.10 12.20 -1.06
N SER A 61 -6.39 12.14 -0.89
CA SER A 61 -7.06 13.05 0.08
C SER A 61 -7.24 12.32 1.42
N ALA A 62 -6.46 11.31 1.68
CA ALA A 62 -6.59 10.57 2.96
C ALA A 62 -5.28 10.67 3.76
N THR A 63 -5.34 10.40 5.04
CA THR A 63 -4.11 10.47 5.87
C THR A 63 -3.42 9.10 5.91
N HIS A 64 -2.43 8.94 6.74
CA HIS A 64 -1.74 7.62 6.82
C HIS A 64 -2.67 6.57 7.42
N ASP A 65 -3.65 7.00 8.18
CA ASP A 65 -4.59 6.01 8.79
C ASP A 65 -5.60 5.55 7.73
N GLU A 66 -6.05 6.45 6.90
CA GLU A 66 -7.03 6.07 5.85
C GLU A 66 -6.38 5.11 4.85
N ALA A 67 -5.07 5.16 4.73
CA ALA A 67 -4.38 4.25 3.78
C ALA A 67 -4.16 2.88 4.40
N VAL A 68 -3.79 2.83 5.66
CA VAL A 68 -3.54 1.51 6.32
C VAL A 68 -4.89 0.83 6.59
N GLN A 69 -5.93 1.61 6.77
CA GLN A 69 -7.27 1.00 7.02
C GLN A 69 -7.73 0.23 5.80
N ALA A 70 -7.51 0.76 4.63
CA ALA A 70 -7.92 0.04 3.40
C ALA A 70 -7.06 -1.22 3.24
N LEU A 71 -5.78 -1.07 3.34
CA LEU A 71 -4.87 -2.23 3.22
C LEU A 71 -5.24 -3.28 4.29
N LYS A 72 -5.87 -2.85 5.36
CA LYS A 72 -6.26 -3.81 6.43
C LYS A 72 -7.51 -4.58 5.99
N LYS A 73 -8.45 -3.91 5.36
CA LYS A 73 -9.67 -4.60 4.90
C LYS A 73 -9.76 -4.51 3.37
N THR A 74 -8.84 -5.11 2.67
CA THR A 74 -8.85 -5.05 1.19
C THR A 74 -9.83 -6.09 0.63
N GLY A 75 -10.05 -6.09 -0.66
CA GLY A 75 -10.98 -7.09 -1.26
C GLY A 75 -10.18 -8.28 -1.81
N LYS A 76 -10.83 -9.20 -2.46
CA LYS A 76 -10.12 -10.38 -3.02
C LYS A 76 -8.88 -9.93 -3.81
N GLU A 77 -8.98 -8.84 -4.51
CA GLU A 77 -7.81 -8.34 -5.29
C GLU A 77 -7.39 -6.96 -4.78
N VAL A 78 -6.34 -6.91 -4.00
CA VAL A 78 -5.90 -5.59 -3.46
C VAL A 78 -5.37 -4.69 -4.58
N VAL A 79 -6.25 -4.16 -5.39
CA VAL A 79 -5.80 -3.25 -6.49
C VAL A 79 -5.30 -1.96 -5.84
N LEU A 80 -4.01 -1.74 -5.80
CA LEU A 80 -3.51 -0.50 -5.14
C LEU A 80 -2.84 0.45 -6.13
N GLU A 81 -3.37 1.65 -6.24
CA GLU A 81 -2.75 2.65 -7.14
C GLU A 81 -1.45 3.12 -6.48
N VAL A 82 -0.37 3.19 -7.20
CA VAL A 82 0.90 3.61 -6.56
C VAL A 82 1.66 4.63 -7.41
N LYS A 83 2.30 5.56 -6.77
CA LYS A 83 3.12 6.56 -7.50
C LYS A 83 4.59 6.23 -7.24
N TYR A 84 5.14 5.36 -8.04
CA TYR A 84 6.56 4.95 -7.82
C TYR A 84 7.48 6.17 -7.77
N MET A 85 8.20 6.34 -6.70
CA MET A 85 9.12 7.50 -6.60
C MET A 85 10.57 7.02 -6.63
N LYS A 86 10.92 6.23 -7.61
CA LYS A 86 12.30 5.72 -7.70
C LYS A 86 13.27 6.85 -8.06
N LYS B 1 5.14 7.37 10.27
CA LYS B 1 4.24 6.33 10.86
C LYS B 1 4.48 4.99 10.18
N GLU B 2 5.68 4.47 10.27
CA GLU B 2 5.96 3.15 9.62
C GLU B 2 5.01 2.08 10.15
N SER B 3 3.86 1.93 9.56
CA SER B 3 2.90 0.90 10.03
C SER B 3 3.13 -0.42 9.28
N LEU B 4 2.19 -1.31 9.33
CA LEU B 4 2.37 -2.61 8.60
C LEU B 4 1.01 -3.31 8.44
N VAL B 5 0.62 -3.58 7.24
CA VAL B 5 -0.68 -4.27 7.00
C VAL B 5 -0.45 -5.62 6.34
#